data_6KYK
#
_entry.id   6KYK
#
_cell.length_a   171.032
_cell.length_b   54.107
_cell.length_c   203.110
_cell.angle_alpha   90.000
_cell.angle_beta   109.510
_cell.angle_gamma   90.000
#
_symmetry.space_group_name_H-M   'C 1 2 1'
#
loop_
_entity.id
_entity.type
_entity.pdbx_description
1 polymer 'SH3 and multiple ankyrin repeat domains protein 3'
2 polymer 'Ras-related protein Rap-1b'
3 non-polymer 'PHOSPHOAMINOPHOSPHONIC ACID-GUANYLATE ESTER'
4 non-polymer 'MAGNESIUM ION'
5 water water
#
loop_
_entity_poly.entity_id
_entity_poly.type
_entity_poly.pdbx_seq_one_letter_code
_entity_poly.pdbx_strand_id
1 'polypeptide(L)'
;GPGSEFMDGPGASAVVVRVGIPDLQQTKCLRLDPTAPVWAAKQRVLCALNHSLQDALNYGLFQPPSRGRAGKFLDEERLL
QDYPPNLDTPLPYLEFRYKRRVYAQNLIDDKQFAKLHTKANLKKFMDYVQLHSTDKVARLLDKGLDPNFHDPDSGECPLS
LAAQLDNATDLLKVLRNGGAHLDFRTRDGLTAVHCATRQRNAGALTTLLDLGASPDYKDSRGLTPLYHSALGGGDARCCE
LLLHDHAQLGTTDENGWQEIHQACRFGHVQHLEHLLFYGANMGAQNASGNTALHICALYNQESCARVLLYRGANKDVRNY
NSQTAFQVAIIAGNFELAEVIKTHKDSDVVPFRETPSYAKRRRLAGPSGLASPR
;
A,B
2 'polypeptide(L)'
;GPHMREYKLVVLGSGGVGKSALTVQFVQGIFVEKYDPTIEDSYRKQVEVDAQQCMLEILDTAGTEQFTAMRDLYMKNGQG
FALVYSITAQSTFNDLQDLREQILRVKDTDDVPMILVGNKCDLEDERVVGKEQGQNLARQWNNCAFLESSAKSKINVNEI
FYDLVRQINR
;
C,D,E,F
#
loop_
_chem_comp.id
_chem_comp.type
_chem_comp.name
_chem_comp.formula
GNP non-polymer 'PHOSPHOAMINOPHOSPHONIC ACID-GUANYLATE ESTER' 'C10 H17 N6 O13 P3'
MG non-polymer 'MAGNESIUM ION' 'Mg 2'
#
# COMPACT_ATOMS: atom_id res chain seq x y z
N GLY A 11 -7.53 10.11 -14.09
CA GLY A 11 -8.46 9.06 -14.65
C GLY A 11 -8.36 8.97 -16.16
N ALA A 12 -8.76 7.84 -16.76
CA ALA A 12 -8.61 7.58 -18.23
C ALA A 12 -9.52 8.52 -19.04
N SER A 13 -10.75 8.76 -18.57
CA SER A 13 -11.79 9.55 -19.28
C SER A 13 -11.87 10.96 -18.67
N ALA A 14 -10.85 11.34 -17.87
CA ALA A 14 -10.79 12.61 -17.11
C ALA A 14 -10.91 13.81 -18.06
N VAL A 15 -11.55 14.90 -17.59
CA VAL A 15 -11.67 16.19 -18.33
C VAL A 15 -11.07 17.30 -17.46
N VAL A 16 -10.74 18.43 -18.08
CA VAL A 16 -10.04 19.55 -17.38
C VAL A 16 -11.11 20.50 -16.84
N VAL A 17 -11.00 20.80 -15.54
CA VAL A 17 -11.99 21.63 -14.79
C VAL A 17 -11.20 22.69 -14.03
N ARG A 18 -11.62 23.95 -14.19
CA ARG A 18 -11.03 25.14 -13.51
C ARG A 18 -11.73 25.28 -12.17
N VAL A 19 -10.98 25.08 -11.09
CA VAL A 19 -11.49 25.10 -9.68
C VAL A 19 -10.83 26.27 -8.97
N GLY A 20 -11.66 27.22 -8.52
CA GLY A 20 -11.20 28.40 -7.77
C GLY A 20 -11.45 28.22 -6.28
N ILE A 21 -10.42 28.42 -5.46
CA ILE A 21 -10.52 28.44 -3.97
C ILE A 21 -10.61 29.92 -3.59
N PRO A 22 -11.82 30.48 -3.33
CA PRO A 22 -11.97 31.90 -2.99
C PRO A 22 -11.15 32.22 -1.73
N ASP A 23 -11.23 31.33 -0.75
CA ASP A 23 -10.59 31.55 0.57
C ASP A 23 -9.08 31.73 0.42
N LEU A 24 -8.43 31.01 -0.51
CA LEU A 24 -6.97 31.15 -0.79
C LEU A 24 -6.74 32.14 -1.96
N GLN A 25 -7.80 32.66 -2.58
CA GLN A 25 -7.76 33.50 -3.82
C GLN A 25 -6.92 32.81 -4.91
N GLN A 26 -7.05 31.48 -5.06
CA GLN A 26 -6.32 30.66 -6.06
C GLN A 26 -7.31 30.00 -7.02
N THR A 27 -6.84 29.82 -8.26
CA THR A 27 -7.49 29.11 -9.37
C THR A 27 -6.57 27.94 -9.75
N LYS A 28 -7.10 26.74 -9.81
CA LYS A 28 -6.36 25.52 -10.19
C LYS A 28 -7.16 24.81 -11.27
N CYS A 29 -6.59 24.70 -12.47
CA CYS A 29 -7.07 23.78 -13.53
C CYS A 29 -6.50 22.39 -13.26
N LEU A 30 -7.39 21.41 -13.08
CA LEU A 30 -7.06 20.02 -12.72
C LEU A 30 -7.80 19.06 -13.64
N ARG A 31 -7.24 17.87 -13.82
CA ARG A 31 -7.91 16.73 -14.48
C ARG A 31 -8.80 16.01 -13.45
N LEU A 32 -10.10 15.96 -13.69
CA LEU A 32 -11.05 15.28 -12.79
C LEU A 32 -11.78 14.20 -13.58
N ASP A 33 -11.97 13.04 -12.92
CA ASP A 33 -12.64 11.83 -13.47
C ASP A 33 -14.15 11.93 -13.30
N PRO A 34 -14.90 12.17 -14.38
CA PRO A 34 -16.36 12.29 -14.29
C PRO A 34 -16.99 10.97 -13.80
N THR A 35 -16.42 9.84 -14.22
CA THR A 35 -16.89 8.46 -13.90
C THR A 35 -16.55 8.13 -12.43
N ALA A 36 -15.53 8.77 -11.87
CA ALA A 36 -15.15 8.58 -10.46
C ALA A 36 -16.07 9.38 -9.57
N PRO A 37 -16.16 9.05 -8.27
CA PRO A 37 -16.98 9.81 -7.33
C PRO A 37 -16.41 11.19 -7.00
N VAL A 38 -17.26 12.04 -6.43
CA VAL A 38 -16.87 13.43 -6.08
C VAL A 38 -15.73 13.37 -5.07
N TRP A 39 -15.70 12.39 -4.16
CA TRP A 39 -14.64 12.33 -3.12
CA TRP A 39 -14.65 12.31 -3.12
C TRP A 39 -13.27 12.28 -3.79
N ALA A 40 -13.15 11.51 -4.86
CA ALA A 40 -11.91 11.33 -5.65
C ALA A 40 -11.39 12.69 -6.12
N ALA A 41 -12.29 13.48 -6.69
CA ALA A 41 -12.04 14.83 -7.26
C ALA A 41 -11.61 15.78 -6.15
N LYS A 42 -12.26 15.67 -4.98
CA LYS A 42 -11.97 16.53 -3.81
C LYS A 42 -10.56 16.23 -3.32
N GLN A 43 -10.16 14.96 -3.29
CA GLN A 43 -8.80 14.51 -2.88
C GLN A 43 -7.76 15.21 -3.76
N ARG A 44 -8.01 15.30 -5.07
CA ARG A 44 -7.10 15.91 -6.07
C ARG A 44 -6.98 17.42 -5.79
N VAL A 45 -8.07 18.10 -5.49
CA VAL A 45 -8.07 19.55 -5.16
C VAL A 45 -7.20 19.75 -3.91
N LEU A 46 -7.46 19.02 -2.81
CA LEU A 46 -6.72 19.19 -1.53
C LEU A 46 -5.24 18.89 -1.76
N CYS A 47 -4.91 17.86 -2.53
CA CYS A 47 -3.49 17.50 -2.76
C CYS A 47 -2.81 18.67 -3.47
N ALA A 48 -3.51 19.32 -4.41
CA ALA A 48 -3.00 20.46 -5.20
C ALA A 48 -2.80 21.68 -4.29
N LEU A 49 -3.60 21.81 -3.23
CA LEU A 49 -3.64 22.98 -2.30
C LEU A 49 -2.38 23.06 -1.43
N ASN A 50 -1.59 21.97 -1.36
CA ASN A 50 -0.38 21.94 -0.50
C ASN A 50 -0.82 22.21 0.96
N HIS A 51 -1.96 21.66 1.40
CA HIS A 51 -2.45 21.68 2.81
C HIS A 51 -2.78 23.10 3.32
N SER A 52 -3.13 24.05 2.46
CA SER A 52 -3.30 25.48 2.82
C SER A 52 -4.60 25.74 3.60
N LEU A 53 -5.52 24.77 3.75
CA LEU A 53 -6.87 25.01 4.32
C LEU A 53 -6.96 24.51 5.76
N GLN A 54 -7.72 25.21 6.61
CA GLN A 54 -8.04 24.84 8.01
C GLN A 54 -9.46 24.27 8.04
N ASP A 55 -9.64 23.10 8.65
CA ASP A 55 -10.86 22.26 8.57
C ASP A 55 -11.16 21.97 7.09
N ALA A 56 -10.17 21.37 6.41
CA ALA A 56 -10.18 21.10 4.96
C ALA A 56 -11.30 20.12 4.64
N LEU A 57 -11.60 19.22 5.55
CA LEU A 57 -12.56 18.12 5.29
C LEU A 57 -13.96 18.72 5.14
N ASN A 58 -14.24 19.86 5.78
CA ASN A 58 -15.59 20.50 5.70
C ASN A 58 -15.62 21.47 4.52
N TYR A 59 -14.56 21.53 3.71
CA TYR A 59 -14.57 22.19 2.38
C TYR A 59 -15.21 21.22 1.39
N GLY A 60 -15.89 21.75 0.38
CA GLY A 60 -16.47 20.91 -0.68
C GLY A 60 -16.52 21.66 -1.98
N LEU A 61 -16.49 20.93 -3.08
CA LEU A 61 -16.69 21.52 -4.41
C LEU A 61 -18.11 22.06 -4.47
N PHE A 62 -18.29 23.22 -5.09
CA PHE A 62 -19.57 23.98 -5.15
C PHE A 62 -19.91 24.36 -6.60
N GLN A 63 -21.15 24.12 -7.02
CA GLN A 63 -21.71 24.53 -8.34
C GLN A 63 -22.21 25.97 -8.23
N PRO A 64 -21.54 26.94 -8.88
CA PRO A 64 -22.01 28.33 -8.86
C PRO A 64 -23.44 28.45 -9.39
N PRO A 65 -24.24 29.39 -8.86
CA PRO A 65 -25.57 29.70 -9.41
C PRO A 65 -25.47 30.15 -10.86
N SER A 66 -26.40 29.75 -11.72
CA SER A 66 -26.44 30.29 -13.11
C SER A 66 -27.86 30.23 -13.68
N ARG A 67 -28.28 31.35 -14.28
CA ARG A 67 -29.50 31.56 -15.11
C ARG A 67 -30.71 30.93 -14.43
N GLY A 68 -30.98 31.38 -13.20
CA GLY A 68 -32.13 30.95 -12.38
C GLY A 68 -31.77 29.82 -11.44
N ARG A 69 -31.00 28.83 -11.95
CA ARG A 69 -30.59 27.60 -11.22
C ARG A 69 -29.81 27.97 -9.96
N ALA A 70 -30.17 27.37 -8.82
CA ALA A 70 -29.65 27.77 -7.50
C ALA A 70 -28.24 27.23 -7.36
N GLY A 71 -27.47 27.78 -6.42
CA GLY A 71 -26.17 27.24 -5.99
C GLY A 71 -26.37 25.99 -5.14
N LYS A 72 -25.49 24.99 -5.26
CA LYS A 72 -25.48 23.78 -4.40
C LYS A 72 -24.06 23.18 -4.34
N PHE A 73 -23.81 22.41 -3.28
CA PHE A 73 -22.56 21.64 -3.05
C PHE A 73 -22.67 20.27 -3.74
N LEU A 74 -21.58 19.81 -4.36
CA LEU A 74 -21.47 18.43 -4.89
C LEU A 74 -21.45 17.50 -3.68
N ASP A 75 -22.24 16.43 -3.72
CA ASP A 75 -22.23 15.35 -2.71
C ASP A 75 -20.97 14.52 -2.98
N GLU A 76 -20.21 14.19 -1.93
CA GLU A 76 -18.92 13.47 -2.04
C GLU A 76 -19.16 12.05 -2.57
N GLU A 77 -20.27 11.40 -2.18
CA GLU A 77 -20.57 9.98 -2.52
C GLU A 77 -21.33 9.87 -3.84
N ARG A 78 -21.67 10.99 -4.50
CA ARG A 78 -22.25 10.96 -5.88
C ARG A 78 -21.10 10.98 -6.90
N LEU A 79 -21.36 10.58 -8.16
CA LEU A 79 -20.32 10.67 -9.22
C LEU A 79 -20.26 12.11 -9.71
N LEU A 80 -19.07 12.59 -10.09
CA LEU A 80 -18.88 13.95 -10.64
C LEU A 80 -19.81 14.17 -11.84
N GLN A 81 -20.04 13.15 -12.68
CA GLN A 81 -20.77 13.34 -13.97
C GLN A 81 -22.27 13.48 -13.71
N ASP A 82 -22.75 13.14 -12.49
CA ASP A 82 -24.16 13.30 -12.02
C ASP A 82 -24.51 14.80 -11.95
N TYR A 83 -23.54 15.68 -11.74
CA TYR A 83 -23.69 17.15 -11.80
C TYR A 83 -23.13 17.65 -13.13
N PRO A 84 -23.94 17.90 -14.19
CA PRO A 84 -23.40 18.35 -15.48
C PRO A 84 -22.76 19.72 -15.34
N PRO A 85 -21.69 20.03 -16.10
CA PRO A 85 -21.03 21.32 -15.98
C PRO A 85 -21.78 22.34 -16.85
N ASN A 86 -21.68 23.61 -16.47
CA ASN A 86 -22.10 24.78 -17.27
C ASN A 86 -21.16 24.94 -18.45
N LEU A 87 -21.70 25.35 -19.60
CA LEU A 87 -20.99 25.53 -20.89
C LEU A 87 -20.79 27.02 -21.18
N ASP A 88 -21.09 27.90 -20.21
CA ASP A 88 -20.93 29.38 -20.36
C ASP A 88 -19.43 29.73 -20.44
N THR A 89 -18.62 29.20 -19.54
CA THR A 89 -17.12 29.33 -19.50
C THR A 89 -16.50 28.45 -20.58
N PRO A 90 -15.30 28.77 -21.10
CA PRO A 90 -14.63 27.88 -22.07
C PRO A 90 -14.27 26.53 -21.42
N LEU A 91 -13.72 26.59 -20.20
CA LEU A 91 -13.43 25.43 -19.33
C LEU A 91 -14.48 25.37 -18.24
N PRO A 92 -15.07 24.19 -17.93
CA PRO A 92 -16.08 24.06 -16.88
C PRO A 92 -15.52 24.58 -15.55
N TYR A 93 -16.30 25.38 -14.81
CA TYR A 93 -15.82 26.05 -13.58
C TYR A 93 -16.59 25.51 -12.37
N LEU A 94 -15.84 24.97 -11.39
CA LEU A 94 -16.32 24.57 -10.04
C LEU A 94 -15.55 25.36 -8.97
N GLU A 95 -16.15 25.52 -7.79
CA GLU A 95 -15.58 26.29 -6.67
C GLU A 95 -15.33 25.34 -5.50
N PHE A 96 -14.21 25.51 -4.81
CA PHE A 96 -13.96 24.83 -3.51
C PHE A 96 -14.29 25.83 -2.40
N ARG A 97 -15.29 25.55 -1.56
CA ARG A 97 -15.75 26.46 -0.46
C ARG A 97 -15.99 25.68 0.84
N TYR A 98 -15.91 26.38 1.97
CA TYR A 98 -16.33 25.86 3.31
C TYR A 98 -17.85 25.57 3.27
N LYS A 99 -18.30 24.52 3.95
CA LYS A 99 -19.71 24.03 3.84
C LYS A 99 -20.60 24.81 4.81
N ARG A 100 -20.84 26.07 4.50
CA ARG A 100 -21.79 26.95 5.22
C ARG A 100 -23.19 26.74 4.61
N ARG A 101 -24.22 27.14 5.35
CA ARG A 101 -25.63 26.98 4.95
C ARG A 101 -25.85 27.70 3.63
N VAL A 102 -26.51 27.07 2.67
CA VAL A 102 -26.94 27.75 1.42
C VAL A 102 -28.26 28.46 1.71
N TYR A 103 -28.26 29.79 1.78
CA TYR A 103 -29.49 30.62 1.94
C TYR A 103 -30.14 30.86 0.57
N ALA A 104 -31.42 31.26 0.55
CA ALA A 104 -32.18 31.70 -0.66
C ALA A 104 -31.64 33.06 -1.16
N GLN A 105 -31.98 33.48 -2.38
CA GLN A 105 -31.50 34.76 -3.00
C GLN A 105 -31.78 35.90 -2.00
N ASN A 106 -32.98 35.90 -1.42
CA ASN A 106 -33.44 36.87 -0.39
C ASN A 106 -32.60 36.68 0.88
N LEU A 107 -32.04 37.77 1.41
CA LEU A 107 -30.97 37.76 2.45
C LEU A 107 -31.41 38.62 3.64
N ILE A 108 -30.99 38.23 4.86
CA ILE A 108 -31.40 38.91 6.12
C ILE A 108 -30.32 39.94 6.47
N ASP A 109 -30.63 40.88 7.38
CA ASP A 109 -29.74 41.98 7.83
C ASP A 109 -28.35 41.44 8.17
N ASP A 110 -27.31 42.15 7.71
CA ASP A 110 -25.88 41.79 7.85
C ASP A 110 -25.50 41.69 9.34
N LYS A 111 -25.90 42.69 10.13
CA LYS A 111 -25.62 42.75 11.60
C LYS A 111 -26.46 41.69 12.30
N GLN A 112 -27.74 41.54 11.94
CA GLN A 112 -28.66 40.55 12.55
C GLN A 112 -28.01 39.16 12.53
N PHE A 113 -27.15 38.89 11.53
CA PHE A 113 -26.38 37.63 11.42
C PHE A 113 -25.28 37.62 12.48
N ALA A 114 -24.43 38.65 12.53
CA ALA A 114 -23.27 38.71 13.45
C ALA A 114 -23.72 38.43 14.89
N LYS A 115 -24.91 38.92 15.27
CA LYS A 115 -25.49 38.68 16.61
C LYS A 115 -25.78 37.19 16.76
N LEU A 116 -26.58 36.63 15.86
CA LEU A 116 -27.04 35.20 15.88
C LEU A 116 -25.86 34.24 16.00
N HIS A 117 -24.68 34.59 15.45
CA HIS A 117 -23.50 33.68 15.31
C HIS A 117 -22.37 34.05 16.27
N THR A 118 -22.66 34.78 17.36
CA THR A 118 -21.69 35.01 18.46
C THR A 118 -21.44 33.69 19.18
N LYS A 119 -20.25 33.55 19.74
CA LYS A 119 -19.80 32.35 20.49
C LYS A 119 -20.90 31.91 21.47
N ALA A 120 -21.38 32.86 22.29
CA ALA A 120 -22.39 32.71 23.37
C ALA A 120 -23.72 32.19 22.81
N ASN A 121 -24.18 32.81 21.72
CA ASN A 121 -25.47 32.49 21.05
C ASN A 121 -25.41 31.07 20.48
N LEU A 122 -24.30 30.73 19.81
CA LEU A 122 -24.02 29.38 19.24
C LEU A 122 -24.04 28.34 20.36
N LYS A 123 -23.36 28.62 21.48
CA LYS A 123 -23.29 27.69 22.63
C LYS A 123 -24.71 27.44 23.16
N LYS A 124 -25.49 28.51 23.31
CA LYS A 124 -26.92 28.46 23.74
C LYS A 124 -27.71 27.55 22.79
N PHE A 125 -27.51 27.70 21.46
CA PHE A 125 -28.19 26.92 20.39
C PHE A 125 -27.83 25.44 20.52
N MET A 126 -26.54 25.12 20.68
CA MET A 126 -26.04 23.72 20.88
C MET A 126 -26.68 23.11 22.12
N ASP A 127 -26.84 23.92 23.18
CA ASP A 127 -27.42 23.47 24.46
C ASP A 127 -28.89 23.10 24.21
N TYR A 128 -29.61 23.87 23.38
CA TYR A 128 -31.02 23.55 22.99
C TYR A 128 -31.08 22.17 22.32
N VAL A 129 -30.16 21.89 21.39
CA VAL A 129 -30.05 20.58 20.67
C VAL A 129 -29.71 19.50 21.69
N GLN A 130 -28.71 19.75 22.57
CA GLN A 130 -28.25 18.80 23.63
C GLN A 130 -29.45 18.41 24.50
N LEU A 131 -30.28 19.38 24.86
CA LEU A 131 -31.43 19.21 25.79
C LEU A 131 -32.71 18.91 24.99
N HIS A 132 -32.57 18.69 23.67
CA HIS A 132 -33.64 18.23 22.75
C HIS A 132 -34.81 19.23 22.71
N SER A 133 -34.52 20.54 22.76
CA SER A 133 -35.52 21.63 22.60
C SER A 133 -35.75 21.91 21.11
N THR A 134 -36.42 20.98 20.43
CA THR A 134 -36.72 21.00 18.96
C THR A 134 -37.30 22.35 18.53
N ASP A 135 -38.37 22.81 19.21
CA ASP A 135 -39.18 23.97 18.77
C ASP A 135 -38.35 25.24 18.85
N LYS A 136 -37.53 25.40 19.88
CA LYS A 136 -36.61 26.57 20.06
C LYS A 136 -35.51 26.49 18.97
N VAL A 137 -35.00 25.29 18.68
CA VAL A 137 -33.95 25.07 17.64
C VAL A 137 -34.52 25.56 16.31
N ALA A 138 -35.73 25.16 15.95
CA ALA A 138 -36.44 25.53 14.70
C ALA A 138 -36.51 27.06 14.55
N ARG A 139 -36.84 27.76 15.64
CA ARG A 139 -37.03 29.22 15.66
C ARG A 139 -35.72 29.90 15.26
N LEU A 140 -34.60 29.47 15.84
CA LEU A 140 -33.29 30.13 15.60
C LEU A 140 -32.86 29.86 14.14
N LEU A 141 -33.16 28.66 13.61
CA LEU A 141 -32.89 28.30 12.19
C LEU A 141 -33.71 29.19 11.27
N ASP A 142 -35.00 29.38 11.57
CA ASP A 142 -35.91 30.27 10.79
C ASP A 142 -35.33 31.68 10.72
N LYS A 143 -34.77 32.17 11.84
CA LYS A 143 -34.13 33.51 11.95
C LYS A 143 -32.89 33.60 11.04
N GLY A 144 -32.20 32.47 10.81
CA GLY A 144 -31.12 32.35 9.81
C GLY A 144 -29.79 31.94 10.41
N LEU A 145 -29.77 31.41 11.63
CA LEU A 145 -28.54 30.82 12.24
C LEU A 145 -28.05 29.67 11.37
N ASP A 146 -26.74 29.61 11.12
CA ASP A 146 -26.08 28.58 10.26
C ASP A 146 -25.67 27.43 11.16
N PRO A 147 -26.34 26.26 11.06
CA PRO A 147 -26.07 25.14 11.97
C PRO A 147 -24.73 24.43 11.73
N ASN A 148 -24.02 24.79 10.65
CA ASN A 148 -22.74 24.14 10.28
C ASN A 148 -21.57 24.86 10.97
N PHE A 149 -21.33 24.54 12.25
CA PHE A 149 -20.25 25.09 13.12
C PHE A 149 -19.86 24.04 14.17
N HIS A 150 -18.76 24.23 14.87
CA HIS A 150 -18.28 23.28 15.91
C HIS A 150 -18.33 23.96 17.29
N ASP A 151 -18.80 23.26 18.33
CA ASP A 151 -18.52 23.67 19.74
C ASP A 151 -17.03 23.52 19.96
N PRO A 152 -16.31 24.55 20.47
CA PRO A 152 -14.85 24.48 20.58
C PRO A 152 -14.34 23.35 21.49
N ASP A 153 -14.89 23.22 22.70
CA ASP A 153 -14.45 22.21 23.70
C ASP A 153 -14.90 20.82 23.22
N SER A 154 -16.19 20.70 22.87
CA SER A 154 -16.89 19.44 22.50
C SER A 154 -16.40 18.96 21.13
N GLY A 155 -16.22 19.86 20.17
CA GLY A 155 -15.78 19.57 18.80
C GLY A 155 -16.90 19.03 17.92
N GLU A 156 -18.15 19.08 18.38
CA GLU A 156 -19.29 18.40 17.72
C GLU A 156 -20.13 19.45 17.04
N CYS A 157 -20.59 19.22 15.81
CA CYS A 157 -21.60 20.09 15.18
C CYS A 157 -22.97 19.70 15.72
N PRO A 158 -24.00 20.56 15.57
CA PRO A 158 -25.33 20.28 16.12
C PRO A 158 -25.89 18.94 15.61
N LEU A 159 -25.69 18.64 14.33
CA LEU A 159 -26.26 17.41 13.70
C LEU A 159 -25.63 16.18 14.34
N SER A 160 -24.34 16.21 14.65
CA SER A 160 -23.58 15.11 15.30
C SER A 160 -24.12 14.87 16.71
N LEU A 161 -24.45 15.95 17.42
CA LEU A 161 -25.05 15.90 18.78
C LEU A 161 -26.46 15.30 18.69
N ALA A 162 -27.28 15.77 17.74
CA ALA A 162 -28.66 15.29 17.52
C ALA A 162 -28.67 13.78 17.31
N ALA A 163 -27.67 13.24 16.60
CA ALA A 163 -27.57 11.80 16.24
C ALA A 163 -27.43 10.95 17.51
N GLN A 164 -26.85 11.52 18.58
CA GLN A 164 -26.63 10.86 19.89
C GLN A 164 -27.95 10.68 20.65
N LEU A 165 -28.90 11.63 20.52
CA LEU A 165 -30.19 11.66 21.28
C LEU A 165 -31.14 10.58 20.76
N ASP A 166 -31.93 9.99 21.64
CA ASP A 166 -32.88 8.90 21.29
C ASP A 166 -34.17 9.57 20.82
N ASN A 167 -34.83 8.95 19.85
CA ASN A 167 -36.03 9.52 19.21
C ASN A 167 -35.69 10.95 18.77
N ALA A 168 -34.59 11.11 18.01
CA ALA A 168 -34.06 12.41 17.55
C ALA A 168 -34.59 12.77 16.15
N THR A 169 -35.49 11.97 15.59
CA THR A 169 -35.98 12.10 14.20
C THR A 169 -36.58 13.50 14.00
N ASP A 170 -37.39 13.94 14.96
CA ASP A 170 -37.98 15.30 15.07
C ASP A 170 -36.87 16.35 14.88
N LEU A 171 -35.79 16.23 15.66
CA LEU A 171 -34.69 17.22 15.70
C LEU A 171 -33.88 17.16 14.41
N LEU A 172 -33.61 15.94 13.91
CA LEU A 172 -32.74 15.72 12.73
C LEU A 172 -33.41 16.36 11.52
N LYS A 173 -34.72 16.11 11.34
CA LYS A 173 -35.54 16.69 10.25
C LYS A 173 -35.44 18.22 10.32
N VAL A 174 -35.60 18.80 11.52
CA VAL A 174 -35.64 20.28 11.76
C VAL A 174 -34.29 20.87 11.35
N LEU A 175 -33.18 20.24 11.78
CA LEU A 175 -31.80 20.71 11.51
C LEU A 175 -31.52 20.68 10.00
N ARG A 176 -31.88 19.59 9.32
CA ARG A 176 -31.66 19.40 7.86
C ARG A 176 -32.48 20.44 7.11
N ASN A 177 -33.71 20.71 7.54
CA ASN A 177 -34.58 21.78 6.98
C ASN A 177 -33.96 23.16 7.25
N GLY A 178 -33.36 23.35 8.43
CA GLY A 178 -32.65 24.57 8.84
C GLY A 178 -31.31 24.78 8.15
N GLY A 179 -30.90 23.87 7.26
CA GLY A 179 -29.75 24.07 6.35
C GLY A 179 -28.47 23.42 6.84
N ALA A 180 -28.54 22.56 7.85
CA ALA A 180 -27.43 21.70 8.30
C ALA A 180 -27.08 20.74 7.16
N HIS A 181 -25.80 20.52 6.91
CA HIS A 181 -25.29 19.54 5.91
C HIS A 181 -25.19 18.16 6.56
N LEU A 182 -25.70 17.13 5.87
CA LEU A 182 -25.68 15.69 6.29
C LEU A 182 -24.22 15.20 6.40
N ASP A 183 -23.36 15.60 5.46
CA ASP A 183 -21.92 15.23 5.36
C ASP A 183 -21.05 16.20 6.16
N PHE A 184 -21.63 17.14 6.89
CA PHE A 184 -20.82 18.03 7.76
C PHE A 184 -20.12 17.10 8.75
N ARG A 185 -18.80 17.22 8.81
CA ARG A 185 -17.94 16.42 9.70
C ARG A 185 -17.69 17.21 10.98
N THR A 186 -17.50 16.48 12.09
CA THR A 186 -17.06 16.99 13.40
C THR A 186 -15.57 17.33 13.31
N ARG A 187 -15.04 17.99 14.33
CA ARG A 187 -13.62 18.40 14.36
C ARG A 187 -12.77 17.18 14.00
N ASP A 188 -13.12 16.00 14.52
CA ASP A 188 -12.31 14.76 14.36
C ASP A 188 -12.54 14.14 12.98
N GLY A 189 -13.53 14.61 12.22
CA GLY A 189 -13.71 14.17 10.83
C GLY A 189 -14.86 13.17 10.67
N LEU A 190 -15.60 12.87 11.73
CA LEU A 190 -16.80 12.00 11.67
C LEU A 190 -18.03 12.81 11.24
N THR A 191 -18.91 12.21 10.44
CA THR A 191 -20.22 12.79 10.05
C THR A 191 -21.28 12.34 11.04
N ALA A 192 -22.48 12.90 10.93
CA ALA A 192 -23.66 12.52 11.74
C ALA A 192 -23.96 11.04 11.55
N VAL A 193 -23.74 10.53 10.33
CA VAL A 193 -23.99 9.09 9.98
C VAL A 193 -23.00 8.22 10.77
N HIS A 194 -21.72 8.61 10.79
CA HIS A 194 -20.66 7.95 11.62
C HIS A 194 -21.10 7.93 13.08
N CYS A 195 -21.55 9.09 13.59
CA CYS A 195 -21.92 9.33 15.02
C CYS A 195 -23.15 8.49 15.38
N ALA A 196 -24.16 8.42 14.51
CA ALA A 196 -25.39 7.62 14.76
C ALA A 196 -25.00 6.15 14.98
N THR A 197 -24.15 5.62 14.09
CA THR A 197 -23.69 4.21 14.06
C THR A 197 -22.85 3.91 15.31
N ARG A 198 -21.94 4.80 15.69
CA ARG A 198 -21.08 4.62 16.90
C ARG A 198 -21.97 4.47 18.14
N GLN A 199 -23.04 5.27 18.27
CA GLN A 199 -23.98 5.25 19.43
C GLN A 199 -24.96 4.06 19.28
N ARG A 200 -24.91 3.35 18.15
CA ARG A 200 -25.88 2.27 17.84
C ARG A 200 -27.30 2.83 17.88
N ASN A 201 -27.50 4.05 17.39
CA ASN A 201 -28.82 4.73 17.38
C ASN A 201 -29.48 4.46 16.02
N ALA A 202 -30.31 3.41 15.97
CA ALA A 202 -30.96 2.91 14.73
C ALA A 202 -31.89 3.99 14.18
N GLY A 203 -32.62 4.66 15.07
CA GLY A 203 -33.62 5.67 14.72
C GLY A 203 -32.99 6.86 14.02
N ALA A 204 -31.92 7.39 14.61
CA ALA A 204 -31.14 8.53 14.06
C ALA A 204 -30.57 8.15 12.69
N LEU A 205 -29.95 6.98 12.58
CA LEU A 205 -29.27 6.55 11.33
C LEU A 205 -30.33 6.44 10.23
N THR A 206 -31.46 5.81 10.52
CA THR A 206 -32.50 5.56 9.51
C THR A 206 -32.99 6.91 8.97
N THR A 207 -33.17 7.90 9.86
CA THR A 207 -33.69 9.24 9.49
C THR A 207 -32.66 9.95 8.60
N LEU A 208 -31.37 9.95 8.98
CA LEU A 208 -30.28 10.55 8.17
C LEU A 208 -30.33 9.93 6.77
N LEU A 209 -30.46 8.62 6.66
CA LEU A 209 -30.50 7.91 5.35
C LEU A 209 -31.78 8.37 4.62
N ASP A 210 -32.88 8.49 5.37
CA ASP A 210 -34.21 8.93 4.86
C ASP A 210 -34.13 10.36 4.29
N LEU A 211 -33.29 11.20 4.89
CA LEU A 211 -33.14 12.65 4.58
C LEU A 211 -32.15 12.89 3.43
N GLY A 212 -31.76 11.86 2.69
CA GLY A 212 -30.86 12.02 1.51
C GLY A 212 -29.40 11.69 1.79
N ALA A 213 -29.05 11.33 3.02
CA ALA A 213 -27.65 11.01 3.43
C ALA A 213 -27.21 9.73 2.77
N SER A 214 -25.95 9.66 2.37
CA SER A 214 -25.29 8.42 1.90
C SER A 214 -24.67 7.70 3.09
N PRO A 215 -24.74 6.36 3.10
CA PRO A 215 -24.18 5.55 4.18
C PRO A 215 -22.67 5.35 4.04
N ASP A 216 -22.09 5.81 2.93
CA ASP A 216 -20.67 5.58 2.56
C ASP A 216 -19.78 6.80 2.86
N TYR A 217 -20.24 7.77 3.67
CA TYR A 217 -19.47 9.00 3.97
C TYR A 217 -18.13 8.55 4.58
N LYS A 218 -17.02 9.13 4.14
CA LYS A 218 -15.67 8.75 4.64
C LYS A 218 -15.25 9.74 5.76
N ASP A 219 -14.45 9.27 6.71
CA ASP A 219 -13.90 10.09 7.82
C ASP A 219 -12.49 10.58 7.44
N SER A 220 -11.68 11.04 8.39
CA SER A 220 -10.30 11.54 8.20
C SER A 220 -9.42 10.47 7.55
N ARG A 221 -9.56 9.22 7.98
CA ARG A 221 -8.72 8.07 7.53
C ARG A 221 -9.42 7.32 6.39
N GLY A 222 -10.58 7.80 5.93
CA GLY A 222 -11.31 7.22 4.79
C GLY A 222 -12.17 6.04 5.21
N LEU A 223 -12.35 5.86 6.52
CA LEU A 223 -13.18 4.77 7.10
C LEU A 223 -14.65 5.18 7.05
N THR A 224 -15.51 4.20 6.68
CA THR A 224 -16.97 4.36 6.46
C THR A 224 -17.68 4.07 7.76
N PRO A 225 -18.96 4.48 7.93
CA PRO A 225 -19.74 4.13 9.13
C PRO A 225 -19.83 2.61 9.33
N LEU A 226 -20.01 1.84 8.24
CA LEU A 226 -20.00 0.35 8.27
C LEU A 226 -18.70 -0.13 8.94
N TYR A 227 -17.57 0.44 8.54
CA TYR A 227 -16.23 0.09 9.10
C TYR A 227 -16.20 0.42 10.60
N HIS A 228 -16.73 1.58 10.99
CA HIS A 228 -16.81 1.98 12.42
C HIS A 228 -17.65 0.96 13.20
N SER A 229 -18.74 0.43 12.64
CA SER A 229 -19.63 -0.50 13.37
C SER A 229 -18.86 -1.82 13.64
N ALA A 230 -18.09 -2.30 12.66
CA ALA A 230 -17.25 -3.51 12.76
C ALA A 230 -16.18 -3.32 13.85
N LEU A 231 -15.60 -2.11 13.97
CA LEU A 231 -14.66 -1.78 15.09
C LEU A 231 -15.40 -1.84 16.44
N GLY A 232 -16.59 -1.26 16.51
CA GLY A 232 -17.33 -1.06 17.78
C GLY A 232 -18.13 -2.27 18.23
N GLY A 233 -18.58 -3.11 17.31
CA GLY A 233 -19.41 -4.29 17.64
C GLY A 233 -20.70 -3.90 18.34
N GLY A 234 -21.01 -4.58 19.45
CA GLY A 234 -22.25 -4.42 20.23
C GLY A 234 -23.47 -4.76 19.40
N ASP A 235 -24.57 -4.00 19.59
CA ASP A 235 -25.82 -4.15 18.81
C ASP A 235 -25.47 -4.01 17.32
N ALA A 236 -25.94 -4.96 16.51
CA ALA A 236 -25.60 -5.09 15.07
C ALA A 236 -26.70 -4.48 14.19
N ARG A 237 -27.70 -3.79 14.76
CA ARG A 237 -28.83 -3.24 13.97
C ARG A 237 -28.33 -2.20 12.95
N CYS A 238 -27.51 -1.24 13.38
CA CYS A 238 -26.96 -0.17 12.49
C CYS A 238 -26.14 -0.75 11.33
N CYS A 239 -25.29 -1.75 11.61
CA CYS A 239 -24.49 -2.48 10.59
C CYS A 239 -25.43 -3.01 9.49
N GLU A 240 -26.55 -3.64 9.90
CA GLU A 240 -27.51 -4.25 8.94
C GLU A 240 -28.18 -3.13 8.15
N LEU A 241 -28.59 -2.04 8.81
CA LEU A 241 -29.26 -0.89 8.15
C LEU A 241 -28.34 -0.29 7.07
N LEU A 242 -27.04 -0.13 7.37
CA LEU A 242 -26.04 0.39 6.37
C LEU A 242 -25.96 -0.59 5.20
N LEU A 243 -25.82 -1.90 5.47
CA LEU A 243 -25.69 -2.94 4.40
C LEU A 243 -26.99 -3.00 3.59
N HIS A 244 -28.14 -2.76 4.26
CA HIS A 244 -29.50 -2.77 3.65
C HIS A 244 -29.61 -1.60 2.70
N ASP A 245 -28.82 -0.54 2.95
CA ASP A 245 -28.87 0.73 2.19
C ASP A 245 -27.84 0.68 1.05
N HIS A 246 -27.40 -0.53 0.70
CA HIS A 246 -26.36 -0.80 -0.32
C HIS A 246 -25.05 -0.11 0.09
N ALA A 247 -24.76 -0.04 1.39
CA ALA A 247 -23.49 0.47 1.95
C ALA A 247 -22.30 -0.24 1.28
N GLN A 248 -21.18 0.46 1.11
CA GLN A 248 -20.02 -0.11 0.39
C GLN A 248 -19.23 -0.99 1.35
N LEU A 249 -18.59 -2.00 0.76
CA LEU A 249 -17.86 -3.10 1.42
C LEU A 249 -16.42 -3.14 0.90
N GLY A 250 -15.48 -3.55 1.76
CA GLY A 250 -14.07 -3.79 1.41
C GLY A 250 -13.25 -2.52 1.59
N THR A 251 -13.78 -1.55 2.33
CA THR A 251 -13.02 -0.39 2.85
C THR A 251 -11.86 -0.95 3.68
N THR A 252 -10.66 -0.43 3.47
CA THR A 252 -9.44 -0.91 4.17
C THR A 252 -8.68 0.27 4.75
N ASP A 253 -8.14 0.08 5.95
CA ASP A 253 -7.22 0.99 6.68
C ASP A 253 -5.82 0.86 6.10
N GLU A 254 -4.89 1.66 6.61
CA GLU A 254 -3.45 1.72 6.20
C GLU A 254 -2.80 0.32 6.14
N ASN A 255 -3.16 -0.60 7.02
CA ASN A 255 -2.57 -1.96 7.06
C ASN A 255 -3.37 -2.95 6.20
N GLY A 256 -4.42 -2.49 5.52
CA GLY A 256 -5.19 -3.28 4.55
C GLY A 256 -6.27 -4.14 5.20
N TRP A 257 -6.58 -3.92 6.48
CA TRP A 257 -7.69 -4.65 7.18
C TRP A 257 -9.01 -4.20 6.59
N GLN A 258 -9.88 -5.15 6.21
CA GLN A 258 -11.29 -4.94 5.78
C GLN A 258 -12.22 -5.05 6.98
N GLU A 259 -13.53 -4.90 6.76
CA GLU A 259 -14.54 -4.90 7.86
C GLU A 259 -14.47 -6.23 8.63
N ILE A 260 -14.42 -7.37 7.95
CA ILE A 260 -14.40 -8.74 8.59
C ILE A 260 -13.13 -8.89 9.41
N HIS A 261 -12.02 -8.28 8.96
CA HIS A 261 -10.72 -8.35 9.66
C HIS A 261 -10.89 -7.76 11.06
N GLN A 262 -11.50 -6.58 11.16
CA GLN A 262 -11.71 -5.86 12.45
C GLN A 262 -12.73 -6.63 13.30
N ALA A 263 -13.79 -7.15 12.67
CA ALA A 263 -14.87 -7.89 13.37
C ALA A 263 -14.28 -9.15 13.99
N CYS A 264 -13.45 -9.88 13.24
CA CYS A 264 -12.80 -11.14 13.71
C CYS A 264 -11.90 -10.83 14.91
N ARG A 265 -11.16 -9.73 14.90
CA ARG A 265 -10.19 -9.43 16.00
C ARG A 265 -10.91 -9.28 17.34
N PHE A 266 -12.04 -8.55 17.38
CA PHE A 266 -12.75 -8.22 18.64
C PHE A 266 -13.95 -9.17 18.83
N GLY A 267 -14.07 -10.15 17.94
CA GLY A 267 -15.08 -11.22 18.01
C GLY A 267 -16.51 -10.72 17.87
N HIS A 268 -16.76 -9.73 17.01
CA HIS A 268 -18.11 -9.17 16.74
C HIS A 268 -18.86 -10.09 15.76
N VAL A 269 -19.42 -11.19 16.27
CA VAL A 269 -19.87 -12.33 15.42
C VAL A 269 -21.15 -11.95 14.64
N GLN A 270 -22.05 -11.21 15.26
CA GLN A 270 -23.26 -10.69 14.58
C GLN A 270 -22.82 -9.84 13.37
N HIS A 271 -21.87 -8.91 13.56
CA HIS A 271 -21.34 -8.01 12.51
C HIS A 271 -20.71 -8.82 11.38
N LEU A 272 -19.87 -9.80 11.72
CA LEU A 272 -19.22 -10.72 10.74
C LEU A 272 -20.29 -11.37 9.85
N GLU A 273 -21.36 -11.87 10.46
CA GLU A 273 -22.46 -12.63 9.78
C GLU A 273 -23.17 -11.73 8.74
N HIS A 274 -23.61 -10.54 9.17
CA HIS A 274 -24.17 -9.49 8.29
C HIS A 274 -23.21 -9.22 7.11
N LEU A 275 -21.93 -8.90 7.39
CA LEU A 275 -20.92 -8.56 6.36
C LEU A 275 -20.76 -9.70 5.34
N LEU A 276 -20.56 -10.93 5.83
CA LEU A 276 -20.43 -12.15 4.98
C LEU A 276 -21.63 -12.22 4.05
N PHE A 277 -22.84 -12.11 4.61
CA PHE A 277 -24.16 -12.28 3.94
C PHE A 277 -24.31 -11.30 2.77
N TYR A 278 -23.77 -10.09 2.91
CA TYR A 278 -23.94 -9.00 1.92
C TYR A 278 -22.75 -8.87 0.96
N GLY A 279 -21.91 -9.89 0.79
CA GLY A 279 -20.90 -9.93 -0.30
C GLY A 279 -19.43 -9.84 0.16
N ALA A 280 -19.15 -9.68 1.46
CA ALA A 280 -17.76 -9.56 2.00
C ALA A 280 -16.88 -10.68 1.45
N ASN A 281 -15.74 -10.35 0.84
CA ASN A 281 -14.73 -11.33 0.32
C ASN A 281 -13.96 -11.97 1.48
N MET A 282 -14.27 -13.22 1.83
CA MET A 282 -13.71 -13.93 3.01
C MET A 282 -12.20 -14.09 2.81
N GLY A 283 -11.78 -14.31 1.56
CA GLY A 283 -10.38 -14.62 1.17
C GLY A 283 -9.51 -13.38 1.04
N ALA A 284 -10.07 -12.18 1.24
CA ALA A 284 -9.36 -10.88 1.23
C ALA A 284 -8.31 -10.89 2.33
N GLN A 285 -7.14 -10.35 2.04
CA GLN A 285 -5.97 -10.37 2.96
C GLN A 285 -5.42 -8.96 3.13
N ASN A 286 -4.86 -8.67 4.30
CA ASN A 286 -4.21 -7.37 4.64
C ASN A 286 -2.73 -7.38 4.19
N ALA A 287 -1.98 -6.37 4.61
CA ALA A 287 -0.54 -6.22 4.28
C ALA A 287 0.23 -7.51 4.63
N SER A 288 -0.09 -8.13 5.75
CA SER A 288 0.59 -9.38 6.20
C SER A 288 0.22 -10.56 5.31
N GLY A 289 -0.94 -10.47 4.65
CA GLY A 289 -1.54 -11.53 3.81
C GLY A 289 -2.56 -12.35 4.58
N ASN A 290 -2.89 -11.94 5.81
CA ASN A 290 -3.83 -12.65 6.71
C ASN A 290 -5.26 -12.40 6.25
N THR A 291 -6.04 -13.46 6.14
CA THR A 291 -7.49 -13.42 5.94
C THR A 291 -8.20 -13.30 7.28
N ALA A 292 -9.53 -13.17 7.26
CA ALA A 292 -10.34 -13.05 8.49
C ALA A 292 -10.01 -14.25 9.38
N LEU A 293 -9.92 -15.45 8.81
CA LEU A 293 -9.67 -16.70 9.58
C LEU A 293 -8.30 -16.63 10.26
N HIS A 294 -7.28 -16.10 9.59
CA HIS A 294 -5.95 -15.79 10.20
C HIS A 294 -6.13 -14.91 11.46
N ILE A 295 -6.90 -13.82 11.39
CA ILE A 295 -7.09 -12.87 12.53
C ILE A 295 -7.84 -13.62 13.64
N CYS A 296 -8.76 -14.49 13.25
CA CYS A 296 -9.62 -15.29 14.15
C CYS A 296 -8.69 -16.19 15.00
N ALA A 297 -7.76 -16.90 14.35
CA ALA A 297 -6.68 -17.71 14.97
C ALA A 297 -5.73 -16.85 15.84
N LEU A 298 -5.31 -15.69 15.37
CA LEU A 298 -4.34 -14.82 16.08
C LEU A 298 -4.93 -14.40 17.44
N TYR A 299 -6.20 -13.98 17.49
CA TYR A 299 -6.83 -13.34 18.68
C TYR A 299 -7.80 -14.32 19.38
N ASN A 300 -7.78 -15.60 19.02
CA ASN A 300 -8.50 -16.68 19.76
C ASN A 300 -10.02 -16.42 19.72
N GLN A 301 -10.56 -16.04 18.57
CA GLN A 301 -12.02 -15.84 18.38
C GLN A 301 -12.61 -17.10 17.76
N GLU A 302 -12.96 -18.08 18.60
CA GLU A 302 -13.44 -19.41 18.17
C GLU A 302 -14.81 -19.26 17.50
N SER A 303 -15.71 -18.45 18.07
CA SER A 303 -17.10 -18.23 17.57
C SER A 303 -17.08 -17.60 16.17
N CYS A 304 -16.25 -16.57 15.97
CA CYS A 304 -16.06 -15.90 14.66
C CYS A 304 -15.46 -16.88 13.65
N ALA A 305 -14.46 -17.68 14.09
CA ALA A 305 -13.75 -18.67 13.24
C ALA A 305 -14.77 -19.67 12.69
N ARG A 306 -15.69 -20.13 13.54
CA ARG A 306 -16.71 -21.16 13.19
C ARG A 306 -17.57 -20.61 12.06
N VAL A 307 -17.94 -19.32 12.16
CA VAL A 307 -18.85 -18.63 11.21
C VAL A 307 -18.19 -18.61 9.82
N LEU A 308 -16.92 -18.20 9.75
CA LEU A 308 -16.14 -18.18 8.49
C LEU A 308 -16.10 -19.59 7.88
N LEU A 309 -15.75 -20.59 8.71
CA LEU A 309 -15.55 -22.00 8.27
C LEU A 309 -16.88 -22.54 7.75
N TYR A 310 -17.94 -22.25 8.51
CA TYR A 310 -19.33 -22.65 8.21
C TYR A 310 -19.76 -22.09 6.86
N ARG A 311 -19.33 -20.88 6.51
CA ARG A 311 -19.81 -20.15 5.30
C ARG A 311 -18.85 -20.29 4.12
N GLY A 312 -17.90 -21.25 4.19
CA GLY A 312 -17.12 -21.73 3.03
C GLY A 312 -15.72 -21.12 2.93
N ALA A 313 -15.24 -20.45 3.98
CA ALA A 313 -13.91 -19.79 4.05
C ALA A 313 -12.84 -20.86 3.84
N ASN A 314 -11.83 -20.58 3.02
CA ASN A 314 -10.73 -21.52 2.69
C ASN A 314 -9.72 -21.44 3.84
N LYS A 315 -9.43 -22.57 4.48
CA LYS A 315 -8.53 -22.64 5.68
C LYS A 315 -7.11 -23.03 5.27
N ASP A 316 -6.88 -23.31 3.97
CA ASP A 316 -5.55 -23.67 3.39
C ASP A 316 -4.80 -22.40 2.97
N VAL A 317 -5.46 -21.24 2.99
CA VAL A 317 -4.86 -19.93 2.60
C VAL A 317 -3.66 -19.70 3.52
N ARG A 318 -2.51 -19.30 2.95
CA ARG A 318 -1.23 -19.02 3.66
C ARG A 318 -0.83 -17.57 3.42
N ASN A 319 -0.49 -16.86 4.49
CA ASN A 319 -0.08 -15.42 4.45
C ASN A 319 1.39 -15.34 4.00
N TYR A 320 1.98 -14.15 4.05
CA TYR A 320 3.31 -13.86 3.44
C TYR A 320 4.45 -14.46 4.28
N ASN A 321 4.18 -14.93 5.50
CA ASN A 321 5.12 -15.72 6.34
C ASN A 321 4.94 -17.22 6.09
N SER A 322 4.08 -17.56 5.13
CA SER A 322 3.71 -18.96 4.75
C SER A 322 3.06 -19.69 5.92
N GLN A 323 2.21 -19.01 6.69
CA GLN A 323 1.42 -19.58 7.81
C GLN A 323 -0.05 -19.76 7.40
N THR A 324 -0.63 -20.93 7.65
CA THR A 324 -2.09 -21.14 7.58
C THR A 324 -2.69 -20.62 8.88
N ALA A 325 -4.00 -20.42 8.89
CA ALA A 325 -4.74 -20.00 10.11
C ALA A 325 -4.46 -21.02 11.22
N PHE A 326 -4.49 -22.32 10.89
CA PHE A 326 -4.13 -23.42 11.83
C PHE A 326 -2.75 -23.17 12.48
N GLN A 327 -1.74 -22.91 11.66
CA GLN A 327 -0.34 -22.65 12.08
C GLN A 327 -0.26 -21.35 12.90
N VAL A 328 -1.02 -20.31 12.55
CA VAL A 328 -1.06 -19.02 13.31
C VAL A 328 -1.58 -19.31 14.72
N ALA A 329 -2.63 -20.12 14.82
CA ALA A 329 -3.26 -20.50 16.12
C ALA A 329 -2.23 -21.19 17.01
N ILE A 330 -1.49 -22.14 16.42
CA ILE A 330 -0.46 -22.97 17.12
C ILE A 330 0.59 -22.05 17.72
N ILE A 331 1.14 -21.15 16.90
CA ILE A 331 2.22 -20.19 17.30
C ILE A 331 1.69 -19.25 18.40
N ALA A 332 0.42 -18.86 18.33
CA ALA A 332 -0.26 -17.96 19.29
C ALA A 332 -0.54 -18.69 20.61
N GLY A 333 -0.78 -20.00 20.57
CA GLY A 333 -1.03 -20.83 21.77
C GLY A 333 -2.48 -21.28 21.88
N ASN A 334 -3.31 -20.98 20.87
CA ASN A 334 -4.75 -21.32 20.87
C ASN A 334 -4.92 -22.72 20.25
N PHE A 335 -4.58 -23.77 21.02
CA PHE A 335 -4.50 -25.19 20.57
C PHE A 335 -5.90 -25.73 20.29
N GLU A 336 -6.88 -25.35 21.12
CA GLU A 336 -8.32 -25.73 21.00
C GLU A 336 -8.86 -25.17 19.67
N LEU A 337 -8.54 -23.92 19.34
CA LEU A 337 -8.98 -23.24 18.09
C LEU A 337 -8.39 -23.95 16.86
N ALA A 338 -7.11 -24.33 16.90
CA ALA A 338 -6.43 -25.06 15.81
C ALA A 338 -7.11 -26.42 15.56
N GLU A 339 -7.57 -27.09 16.63
CA GLU A 339 -8.28 -28.39 16.55
C GLU A 339 -9.58 -28.19 15.76
N VAL A 340 -10.31 -27.10 16.06
CA VAL A 340 -11.58 -26.71 15.36
C VAL A 340 -11.30 -26.55 13.87
N ILE A 341 -10.25 -25.79 13.50
CA ILE A 341 -9.86 -25.52 12.09
C ILE A 341 -9.41 -26.82 11.41
N LYS A 342 -8.57 -27.65 12.03
CA LYS A 342 -8.09 -28.91 11.38
C LYS A 342 -9.27 -29.88 11.23
N THR A 343 -10.12 -29.96 12.26
CA THR A 343 -11.27 -30.89 12.37
C THR A 343 -12.32 -30.56 11.30
N HIS A 344 -12.45 -29.28 10.92
CA HIS A 344 -13.49 -28.78 9.97
C HIS A 344 -13.31 -29.44 8.59
N LYS A 345 -14.41 -29.85 7.95
CA LYS A 345 -14.46 -30.58 6.65
C LYS A 345 -15.47 -29.89 5.73
N ASP A 346 -15.32 -30.08 4.41
CA ASP A 346 -16.15 -29.41 3.38
C ASP A 346 -17.64 -29.75 3.55
N SER A 347 -17.99 -30.93 4.05
CA SER A 347 -19.39 -31.35 4.35
C SER A 347 -20.05 -30.38 5.34
N ASP A 348 -19.26 -29.81 6.27
CA ASP A 348 -19.76 -28.87 7.32
C ASP A 348 -20.15 -27.51 6.69
N VAL A 349 -19.65 -27.17 5.50
CA VAL A 349 -19.90 -25.83 4.91
C VAL A 349 -21.34 -25.75 4.44
N VAL A 350 -21.99 -24.63 4.72
CA VAL A 350 -23.40 -24.27 4.36
C VAL A 350 -23.37 -22.96 3.59
N PRO A 351 -23.65 -22.95 2.26
CA PRO A 351 -23.75 -21.70 1.51
C PRO A 351 -24.93 -20.91 2.05
N PHE A 352 -24.95 -19.60 1.84
CA PHE A 352 -26.06 -18.74 2.35
C PHE A 352 -27.35 -19.18 1.66
N ARG A 353 -28.40 -19.48 2.44
CA ARG A 353 -29.80 -19.80 2.03
C ARG A 353 -30.33 -18.87 0.92
N GLU A 354 -30.45 -17.56 1.18
CA GLU A 354 -31.20 -16.62 0.30
C GLU A 354 -30.36 -15.38 0.01
N THR A 355 -30.79 -14.61 -1.00
CA THR A 355 -30.13 -13.36 -1.43
C THR A 355 -30.50 -12.25 -0.44
N PRO A 356 -29.59 -11.29 -0.19
CA PRO A 356 -29.86 -10.20 0.73
C PRO A 356 -30.87 -9.20 0.11
N SER A 357 -31.51 -8.43 0.98
CA SER A 357 -32.54 -7.41 0.66
C SER A 357 -31.94 -6.01 0.81
N TYR A 358 -32.25 -5.10 -0.12
CA TYR A 358 -31.80 -3.68 -0.12
C TYR A 358 -33.01 -2.74 -0.17
N ALA A 359 -32.86 -1.52 0.38
CA ALA A 359 -33.85 -0.42 0.29
C ALA A 359 -33.80 0.19 -1.12
N LYS A 360 -34.79 1.02 -1.48
CA LYS A 360 -34.87 1.66 -2.83
C LYS A 360 -34.61 3.17 -2.66
N ARG A 361 -33.78 3.54 -1.69
CA ARG A 361 -33.61 4.96 -1.26
C ARG A 361 -32.93 5.79 -2.36
N ARG A 362 -31.97 5.22 -3.12
CA ARG A 362 -31.26 5.99 -4.18
C ARG A 362 -30.72 5.05 -5.26
N ARG A 363 -30.68 5.56 -6.49
CA ARG A 363 -30.22 4.80 -7.69
C ARG A 363 -28.71 4.63 -7.55
N LEU A 364 -28.20 3.50 -8.02
CA LEU A 364 -26.77 3.13 -7.85
C LEU A 364 -25.90 3.94 -8.81
N ALA A 365 -24.81 4.50 -8.28
CA ALA A 365 -23.79 5.31 -9.00
C ALA A 365 -23.25 4.49 -10.18
N GLY A 366 -23.08 5.11 -11.35
CA GLY A 366 -22.71 4.42 -12.59
C GLY A 366 -23.93 4.08 -13.44
N PRO A 367 -23.70 3.62 -14.68
CA PRO A 367 -24.81 3.31 -15.60
C PRO A 367 -25.58 2.03 -15.26
N SER A 368 -26.80 1.93 -15.77
CA SER A 368 -27.51 0.65 -16.04
C SER A 368 -28.00 0.67 -17.49
N GLY A 369 -27.45 -0.23 -18.34
CA GLY A 369 -27.66 -0.34 -19.80
C GLY A 369 -28.70 0.61 -20.36
N ALA B 12 5.13 -10.41 17.28
CA ALA B 12 6.35 -11.10 16.76
C ALA B 12 7.06 -11.83 17.91
N SER B 13 7.69 -12.97 17.59
CA SER B 13 8.45 -13.83 18.52
C SER B 13 9.95 -13.55 18.34
N ALA B 14 10.30 -12.37 17.80
CA ALA B 14 11.63 -11.98 17.28
C ALA B 14 12.68 -12.11 18.40
N VAL B 15 13.90 -12.50 18.02
CA VAL B 15 15.08 -12.60 18.94
C VAL B 15 16.19 -11.72 18.37
N VAL B 16 17.16 -11.37 19.20
CA VAL B 16 18.28 -10.46 18.81
C VAL B 16 19.41 -11.32 18.23
N VAL B 17 19.86 -10.95 17.04
CA VAL B 17 20.92 -11.68 16.29
C VAL B 17 21.97 -10.66 15.88
N ARG B 18 23.24 -10.96 16.18
CA ARG B 18 24.40 -10.17 15.73
C ARG B 18 24.77 -10.67 14.33
N VAL B 19 24.63 -9.78 13.34
CA VAL B 19 24.92 -10.04 11.91
C VAL B 19 26.10 -9.14 11.52
N GLY B 20 27.21 -9.76 11.11
CA GLY B 20 28.42 -9.06 10.64
C GLY B 20 28.50 -9.06 9.13
N ILE B 21 28.68 -7.88 8.54
CA ILE B 21 28.94 -7.72 7.08
C ILE B 21 30.45 -7.58 6.94
N PRO B 22 31.20 -8.66 6.61
CA PRO B 22 32.66 -8.58 6.52
C PRO B 22 33.07 -7.55 5.47
N ASP B 23 32.37 -7.56 4.34
CA ASP B 23 32.68 -6.71 3.17
C ASP B 23 32.66 -5.23 3.57
N LEU B 24 31.72 -4.81 4.43
CA LEU B 24 31.61 -3.40 4.94
C LEU B 24 32.36 -3.25 6.27
N GLN B 25 32.88 -4.35 6.83
CA GLN B 25 33.51 -4.40 8.18
C GLN B 25 32.56 -3.80 9.25
N GLN B 26 31.27 -4.13 9.16
CA GLN B 26 30.22 -3.71 10.14
C GLN B 26 29.63 -4.93 10.84
N THR B 27 29.27 -4.78 12.12
CA THR B 27 28.44 -5.75 12.88
C THR B 27 27.19 -5.01 13.32
N LYS B 28 26.02 -5.58 13.02
CA LYS B 28 24.70 -5.03 13.36
C LYS B 28 23.95 -6.08 14.16
N CYS B 29 23.60 -5.74 15.40
CA CYS B 29 22.57 -6.45 16.19
C CYS B 29 21.16 -5.98 15.75
N LEU B 30 20.35 -6.92 15.28
CA LEU B 30 18.98 -6.69 14.75
C LEU B 30 18.00 -7.69 15.36
N ARG B 31 16.72 -7.31 15.39
CA ARG B 31 15.62 -8.19 15.83
C ARG B 31 15.14 -8.96 14.61
N LEU B 32 15.26 -10.29 14.61
CA LEU B 32 14.86 -11.15 13.48
C LEU B 32 13.82 -12.16 13.96
N ASP B 33 12.79 -12.39 13.12
CA ASP B 33 11.62 -13.27 13.39
C ASP B 33 11.97 -14.69 12.99
N PRO B 34 12.19 -15.59 13.97
CA PRO B 34 12.50 -16.98 13.67
C PRO B 34 11.34 -17.66 12.92
N THR B 35 10.10 -17.30 13.26
CA THR B 35 8.85 -17.87 12.68
C THR B 35 8.64 -17.34 11.24
N ALA B 36 9.21 -16.18 10.93
CA ALA B 36 9.13 -15.58 9.58
C ALA B 36 10.16 -16.25 8.69
N PRO B 37 10.01 -16.20 7.36
CA PRO B 37 11.02 -16.74 6.44
C PRO B 37 12.32 -15.95 6.40
N VAL B 38 13.36 -16.60 5.90
CA VAL B 38 14.73 -16.01 5.82
C VAL B 38 14.67 -14.73 4.99
N TRP B 39 13.84 -14.67 3.95
CA TRP B 39 13.79 -13.48 3.05
CA TRP B 39 13.79 -13.48 3.05
C TRP B 39 13.47 -12.23 3.87
N ALA B 40 12.54 -12.36 4.81
CA ALA B 40 12.09 -11.30 5.72
C ALA B 40 13.29 -10.69 6.45
N ALA B 41 14.12 -11.57 7.04
CA ALA B 41 15.30 -11.24 7.85
C ALA B 41 16.35 -10.55 6.98
N LYS B 42 16.51 -11.03 5.74
CA LYS B 42 17.47 -10.46 4.77
C LYS B 42 17.07 -9.04 4.44
N GLN B 43 15.77 -8.79 4.25
CA GLN B 43 15.22 -7.43 3.95
C GLN B 43 15.60 -6.46 5.08
N ARG B 44 15.53 -6.92 6.34
CA ARG B 44 15.86 -6.14 7.55
C ARG B 44 17.36 -5.80 7.57
N VAL B 45 18.23 -6.75 7.23
CA VAL B 45 19.70 -6.51 7.15
C VAL B 45 19.95 -5.42 6.10
N LEU B 46 19.43 -5.57 4.89
CA LEU B 46 19.67 -4.59 3.77
C LEU B 46 19.14 -3.21 4.19
N CYS B 47 17.99 -3.15 4.84
CA CYS B 47 17.42 -1.85 5.24
C CYS B 47 18.39 -1.18 6.22
N ALA B 48 19.02 -1.95 7.11
CA ALA B 48 19.99 -1.47 8.13
C ALA B 48 21.28 -0.99 7.46
N LEU B 49 21.63 -1.57 6.31
CA LEU B 49 22.90 -1.32 5.56
C LEU B 49 22.91 0.07 4.91
N ASN B 50 21.77 0.75 4.81
CA ASN B 50 21.71 2.07 4.14
C ASN B 50 22.23 1.92 2.69
N HIS B 51 21.84 0.84 2.01
CA HIS B 51 22.07 0.60 0.55
C HIS B 51 23.55 0.45 0.19
N SER B 52 24.43 0.07 1.13
CA SER B 52 25.90 0.14 0.95
C SER B 52 26.36 -0.81 -0.17
N LEU B 53 25.72 -1.97 -0.32
CA LEU B 53 26.28 -3.15 -1.05
C LEU B 53 26.01 -3.02 -2.54
N GLN B 54 26.91 -3.58 -3.37
CA GLN B 54 26.72 -3.75 -4.84
C GLN B 54 26.33 -5.21 -5.11
N ASP B 55 25.28 -5.40 -5.91
CA ASP B 55 24.62 -6.72 -6.17
C ASP B 55 24.14 -7.30 -4.84
N ALA B 56 23.32 -6.52 -4.14
CA ALA B 56 22.87 -6.81 -2.77
C ALA B 56 22.00 -8.06 -2.76
N LEU B 57 21.26 -8.30 -3.83
CA LEU B 57 20.28 -9.41 -3.84
C LEU B 57 21.05 -10.73 -3.85
N ASN B 58 22.29 -10.76 -4.35
CA ASN B 58 23.09 -12.02 -4.38
C ASN B 58 23.91 -12.15 -3.09
N TYR B 59 23.71 -11.23 -2.14
CA TYR B 59 24.20 -11.39 -0.75
C TYR B 59 23.21 -12.31 0.00
N GLY B 60 23.69 -13.09 0.96
CA GLY B 60 22.78 -13.85 1.82
C GLY B 60 23.33 -14.02 3.21
N LEU B 61 22.46 -14.24 4.17
CA LEU B 61 22.86 -14.63 5.54
C LEU B 61 23.56 -15.98 5.44
N PHE B 62 24.65 -16.14 6.20
CA PHE B 62 25.55 -17.31 6.17
C PHE B 62 25.78 -17.86 7.59
N GLN B 63 25.65 -19.18 7.75
CA GLN B 63 25.93 -19.91 9.01
C GLN B 63 27.43 -20.20 9.07
N PRO B 64 28.20 -19.55 9.97
CA PRO B 64 29.62 -19.83 10.09
C PRO B 64 29.88 -21.30 10.40
N PRO B 65 31.00 -21.88 9.87
CA PRO B 65 31.41 -23.24 10.21
C PRO B 65 31.68 -23.36 11.71
N SER B 66 31.28 -24.46 12.35
CA SER B 66 31.39 -24.61 13.82
C SER B 66 31.38 -26.09 14.22
N ARG B 67 32.39 -26.49 15.01
CA ARG B 67 32.49 -27.83 15.67
C ARG B 67 32.51 -28.93 14.59
N GLY B 68 33.22 -28.72 13.47
CA GLY B 68 33.33 -29.68 12.35
C GLY B 68 32.22 -29.53 11.31
N ARG B 69 31.04 -29.02 11.74
CA ARG B 69 29.87 -28.72 10.88
C ARG B 69 30.28 -27.68 9.84
N ALA B 70 29.91 -27.89 8.59
CA ALA B 70 30.37 -27.06 7.46
C ALA B 70 29.64 -25.72 7.50
N GLY B 71 30.21 -24.73 6.79
CA GLY B 71 29.52 -23.48 6.48
C GLY B 71 28.46 -23.71 5.43
N LYS B 72 27.33 -22.99 5.51
CA LYS B 72 26.26 -22.97 4.47
C LYS B 72 25.49 -21.65 4.52
N PHE B 73 24.84 -21.31 3.41
CA PHE B 73 23.95 -20.13 3.26
C PHE B 73 22.53 -20.51 3.67
N LEU B 74 21.85 -19.64 4.41
CA LEU B 74 20.43 -19.81 4.76
C LEU B 74 19.67 -19.66 3.46
N ASP B 75 18.71 -20.56 3.21
CA ASP B 75 17.80 -20.47 2.05
C ASP B 75 16.79 -19.37 2.35
N GLU B 76 16.51 -18.49 1.39
CA GLU B 76 15.59 -17.33 1.58
C GLU B 76 14.15 -17.83 1.83
N GLU B 77 13.76 -18.93 1.17
CA GLU B 77 12.37 -19.45 1.24
C GLU B 77 12.19 -20.44 2.39
N ARG B 78 13.24 -20.73 3.17
CA ARG B 78 13.09 -21.51 4.44
C ARG B 78 12.79 -20.55 5.60
N LEU B 79 12.27 -21.04 6.73
CA LEU B 79 12.06 -20.22 7.94
C LEU B 79 13.42 -20.06 8.63
N LEU B 80 13.67 -18.92 9.26
CA LEU B 80 14.93 -18.65 10.01
C LEU B 80 15.11 -19.73 11.09
N GLN B 81 14.04 -20.21 11.71
CA GLN B 81 14.14 -21.12 12.90
C GLN B 81 14.53 -22.52 12.45
N ASP B 82 14.44 -22.82 11.14
CA ASP B 82 14.88 -24.11 10.50
C ASP B 82 16.40 -24.27 10.66
N TYR B 83 17.14 -23.17 10.74
CA TYR B 83 18.60 -23.16 11.01
C TYR B 83 18.83 -22.77 12.46
N PRO B 84 19.01 -23.71 13.42
CA PRO B 84 19.17 -23.31 14.82
C PRO B 84 20.50 -22.57 15.00
N PRO B 85 20.59 -21.61 15.96
CA PRO B 85 21.83 -20.87 16.15
C PRO B 85 22.77 -21.67 17.03
N ASN B 86 24.07 -21.43 16.87
CA ASN B 86 25.15 -21.88 17.78
C ASN B 86 25.05 -21.03 19.05
N LEU B 87 25.31 -21.64 20.22
CA LEU B 87 25.17 -21.01 21.57
C LEU B 87 26.55 -20.73 22.16
N ASP B 88 27.61 -20.76 21.36
CA ASP B 88 29.00 -20.43 21.81
C ASP B 88 29.09 -18.94 22.15
N THR B 89 28.61 -18.07 21.25
CA THR B 89 28.53 -16.58 21.40
C THR B 89 27.42 -16.21 22.40
N PRO B 90 27.52 -15.06 23.11
CA PRO B 90 26.45 -14.62 24.00
C PRO B 90 25.16 -14.32 23.21
N LEU B 91 25.31 -13.60 22.09
CA LEU B 91 24.24 -13.34 21.10
C LEU B 91 24.47 -14.24 19.89
N PRO B 92 23.44 -14.93 19.36
CA PRO B 92 23.60 -15.77 18.17
C PRO B 92 24.19 -14.95 17.01
N TYR B 93 25.17 -15.52 16.30
CA TYR B 93 25.92 -14.80 15.25
C TYR B 93 25.64 -15.44 13.89
N LEU B 94 25.18 -14.61 12.94
CA LEU B 94 25.07 -14.91 11.49
C LEU B 94 25.92 -13.89 10.70
N GLU B 95 26.34 -14.27 9.50
CA GLU B 95 27.16 -13.43 8.60
C GLU B 95 26.35 -13.08 7.36
N PHE B 96 26.43 -11.84 6.89
CA PHE B 96 25.91 -11.44 5.56
C PHE B 96 27.10 -11.44 4.58
N ARG B 97 27.06 -12.31 3.56
CA ARG B 97 28.17 -12.51 2.58
C ARG B 97 27.63 -12.60 1.15
N TYR B 98 28.46 -12.26 0.17
CA TYR B 98 28.21 -12.53 -1.27
C TYR B 98 28.12 -14.05 -1.49
N LYS B 99 27.18 -14.51 -2.33
CA LYS B 99 26.90 -15.95 -2.53
C LYS B 99 27.96 -16.51 -3.48
N ARG B 100 29.07 -16.95 -2.91
CA ARG B 100 30.18 -17.63 -3.63
C ARG B 100 30.12 -19.12 -3.29
N ARG B 101 30.77 -19.94 -4.10
CA ARG B 101 30.73 -21.42 -3.96
C ARG B 101 31.24 -21.76 -2.58
N VAL B 102 30.58 -22.63 -1.84
CA VAL B 102 31.17 -23.17 -0.58
C VAL B 102 32.15 -24.29 -0.97
N TYR B 103 33.45 -24.03 -0.86
CA TYR B 103 34.52 -25.05 -0.99
C TYR B 103 34.58 -25.80 0.35
N ALA B 104 34.48 -27.13 0.33
CA ALA B 104 34.50 -27.99 1.54
C ALA B 104 35.94 -28.16 2.05
N GLN B 105 36.59 -27.05 2.47
CA GLN B 105 37.97 -26.97 3.05
C GLN B 105 39.01 -27.35 1.99
N ASN B 106 38.63 -27.38 0.70
CA ASN B 106 39.53 -27.67 -0.44
C ASN B 106 40.12 -26.32 -0.90
N LEU B 107 41.44 -26.20 -0.90
CA LEU B 107 42.13 -24.97 -1.35
C LEU B 107 43.25 -25.36 -2.32
N ILE B 108 43.33 -24.65 -3.45
CA ILE B 108 44.46 -24.74 -4.43
C ILE B 108 45.07 -23.33 -4.49
N ASP B 109 46.28 -23.21 -5.04
CA ASP B 109 47.09 -21.96 -5.06
C ASP B 109 46.23 -20.79 -5.55
N ASP B 110 46.34 -19.64 -4.87
CA ASP B 110 45.59 -18.39 -5.15
C ASP B 110 45.85 -17.97 -6.61
N LYS B 111 47.05 -18.27 -7.13
CA LYS B 111 47.38 -18.20 -8.58
C LYS B 111 46.44 -19.11 -9.38
N GLN B 112 46.37 -20.40 -9.03
CA GLN B 112 45.57 -21.43 -9.76
C GLN B 112 44.12 -20.92 -9.83
N PHE B 113 43.58 -20.43 -8.72
CA PHE B 113 42.20 -19.86 -8.67
C PHE B 113 42.19 -18.58 -9.50
N ALA B 114 43.14 -17.66 -9.27
CA ALA B 114 43.25 -16.36 -9.98
C ALA B 114 43.17 -16.58 -11.48
N LYS B 115 43.85 -17.61 -11.99
CA LYS B 115 43.84 -17.96 -13.44
C LYS B 115 42.42 -18.38 -13.83
N LEU B 116 41.87 -19.38 -13.14
CA LEU B 116 40.55 -19.99 -13.44
C LEU B 116 39.44 -18.93 -13.53
N HIS B 117 39.54 -17.84 -12.76
CA HIS B 117 38.47 -16.82 -12.60
C HIS B 117 38.80 -15.49 -13.31
N THR B 118 39.72 -15.51 -14.29
CA THR B 118 39.95 -14.33 -15.17
C THR B 118 38.72 -14.13 -16.06
N LYS B 119 38.48 -12.87 -16.43
CA LYS B 119 37.39 -12.43 -17.33
C LYS B 119 37.27 -13.40 -18.53
N ALA B 120 38.40 -13.62 -19.23
CA ALA B 120 38.56 -14.43 -20.46
C ALA B 120 38.15 -15.89 -20.23
N ASN B 121 38.67 -16.46 -19.13
CA ASN B 121 38.44 -17.88 -18.74
C ASN B 121 36.95 -18.08 -18.43
N LEU B 122 36.36 -17.15 -17.66
CA LEU B 122 34.91 -17.15 -17.28
C LEU B 122 34.06 -17.07 -18.55
N LYS B 123 34.40 -16.17 -19.48
CA LYS B 123 33.66 -15.99 -20.76
C LYS B 123 33.69 -17.32 -21.54
N LYS B 124 34.86 -17.95 -21.62
CA LYS B 124 35.08 -19.28 -22.26
C LYS B 124 34.15 -20.31 -21.61
N PHE B 125 34.08 -20.33 -20.27
CA PHE B 125 33.23 -21.25 -19.46
C PHE B 125 31.75 -21.05 -19.78
N MET B 126 31.29 -19.79 -19.80
CA MET B 126 29.89 -19.42 -20.13
C MET B 126 29.56 -19.91 -21.55
N ASP B 127 30.53 -19.78 -22.46
CA ASP B 127 30.35 -20.18 -23.88
C ASP B 127 30.18 -21.71 -23.92
N TYR B 128 30.89 -22.48 -23.08
CA TYR B 128 30.72 -23.95 -22.99
C TYR B 128 29.27 -24.28 -22.57
N VAL B 129 28.73 -23.56 -21.58
CA VAL B 129 27.31 -23.72 -21.11
C VAL B 129 26.38 -23.34 -22.26
N GLN B 130 26.62 -22.19 -22.92
CA GLN B 130 25.81 -21.67 -24.05
C GLN B 130 25.75 -22.73 -25.16
N LEU B 131 26.88 -23.38 -25.44
CA LEU B 131 27.08 -24.37 -26.54
C LEU B 131 26.79 -25.79 -26.01
N HIS B 132 26.34 -25.91 -24.75
CA HIS B 132 25.86 -27.16 -24.10
C HIS B 132 26.99 -28.20 -24.02
N SER B 133 28.23 -27.78 -23.76
CA SER B 133 29.40 -28.68 -23.60
C SER B 133 29.50 -29.18 -22.15
N THR B 134 28.57 -30.04 -21.74
CA THR B 134 28.38 -30.55 -20.35
C THR B 134 29.71 -31.07 -19.74
N ASP B 135 30.38 -31.97 -20.44
CA ASP B 135 31.54 -32.75 -19.91
C ASP B 135 32.72 -31.80 -19.67
N LYS B 136 32.93 -30.81 -20.56
CA LYS B 136 34.01 -29.79 -20.39
C LYS B 136 33.65 -28.85 -19.24
N VAL B 137 32.35 -28.51 -19.09
CA VAL B 137 31.86 -27.63 -17.98
C VAL B 137 32.20 -28.33 -16.66
N ALA B 138 31.90 -29.63 -16.55
CA ALA B 138 32.15 -30.46 -15.35
C ALA B 138 33.65 -30.42 -14.96
N ARG B 139 34.53 -30.49 -15.97
CA ARG B 139 36.01 -30.52 -15.77
C ARG B 139 36.45 -29.23 -15.10
N LEU B 140 35.96 -28.08 -15.57
CA LEU B 140 36.39 -26.76 -15.03
C LEU B 140 35.88 -26.62 -13.59
N LEU B 141 34.68 -27.12 -13.31
CA LEU B 141 34.09 -27.14 -11.93
C LEU B 141 34.94 -28.01 -11.01
N ASP B 142 35.33 -29.21 -11.47
CA ASP B 142 36.23 -30.13 -10.72
C ASP B 142 37.53 -29.42 -10.33
N LYS B 143 38.07 -28.62 -11.25
CA LYS B 143 39.32 -27.83 -11.06
C LYS B 143 39.12 -26.75 -9.97
N GLY B 144 37.90 -26.24 -9.83
CA GLY B 144 37.50 -25.35 -8.72
C GLY B 144 36.99 -23.98 -9.16
N LEU B 145 36.64 -23.82 -10.44
CA LEU B 145 35.99 -22.57 -10.95
C LEU B 145 34.67 -22.34 -10.19
N ASP B 146 34.43 -21.08 -9.80
CA ASP B 146 33.26 -20.62 -9.03
C ASP B 146 32.17 -20.21 -9.99
N PRO B 147 31.09 -21.00 -10.14
CA PRO B 147 30.08 -20.75 -11.17
C PRO B 147 29.16 -19.56 -10.88
N ASN B 148 29.26 -18.96 -9.68
CA ASN B 148 28.37 -17.86 -9.25
C ASN B 148 29.00 -16.51 -9.65
N PHE B 149 28.83 -16.12 -10.92
CA PHE B 149 29.34 -14.85 -11.54
C PHE B 149 28.40 -14.44 -12.67
N HIS B 150 28.53 -13.22 -13.18
CA HIS B 150 27.70 -12.68 -14.28
C HIS B 150 28.58 -12.43 -15.53
N ASP B 151 28.09 -12.76 -16.72
CA ASP B 151 28.65 -12.22 -17.98
C ASP B 151 28.37 -10.72 -17.98
N PRO B 152 29.36 -9.83 -18.22
CA PRO B 152 29.12 -8.39 -18.10
C PRO B 152 28.05 -7.84 -19.07
N ASP B 153 28.15 -8.19 -20.36
CA ASP B 153 27.25 -7.68 -21.43
C ASP B 153 25.88 -8.35 -21.25
N SER B 154 25.87 -9.68 -21.13
CA SER B 154 24.67 -10.55 -21.07
C SER B 154 23.95 -10.36 -19.74
N GLY B 155 24.70 -10.28 -18.64
CA GLY B 155 24.20 -10.13 -17.26
C GLY B 155 23.67 -11.45 -16.71
N GLU B 156 23.96 -12.58 -17.34
CA GLU B 156 23.34 -13.87 -16.97
C GLU B 156 24.39 -14.71 -16.26
N CYS B 157 24.04 -15.36 -15.17
CA CYS B 157 24.91 -16.37 -14.53
C CYS B 157 24.77 -17.68 -15.32
N PRO B 158 25.73 -18.61 -15.17
CA PRO B 158 25.72 -19.84 -15.95
C PRO B 158 24.41 -20.62 -15.75
N LEU B 159 23.91 -20.67 -14.51
CA LEU B 159 22.72 -21.48 -14.16
C LEU B 159 21.50 -20.94 -14.90
N SER B 160 21.38 -19.61 -15.01
CA SER B 160 20.26 -18.93 -15.69
C SER B 160 20.29 -19.27 -17.18
N LEU B 161 21.50 -19.33 -17.76
CA LEU B 161 21.73 -19.66 -19.18
C LEU B 161 21.35 -21.14 -19.41
N ALA B 162 21.81 -22.04 -18.53
CA ALA B 162 21.50 -23.49 -18.61
C ALA B 162 19.99 -23.71 -18.65
N ALA B 163 19.21 -22.94 -17.88
CA ALA B 163 17.74 -23.10 -17.76
C ALA B 163 17.06 -22.86 -19.11
N GLN B 164 17.67 -22.02 -19.97
CA GLN B 164 17.16 -21.66 -21.33
C GLN B 164 17.30 -22.86 -22.29
N LEU B 165 18.35 -23.67 -22.15
CA LEU B 165 18.71 -24.77 -23.10
C LEU B 165 17.75 -25.94 -22.93
N ASP B 166 17.44 -26.62 -24.02
CA ASP B 166 16.53 -27.80 -24.02
C ASP B 166 17.33 -29.03 -23.63
N ASN B 167 16.71 -29.94 -22.88
CA ASN B 167 17.38 -31.13 -22.32
C ASN B 167 18.65 -30.65 -21.60
N ALA B 168 18.49 -29.69 -20.68
CA ALA B 168 19.56 -29.06 -19.89
C ALA B 168 19.74 -29.78 -18.54
N THR B 169 18.99 -30.85 -18.28
CA THR B 169 18.98 -31.57 -16.99
C THR B 169 20.40 -32.02 -16.63
N ASP B 170 21.11 -32.60 -17.60
CA ASP B 170 22.52 -33.05 -17.40
C ASP B 170 23.37 -31.84 -17.01
N LEU B 171 23.21 -30.68 -17.64
CA LEU B 171 24.02 -29.46 -17.37
C LEU B 171 23.65 -28.87 -16.01
N LEU B 172 22.36 -28.84 -15.68
CA LEU B 172 21.84 -28.22 -14.43
C LEU B 172 22.38 -29.02 -13.24
N LYS B 173 22.29 -30.35 -13.32
CA LYS B 173 22.82 -31.29 -12.29
C LYS B 173 24.33 -31.00 -12.10
N VAL B 174 25.09 -30.88 -13.19
CA VAL B 174 26.57 -30.70 -13.18
C VAL B 174 26.90 -29.37 -12.49
N LEU B 175 26.18 -28.30 -12.85
CA LEU B 175 26.40 -26.93 -12.31
C LEU B 175 26.12 -26.91 -10.81
N ARG B 176 25.01 -27.52 -10.38
CA ARG B 176 24.59 -27.57 -8.95
C ARG B 176 25.63 -28.39 -8.18
N ASN B 177 26.13 -29.49 -8.74
CA ASN B 177 27.22 -30.32 -8.15
C ASN B 177 28.51 -29.51 -8.08
N GLY B 178 28.78 -28.68 -9.10
CA GLY B 178 29.92 -27.77 -9.20
C GLY B 178 29.86 -26.60 -8.22
N GLY B 179 28.75 -26.42 -7.49
CA GLY B 179 28.65 -25.43 -6.39
C GLY B 179 27.94 -24.15 -6.80
N ALA B 180 27.26 -24.15 -7.95
CA ALA B 180 26.34 -23.07 -8.39
C ALA B 180 25.18 -23.02 -7.40
N HIS B 181 24.76 -21.82 -7.01
CA HIS B 181 23.60 -21.58 -6.11
C HIS B 181 22.31 -21.55 -6.94
N LEU B 182 21.28 -22.30 -6.50
CA LEU B 182 19.93 -22.36 -7.14
C LEU B 182 19.26 -20.97 -7.14
N ASP B 183 19.40 -20.22 -6.02
CA ASP B 183 18.79 -18.88 -5.84
C ASP B 183 19.73 -17.77 -6.35
N PHE B 184 20.85 -18.12 -6.98
CA PHE B 184 21.73 -17.09 -7.58
C PHE B 184 20.88 -16.35 -8.60
N ARG B 185 20.81 -15.03 -8.45
CA ARG B 185 20.01 -14.15 -9.32
C ARG B 185 20.93 -13.58 -10.40
N THR B 186 20.34 -13.29 -11.56
CA THR B 186 21.00 -12.58 -12.70
C THR B 186 21.11 -11.10 -12.34
N ARG B 187 21.82 -10.33 -13.15
CA ARG B 187 22.02 -8.88 -12.89
C ARG B 187 20.64 -8.26 -12.62
N ASP B 188 19.63 -8.65 -13.39
CA ASP B 188 18.27 -8.04 -13.33
C ASP B 188 17.48 -8.57 -12.12
N GLY B 189 17.96 -9.61 -11.44
CA GLY B 189 17.35 -10.07 -10.19
C GLY B 189 16.53 -11.33 -10.35
N LEU B 190 16.48 -11.93 -11.54
CA LEU B 190 15.77 -13.22 -11.77
C LEU B 190 16.69 -14.38 -11.41
N THR B 191 16.12 -15.46 -10.85
CA THR B 191 16.84 -16.72 -10.57
C THR B 191 16.68 -17.66 -11.77
N ALA B 192 17.40 -18.78 -11.74
CA ALA B 192 17.29 -19.87 -12.75
C ALA B 192 15.85 -20.36 -12.84
N VAL B 193 15.14 -20.41 -11.70
CA VAL B 193 13.74 -20.89 -11.63
C VAL B 193 12.84 -19.88 -12.36
N HIS B 194 13.05 -18.58 -12.16
CA HIS B 194 12.37 -17.50 -12.91
C HIS B 194 12.60 -17.71 -14.41
N CYS B 195 13.86 -17.93 -14.80
CA CYS B 195 14.35 -18.02 -16.21
C CYS B 195 13.77 -19.29 -16.86
N ALA B 196 13.71 -20.42 -16.16
CA ALA B 196 13.13 -21.67 -16.70
C ALA B 196 11.66 -21.44 -17.08
N THR B 197 10.90 -20.82 -16.19
CA THR B 197 9.45 -20.51 -16.33
C THR B 197 9.21 -19.54 -17.48
N ARG B 198 10.03 -18.49 -17.59
CA ARG B 198 9.88 -17.46 -18.65
C ARG B 198 10.04 -18.13 -20.02
N GLN B 199 10.99 -19.06 -20.18
CA GLN B 199 11.26 -19.78 -21.46
C GLN B 199 10.25 -20.90 -21.64
N ARG B 200 9.38 -21.13 -20.66
CA ARG B 200 8.41 -22.26 -20.68
C ARG B 200 9.17 -23.59 -20.82
N ASN B 201 10.33 -23.72 -20.18
CA ASN B 201 11.17 -24.96 -20.23
C ASN B 201 10.80 -25.84 -19.05
N ALA B 202 9.86 -26.76 -19.26
CA ALA B 202 9.27 -27.64 -18.22
C ALA B 202 10.37 -28.53 -17.61
N GLY B 203 11.24 -29.06 -18.48
CA GLY B 203 12.33 -29.98 -18.11
C GLY B 203 13.31 -29.33 -17.16
N ALA B 204 13.78 -28.13 -17.50
CA ALA B 204 14.72 -27.33 -16.70
C ALA B 204 14.10 -27.02 -15.34
N LEU B 205 12.85 -26.55 -15.33
CA LEU B 205 12.17 -26.14 -14.08
C LEU B 205 12.06 -27.36 -13.17
N THR B 206 11.62 -28.49 -13.71
CA THR B 206 11.39 -29.71 -12.91
C THR B 206 12.71 -30.11 -12.23
N THR B 207 13.83 -30.04 -12.96
CA THR B 207 15.18 -30.45 -12.47
C THR B 207 15.60 -29.51 -11.35
N LEU B 208 15.48 -28.20 -11.54
CA LEU B 208 15.82 -27.20 -10.50
C LEU B 208 15.04 -27.53 -9.23
N LEU B 209 13.73 -27.81 -9.36
CA LEU B 209 12.85 -28.13 -8.19
C LEU B 209 13.36 -29.44 -7.59
N ASP B 210 13.75 -30.39 -8.45
CA ASP B 210 14.26 -31.74 -8.07
C ASP B 210 15.56 -31.61 -7.27
N LEU B 211 16.38 -30.59 -7.58
CA LEU B 211 17.73 -30.35 -7.01
C LEU B 211 17.67 -29.56 -5.69
N GLY B 212 16.50 -29.37 -5.09
CA GLY B 212 16.35 -28.65 -3.81
C GLY B 212 15.97 -27.19 -3.96
N ALA B 213 15.70 -26.70 -5.17
CA ALA B 213 15.24 -25.32 -5.42
C ALA B 213 13.81 -25.15 -4.90
N SER B 214 13.51 -23.99 -4.32
CA SER B 214 12.13 -23.59 -3.97
C SER B 214 11.50 -22.88 -5.16
N PRO B 215 10.19 -23.10 -5.41
CA PRO B 215 9.50 -22.46 -6.51
C PRO B 215 9.07 -21.03 -6.21
N ASP B 216 9.29 -20.58 -4.97
CA ASP B 216 8.80 -19.29 -4.42
C ASP B 216 9.89 -18.21 -4.39
N TYR B 217 11.01 -18.40 -5.10
CA TYR B 217 12.14 -17.43 -5.10
C TYR B 217 11.60 -16.09 -5.60
N LYS B 218 11.94 -14.99 -4.92
CA LYS B 218 11.46 -13.63 -5.29
C LYS B 218 12.51 -12.92 -6.16
N ASP B 219 12.07 -12.02 -7.03
CA ASP B 219 12.94 -11.22 -7.93
C ASP B 219 13.17 -9.84 -7.29
N SER B 220 13.66 -8.87 -8.04
CA SER B 220 13.92 -7.46 -7.60
C SER B 220 12.67 -6.82 -7.03
N ARG B 221 11.52 -7.03 -7.67
CA ARG B 221 10.22 -6.43 -7.27
C ARG B 221 9.43 -7.38 -6.37
N GLY B 222 9.99 -8.52 -6.01
CA GLY B 222 9.36 -9.49 -5.09
C GLY B 222 8.38 -10.40 -5.79
N LEU B 223 8.41 -10.39 -7.13
CA LEU B 223 7.53 -11.25 -7.98
C LEU B 223 8.13 -12.67 -8.05
N THR B 224 7.25 -13.68 -7.97
CA THR B 224 7.58 -15.13 -7.95
C THR B 224 7.60 -15.66 -9.37
N PRO B 225 8.19 -16.85 -9.64
CA PRO B 225 8.13 -17.46 -10.98
C PRO B 225 6.69 -17.70 -11.45
N LEU B 226 5.79 -18.15 -10.55
CA LEU B 226 4.34 -18.30 -10.83
C LEU B 226 3.79 -16.97 -11.35
N TYR B 227 4.13 -15.86 -10.70
CA TYR B 227 3.68 -14.49 -11.11
C TYR B 227 4.20 -14.19 -12.52
N HIS B 228 5.46 -14.51 -12.80
CA HIS B 228 6.07 -14.31 -14.14
C HIS B 228 5.29 -15.11 -15.19
N SER B 229 4.86 -16.34 -14.88
CA SER B 229 4.16 -17.20 -15.87
C SER B 229 2.82 -16.56 -16.25
N ALA B 230 2.09 -16.02 -15.26
CA ALA B 230 0.78 -15.35 -15.45
C ALA B 230 0.97 -14.10 -16.35
N LEU B 231 2.07 -13.36 -16.18
CA LEU B 231 2.43 -12.23 -17.07
C LEU B 231 2.69 -12.74 -18.50
N GLY B 232 3.45 -13.83 -18.64
CA GLY B 232 3.95 -14.32 -19.94
C GLY B 232 2.93 -15.16 -20.71
N GLY B 233 2.02 -15.86 -20.01
CA GLY B 233 1.04 -16.75 -20.65
C GLY B 233 1.73 -17.88 -21.42
N GLY B 234 1.29 -18.08 -22.67
CA GLY B 234 1.78 -19.15 -23.57
C GLY B 234 1.52 -20.53 -22.99
N ASP B 235 2.46 -21.46 -23.18
CA ASP B 235 2.40 -22.83 -22.61
C ASP B 235 2.21 -22.72 -21.09
N ALA B 236 1.23 -23.43 -20.55
CA ALA B 236 0.78 -23.35 -19.13
C ALA B 236 1.37 -24.51 -18.32
N ARG B 237 2.27 -25.31 -18.90
CA ARG B 237 2.84 -26.49 -18.18
C ARG B 237 3.65 -26.01 -16.96
N CYS B 238 4.54 -25.02 -17.10
CA CYS B 238 5.40 -24.49 -16.00
C CYS B 238 4.54 -23.95 -14.83
N CYS B 239 3.48 -23.20 -15.16
CA CYS B 239 2.50 -22.66 -14.18
C CYS B 239 1.97 -23.82 -13.32
N GLU B 240 1.57 -24.92 -13.96
CA GLU B 240 0.96 -26.08 -13.27
C GLU B 240 2.02 -26.75 -12.42
N LEU B 241 3.24 -26.92 -12.94
CA LEU B 241 4.39 -27.55 -12.21
C LEU B 241 4.67 -26.74 -10.93
N LEU B 242 4.71 -25.40 -10.99
CA LEU B 242 4.95 -24.55 -9.80
C LEU B 242 3.80 -24.76 -8.81
N LEU B 243 2.53 -24.73 -9.27
CA LEU B 243 1.35 -24.88 -8.38
C LEU B 243 1.32 -26.29 -7.79
N HIS B 244 1.80 -27.28 -8.56
CA HIS B 244 1.91 -28.70 -8.14
C HIS B 244 2.95 -28.82 -7.03
N ASP B 245 3.91 -27.90 -7.00
CA ASP B 245 5.07 -27.92 -6.07
C ASP B 245 4.72 -27.09 -4.83
N HIS B 246 3.43 -26.86 -4.61
CA HIS B 246 2.89 -26.03 -3.50
C HIS B 246 3.43 -24.60 -3.61
N ALA B 247 3.63 -24.11 -4.84
CA ALA B 247 4.03 -22.71 -5.13
C ALA B 247 3.09 -21.72 -4.41
N GLN B 248 3.61 -20.57 -4.00
CA GLN B 248 2.79 -19.63 -3.19
C GLN B 248 1.93 -18.80 -4.13
N LEU B 249 0.75 -18.42 -3.61
CA LEU B 249 -0.34 -17.74 -4.37
C LEU B 249 -0.68 -16.44 -3.68
N GLY B 250 -1.03 -15.41 -4.45
CA GLY B 250 -1.51 -14.11 -3.94
C GLY B 250 -0.38 -13.12 -3.79
N THR B 251 0.76 -13.42 -4.43
CA THR B 251 1.84 -12.44 -4.66
C THR B 251 1.24 -11.24 -5.38
N THR B 252 1.54 -10.02 -4.91
CA THR B 252 1.02 -8.77 -5.51
C THR B 252 2.15 -7.80 -5.79
N ASP B 253 2.01 -7.06 -6.90
CA ASP B 253 2.91 -5.99 -7.36
C ASP B 253 2.61 -4.68 -6.61
N GLU B 254 3.16 -3.58 -7.12
CA GLU B 254 3.07 -2.23 -6.48
C GLU B 254 1.60 -1.79 -6.42
N ASN B 255 0.81 -2.11 -7.44
CA ASN B 255 -0.60 -1.65 -7.57
C ASN B 255 -1.56 -2.68 -7.01
N GLY B 256 -1.05 -3.77 -6.40
CA GLY B 256 -1.87 -4.77 -5.69
C GLY B 256 -2.44 -5.85 -6.61
N TRP B 257 -2.01 -5.93 -7.87
CA TRP B 257 -2.46 -6.99 -8.83
C TRP B 257 -1.91 -8.32 -8.38
N GLN B 258 -2.76 -9.34 -8.29
CA GLN B 258 -2.41 -10.77 -8.03
C GLN B 258 -2.20 -11.50 -9.36
N GLU B 259 -1.91 -12.80 -9.30
CA GLU B 259 -1.63 -13.62 -10.50
C GLU B 259 -2.84 -13.59 -11.43
N ILE B 260 -4.08 -13.78 -10.93
CA ILE B 260 -5.32 -13.83 -11.77
C ILE B 260 -5.56 -12.47 -12.42
N HIS B 261 -5.17 -11.39 -11.74
CA HIS B 261 -5.31 -10.01 -12.25
C HIS B 261 -4.52 -9.89 -13.56
N GLN B 262 -3.26 -10.33 -13.55
CA GLN B 262 -2.36 -10.23 -14.73
C GLN B 262 -2.84 -11.20 -15.81
N ALA B 263 -3.28 -12.40 -15.44
CA ALA B 263 -3.75 -13.44 -16.38
C ALA B 263 -4.99 -12.90 -17.11
N CYS B 264 -5.94 -12.30 -16.38
CA CYS B 264 -7.19 -11.75 -16.95
C CYS B 264 -6.85 -10.63 -17.94
N ARG B 265 -5.86 -9.77 -17.66
CA ARG B 265 -5.54 -8.62 -18.54
C ARG B 265 -5.11 -9.09 -19.94
N PHE B 266 -4.25 -10.10 -20.03
CA PHE B 266 -3.66 -10.55 -21.31
C PHE B 266 -4.38 -11.82 -21.80
N GLY B 267 -5.45 -12.19 -21.10
CA GLY B 267 -6.36 -13.30 -21.50
C GLY B 267 -5.67 -14.66 -21.48
N HIS B 268 -4.79 -14.92 -20.51
CA HIS B 268 -4.07 -16.21 -20.36
C HIS B 268 -5.01 -17.20 -19.65
N VAL B 269 -5.93 -17.82 -20.40
CA VAL B 269 -7.09 -18.56 -19.83
C VAL B 269 -6.61 -19.87 -19.17
N GLN B 270 -5.65 -20.56 -19.77
CA GLN B 270 -5.05 -21.78 -19.16
C GLN B 270 -4.49 -21.42 -17.78
N HIS B 271 -3.70 -20.34 -17.70
CA HIS B 271 -3.04 -19.89 -16.45
C HIS B 271 -4.10 -19.56 -15.38
N LEU B 272 -5.13 -18.78 -15.76
CA LEU B 272 -6.25 -18.41 -14.86
C LEU B 272 -6.86 -19.68 -14.25
N GLU B 273 -7.12 -20.69 -15.08
CA GLU B 273 -7.83 -21.95 -14.73
C GLU B 273 -7.03 -22.71 -13.66
N HIS B 274 -5.73 -22.95 -13.93
CA HIS B 274 -4.76 -23.55 -12.98
C HIS B 274 -4.79 -22.77 -11.65
N LEU B 275 -4.59 -21.44 -11.68
CA LEU B 275 -4.55 -20.57 -10.48
C LEU B 275 -5.85 -20.70 -9.67
N LEU B 276 -7.02 -20.57 -10.32
CA LEU B 276 -8.36 -20.72 -9.66
C LEU B 276 -8.40 -22.05 -8.92
N PHE B 277 -8.05 -23.12 -9.63
CA PHE B 277 -8.12 -24.54 -9.16
C PHE B 277 -7.28 -24.76 -7.89
N TYR B 278 -6.14 -24.07 -7.77
CA TYR B 278 -5.17 -24.27 -6.66
C TYR B 278 -5.34 -23.24 -5.53
N GLY B 279 -6.48 -22.54 -5.43
CA GLY B 279 -6.82 -21.74 -4.24
C GLY B 279 -6.92 -20.24 -4.48
N ALA B 280 -6.62 -19.74 -5.68
CA ALA B 280 -6.63 -18.29 -6.00
C ALA B 280 -7.92 -17.64 -5.54
N ASN B 281 -7.84 -16.56 -4.77
CA ASN B 281 -8.99 -15.79 -4.22
C ASN B 281 -9.60 -14.92 -5.34
N MET B 282 -10.76 -15.32 -5.87
CA MET B 282 -11.42 -14.67 -7.03
C MET B 282 -11.82 -13.22 -6.63
N GLY B 283 -12.21 -13.03 -5.35
CA GLY B 283 -12.69 -11.75 -4.81
C GLY B 283 -11.58 -10.77 -4.41
N ALA B 284 -10.31 -11.16 -4.55
CA ALA B 284 -9.11 -10.34 -4.28
C ALA B 284 -9.15 -9.12 -5.21
N GLN B 285 -8.82 -7.93 -4.66
CA GLN B 285 -8.87 -6.65 -5.39
C GLN B 285 -7.53 -5.94 -5.28
N ASN B 286 -7.19 -5.13 -6.28
CA ASN B 286 -5.96 -4.30 -6.32
C ASN B 286 -6.22 -2.93 -5.68
N ALA B 287 -5.32 -1.97 -5.90
CA ALA B 287 -5.41 -0.62 -5.32
C ALA B 287 -6.70 0.02 -5.79
N SER B 288 -7.11 -0.21 -7.03
CA SER B 288 -8.35 0.37 -7.59
C SER B 288 -9.60 -0.23 -6.91
N GLY B 289 -9.47 -1.47 -6.41
CA GLY B 289 -10.56 -2.28 -5.85
C GLY B 289 -11.12 -3.25 -6.87
N ASN B 290 -10.49 -3.36 -8.04
CA ASN B 290 -10.92 -4.25 -9.16
C ASN B 290 -10.56 -5.69 -8.83
N THR B 291 -11.50 -6.60 -8.99
CA THR B 291 -11.28 -8.07 -8.99
C THR B 291 -10.86 -8.55 -10.38
N ALA B 292 -10.52 -9.82 -10.52
CA ALA B 292 -10.14 -10.40 -11.83
C ALA B 292 -11.25 -10.08 -12.86
N LEU B 293 -12.53 -10.22 -12.48
CA LEU B 293 -13.69 -10.01 -13.40
C LEU B 293 -13.71 -8.56 -13.88
N HIS B 294 -13.41 -7.60 -13.00
CA HIS B 294 -13.22 -6.16 -13.37
C HIS B 294 -12.16 -6.04 -14.47
N ILE B 295 -11.00 -6.69 -14.33
CA ILE B 295 -9.88 -6.57 -15.32
C ILE B 295 -10.34 -7.21 -16.62
N CYS B 296 -11.11 -8.29 -16.51
CA CYS B 296 -11.66 -9.07 -17.64
C CYS B 296 -12.54 -8.13 -18.49
N ALA B 297 -13.46 -7.41 -17.86
CA ALA B 297 -14.32 -6.34 -18.45
C ALA B 297 -13.48 -5.17 -19.01
N LEU B 298 -12.47 -4.69 -18.28
CA LEU B 298 -11.66 -3.52 -18.70
C LEU B 298 -10.96 -3.82 -20.03
N TYR B 299 -10.36 -5.02 -20.18
CA TYR B 299 -9.47 -5.37 -21.33
C TYR B 299 -10.17 -6.32 -22.32
N ASN B 300 -11.48 -6.50 -22.19
CA ASN B 300 -12.33 -7.23 -23.18
C ASN B 300 -11.86 -8.68 -23.32
N GLN B 301 -11.60 -9.36 -22.21
CA GLN B 301 -11.20 -10.79 -22.19
C GLN B 301 -12.44 -11.62 -21.88
N GLU B 302 -13.20 -11.95 -22.92
CA GLU B 302 -14.51 -12.63 -22.80
C GLU B 302 -14.31 -14.06 -22.29
N SER B 303 -13.31 -14.77 -22.83
CA SER B 303 -12.99 -16.19 -22.49
C SER B 303 -12.59 -16.32 -21.02
N CYS B 304 -11.71 -15.43 -20.54
CA CYS B 304 -11.26 -15.38 -19.12
C CYS B 304 -12.46 -15.06 -18.20
N ALA B 305 -13.31 -14.11 -18.61
CA ALA B 305 -14.50 -13.66 -17.86
C ALA B 305 -15.43 -14.86 -17.61
N ARG B 306 -15.62 -15.69 -18.64
CA ARG B 306 -16.53 -16.87 -18.63
C ARG B 306 -16.05 -17.84 -17.56
N VAL B 307 -14.72 -18.03 -17.49
CA VAL B 307 -14.06 -18.99 -16.56
C VAL B 307 -14.35 -18.57 -15.12
N LEU B 308 -14.15 -17.28 -14.80
CA LEU B 308 -14.43 -16.71 -13.46
C LEU B 308 -15.91 -16.93 -13.13
N LEU B 309 -16.79 -16.59 -14.06
CA LEU B 309 -18.27 -16.62 -13.86
C LEU B 309 -18.68 -18.08 -13.62
N TYR B 310 -18.15 -18.97 -14.44
CA TYR B 310 -18.37 -20.43 -14.41
C TYR B 310 -18.00 -20.99 -13.03
N ARG B 311 -16.93 -20.48 -12.43
CA ARG B 311 -16.35 -21.08 -11.20
C ARG B 311 -16.82 -20.35 -9.93
N GLY B 312 -17.85 -19.49 -10.04
CA GLY B 312 -18.58 -18.95 -8.88
C GLY B 312 -18.14 -17.56 -8.46
N ALA B 313 -17.46 -16.83 -9.35
CA ALA B 313 -17.03 -15.42 -9.14
C ALA B 313 -18.25 -14.55 -8.89
N ASN B 314 -18.19 -13.64 -7.92
CA ASN B 314 -19.26 -12.69 -7.59
C ASN B 314 -19.17 -11.55 -8.59
N LYS B 315 -20.25 -11.27 -9.33
CA LYS B 315 -20.29 -10.25 -10.41
C LYS B 315 -20.85 -8.92 -9.87
N ASP B 316 -21.33 -8.90 -8.62
CA ASP B 316 -21.93 -7.71 -7.95
C ASP B 316 -20.86 -6.90 -7.24
N VAL B 317 -19.62 -7.40 -7.16
CA VAL B 317 -18.49 -6.74 -6.45
C VAL B 317 -18.29 -5.39 -7.12
N ARG B 318 -18.14 -4.33 -6.31
CA ARG B 318 -17.94 -2.91 -6.76
C ARG B 318 -16.59 -2.40 -6.27
N ASN B 319 -15.81 -1.82 -7.17
CA ASN B 319 -14.46 -1.25 -6.88
C ASN B 319 -14.62 0.11 -6.19
N TYR B 320 -13.53 0.85 -5.98
CA TYR B 320 -13.53 2.08 -5.14
C TYR B 320 -14.19 3.25 -5.86
N ASN B 321 -14.42 3.15 -7.19
CA ASN B 321 -15.22 4.13 -7.97
C ASN B 321 -16.70 3.71 -7.99
N SER B 322 -17.04 2.69 -7.21
CA SER B 322 -18.41 2.10 -7.08
C SER B 322 -18.92 1.55 -8.43
N GLN B 323 -18.05 0.94 -9.24
CA GLN B 323 -18.46 0.30 -10.52
C GLN B 323 -18.36 -1.24 -10.41
N THR B 324 -19.37 -1.93 -10.91
CA THR B 324 -19.34 -3.39 -11.11
C THR B 324 -18.55 -3.69 -12.39
N ALA B 325 -18.16 -4.95 -12.56
CA ALA B 325 -17.52 -5.45 -13.78
C ALA B 325 -18.38 -5.09 -14.99
N PHE B 326 -19.70 -5.32 -14.89
CA PHE B 326 -20.70 -4.96 -15.93
C PHE B 326 -20.55 -3.47 -16.31
N GLN B 327 -20.56 -2.58 -15.33
CA GLN B 327 -20.45 -1.10 -15.50
C GLN B 327 -19.08 -0.74 -16.10
N VAL B 328 -18.00 -1.43 -15.70
CA VAL B 328 -16.63 -1.21 -16.24
C VAL B 328 -16.63 -1.53 -17.73
N ALA B 329 -17.26 -2.64 -18.11
CA ALA B 329 -17.36 -3.11 -19.52
C ALA B 329 -18.06 -2.05 -20.35
N ILE B 330 -19.17 -1.51 -19.83
CA ILE B 330 -20.03 -0.48 -20.51
C ILE B 330 -19.17 0.74 -20.81
N ILE B 331 -18.48 1.27 -19.78
CA ILE B 331 -17.61 2.49 -19.88
C ILE B 331 -16.49 2.23 -20.90
N ALA B 332 -15.94 1.01 -20.94
CA ALA B 332 -14.83 0.60 -21.82
C ALA B 332 -15.32 0.44 -23.27
N GLY B 333 -16.59 0.05 -23.46
CA GLY B 333 -17.20 -0.11 -24.79
C GLY B 333 -17.44 -1.57 -25.16
N ASN B 334 -17.16 -2.49 -24.23
CA ASN B 334 -17.31 -3.96 -24.46
C ASN B 334 -18.73 -4.38 -24.08
N PHE B 335 -19.71 -4.04 -24.93
CA PHE B 335 -21.17 -4.19 -24.69
C PHE B 335 -21.55 -5.67 -24.70
N GLU B 336 -20.93 -6.45 -25.60
CA GLU B 336 -21.14 -7.92 -25.75
C GLU B 336 -20.71 -8.61 -24.45
N LEU B 337 -19.55 -8.22 -23.88
CA LEU B 337 -19.00 -8.79 -22.62
C LEU B 337 -19.95 -8.47 -21.44
N ALA B 338 -20.47 -7.25 -21.36
CA ALA B 338 -21.44 -6.83 -20.31
C ALA B 338 -22.72 -7.68 -20.38
N GLU B 339 -23.18 -8.02 -21.59
CA GLU B 339 -24.38 -8.87 -21.82
C GLU B 339 -24.13 -10.26 -21.21
N VAL B 340 -22.93 -10.81 -21.44
CA VAL B 340 -22.50 -12.13 -20.89
C VAL B 340 -22.58 -12.08 -19.36
N ILE B 341 -22.01 -11.03 -18.74
CA ILE B 341 -21.98 -10.84 -17.26
C ILE B 341 -23.41 -10.66 -16.75
N LYS B 342 -24.25 -9.83 -17.36
CA LYS B 342 -25.63 -9.59 -16.85
C LYS B 342 -26.46 -10.88 -17.01
N THR B 343 -26.29 -11.55 -18.16
CA THR B 343 -27.04 -12.76 -18.57
C THR B 343 -26.74 -13.94 -17.64
N HIS B 344 -25.51 -14.02 -17.12
CA HIS B 344 -25.00 -15.11 -16.25
C HIS B 344 -25.85 -15.24 -14.97
N LYS B 345 -26.20 -16.48 -14.56
CA LYS B 345 -26.99 -16.75 -13.32
C LYS B 345 -26.27 -17.77 -12.42
N ASP B 346 -26.53 -17.70 -11.12
CA ASP B 346 -25.86 -18.50 -10.05
C ASP B 346 -26.01 -20.00 -10.34
N SER B 347 -27.16 -20.45 -10.89
CA SER B 347 -27.43 -21.87 -11.20
C SER B 347 -26.43 -22.40 -12.23
N ASP B 348 -25.93 -21.55 -13.12
CA ASP B 348 -24.93 -21.92 -14.17
C ASP B 348 -23.55 -22.20 -13.56
N VAL B 349 -23.26 -21.71 -12.35
CA VAL B 349 -21.91 -21.88 -11.75
C VAL B 349 -21.71 -23.33 -11.34
N VAL B 350 -20.51 -23.85 -11.61
CA VAL B 350 -20.05 -25.21 -11.26
C VAL B 350 -18.81 -25.13 -10.37
N PRO B 351 -18.90 -25.49 -9.07
CA PRO B 351 -17.73 -25.51 -8.20
C PRO B 351 -16.75 -26.56 -8.72
N PHE B 352 -15.49 -26.45 -8.34
CA PHE B 352 -14.42 -27.36 -8.81
C PHE B 352 -14.77 -28.80 -8.38
N ARG B 353 -14.81 -29.72 -9.36
CA ARG B 353 -14.97 -31.21 -9.22
C ARG B 353 -14.09 -31.80 -8.10
N GLU B 354 -12.76 -31.65 -8.18
CA GLU B 354 -11.76 -32.48 -7.47
C GLU B 354 -10.76 -31.61 -6.73
N THR B 355 -10.11 -32.16 -5.70
CA THR B 355 -9.03 -31.46 -4.95
C THR B 355 -7.75 -31.51 -5.80
N PRO B 356 -6.90 -30.47 -5.73
CA PRO B 356 -5.66 -30.44 -6.51
C PRO B 356 -4.63 -31.42 -5.94
N SER B 357 -3.66 -31.80 -6.77
CA SER B 357 -2.54 -32.72 -6.44
C SER B 357 -1.26 -31.91 -6.23
N TYR B 358 -0.47 -32.26 -5.20
CA TYR B 358 0.87 -31.67 -4.89
C TYR B 358 1.97 -32.73 -4.87
N ALA B 359 3.19 -32.32 -5.18
CA ALA B 359 4.45 -33.10 -5.06
C ALA B 359 4.83 -33.32 -3.59
N LYS B 360 5.75 -34.24 -3.34
CA LYS B 360 6.24 -34.61 -1.98
C LYS B 360 7.70 -34.14 -1.86
N ARG B 361 8.05 -33.06 -2.57
CA ARG B 361 9.45 -32.63 -2.76
C ARG B 361 10.04 -32.06 -1.46
N ARG B 362 9.22 -31.41 -0.62
CA ARG B 362 9.70 -30.49 0.45
C ARG B 362 8.66 -30.46 1.58
N ARG B 363 9.12 -30.35 2.82
CA ARG B 363 8.25 -30.16 4.01
C ARG B 363 7.67 -28.75 3.91
N LEU B 364 6.42 -28.54 4.34
CA LEU B 364 5.84 -27.16 4.35
C LEU B 364 6.39 -26.39 5.56
N ALA B 365 6.88 -25.18 5.29
CA ALA B 365 7.39 -24.20 6.27
C ALA B 365 6.29 -23.95 7.31
N GLY B 366 6.64 -23.86 8.59
CA GLY B 366 5.67 -23.71 9.69
C GLY B 366 5.39 -25.05 10.37
N PRO B 367 4.78 -25.02 11.57
CA PRO B 367 4.63 -26.21 12.39
C PRO B 367 3.60 -27.24 11.88
N SER B 368 3.82 -28.51 12.27
CA SER B 368 3.02 -29.74 12.01
C SER B 368 3.09 -30.08 10.51
N PRO C 2 -4.26 55.73 -0.03
CA PRO C 2 -3.67 55.55 -1.37
C PRO C 2 -4.29 54.35 -2.10
N HIS C 3 -4.35 54.41 -3.42
CA HIS C 3 -5.14 53.54 -4.33
C HIS C 3 -4.31 52.33 -4.75
N MET C 4 -4.79 51.11 -4.46
CA MET C 4 -4.09 49.83 -4.78
C MET C 4 -4.27 49.53 -6.28
N ARG C 5 -3.17 49.42 -7.00
CA ARG C 5 -3.16 49.17 -8.46
C ARG C 5 -3.06 47.66 -8.67
N GLU C 6 -3.84 47.10 -9.59
CA GLU C 6 -3.77 45.67 -9.99
C GLU C 6 -2.63 45.47 -11.00
N TYR C 7 -1.80 44.44 -10.81
CA TYR C 7 -0.75 44.04 -11.78
C TYR C 7 -0.95 42.58 -12.19
N LYS C 8 -1.14 42.35 -13.48
CA LYS C 8 -1.37 41.02 -14.09
C LYS C 8 -0.03 40.49 -14.61
N LEU C 9 0.57 39.54 -13.89
CA LEU C 9 1.88 38.94 -14.22
C LEU C 9 1.67 37.48 -14.67
N VAL C 10 2.50 37.07 -15.63
CA VAL C 10 2.48 35.72 -16.26
C VAL C 10 3.88 35.11 -16.13
N VAL C 11 3.94 33.86 -15.70
CA VAL C 11 5.21 33.08 -15.64
C VAL C 11 5.10 32.01 -16.73
N LEU C 12 5.93 32.09 -17.75
CA LEU C 12 6.03 31.10 -18.86
C LEU C 12 7.45 30.52 -18.90
N GLY C 13 7.55 29.26 -19.32
CA GLY C 13 8.81 28.51 -19.50
C GLY C 13 8.52 27.10 -19.97
N SER C 14 9.56 26.35 -20.32
CA SER C 14 9.44 24.92 -20.69
C SER C 14 9.25 24.10 -19.41
N GLY C 15 8.77 22.86 -19.51
CA GLY C 15 8.43 22.03 -18.35
C GLY C 15 9.62 21.86 -17.43
N GLY C 16 9.39 21.96 -16.12
CA GLY C 16 10.31 21.50 -15.08
C GLY C 16 11.31 22.57 -14.67
N VAL C 17 11.17 23.78 -15.22
CA VAL C 17 12.11 24.92 -14.95
C VAL C 17 11.92 25.42 -13.52
N GLY C 18 10.73 25.25 -12.91
CA GLY C 18 10.43 25.64 -11.51
C GLY C 18 9.51 26.86 -11.40
N LYS C 19 8.74 27.13 -12.46
CA LYS C 19 7.71 28.20 -12.52
C LYS C 19 6.79 28.09 -11.31
N SER C 20 6.25 26.90 -11.04
CA SER C 20 5.29 26.64 -9.94
C SER C 20 5.97 26.91 -8.60
N ALA C 21 7.19 26.39 -8.43
CA ALA C 21 7.98 26.47 -7.17
C ALA C 21 8.31 27.94 -6.89
N LEU C 22 8.68 28.69 -7.93
CA LEU C 22 9.00 30.13 -7.83
C LEU C 22 7.77 30.89 -7.33
N THR C 23 6.65 30.70 -8.03
CA THR C 23 5.36 31.38 -7.78
C THR C 23 4.88 31.02 -6.38
N VAL C 24 4.97 29.75 -6.00
CA VAL C 24 4.42 29.26 -4.70
C VAL C 24 5.33 29.77 -3.57
N GLN C 25 6.64 29.84 -3.82
CA GLN C 25 7.59 30.40 -2.83
C GLN C 25 7.25 31.86 -2.59
N PHE C 26 7.05 32.62 -3.67
CA PHE C 26 6.66 34.05 -3.59
C PHE C 26 5.37 34.21 -2.79
N VAL C 27 4.32 33.48 -3.16
CA VAL C 27 2.95 33.70 -2.62
C VAL C 27 2.77 33.01 -1.27
N GLN C 28 3.22 31.77 -1.10
CA GLN C 28 2.95 30.96 0.12
C GLN C 28 4.21 30.79 0.98
N GLY C 29 5.40 31.19 0.49
CA GLY C 29 6.66 31.07 1.25
C GLY C 29 6.99 29.62 1.57
N ILE C 30 6.58 28.70 0.68
CA ILE C 30 6.74 27.23 0.79
C ILE C 30 7.46 26.75 -0.48
N PHE C 31 8.45 25.86 -0.33
CA PHE C 31 9.10 25.18 -1.47
C PHE C 31 8.64 23.73 -1.53
N VAL C 32 8.13 23.32 -2.70
CA VAL C 32 7.59 21.95 -2.93
C VAL C 32 8.61 21.14 -3.74
N GLU C 33 9.12 20.06 -3.14
CA GLU C 33 10.07 19.14 -3.80
C GLU C 33 9.35 18.43 -4.95
N LYS C 34 8.12 17.95 -4.72
CA LYS C 34 7.33 17.08 -5.64
C LYS C 34 7.04 17.87 -6.92
N TYR C 35 7.12 17.22 -8.08
CA TYR C 35 6.86 17.84 -9.42
C TYR C 35 5.51 17.34 -9.95
N ASP C 36 4.55 18.27 -10.06
CA ASP C 36 3.20 18.08 -10.68
C ASP C 36 3.10 19.04 -11.85
N PRO C 37 3.04 18.59 -13.11
CA PRO C 37 2.86 19.51 -14.23
C PRO C 37 1.60 20.36 -14.03
N THR C 38 1.62 21.61 -14.53
CA THR C 38 0.60 22.66 -14.28
C THR C 38 -0.21 22.82 -15.56
N ILE C 39 -1.54 22.70 -15.50
CA ILE C 39 -2.42 23.08 -16.65
C ILE C 39 -2.43 24.61 -16.73
N GLU C 40 -2.92 25.25 -15.67
CA GLU C 40 -2.92 26.73 -15.48
C GLU C 40 -3.42 27.02 -14.06
N ASP C 41 -2.65 27.81 -13.31
CA ASP C 41 -2.86 28.11 -11.86
C ASP C 41 -2.78 29.64 -11.65
N SER C 42 -3.66 30.17 -10.80
CA SER C 42 -3.84 31.63 -10.57
C SER C 42 -3.61 31.92 -9.09
N TYR C 43 -2.70 32.84 -8.79
CA TYR C 43 -2.44 33.31 -7.39
C TYR C 43 -2.66 34.83 -7.33
N ARG C 44 -3.25 35.30 -6.23
CA ARG C 44 -3.42 36.75 -5.94
C ARG C 44 -2.70 37.03 -4.62
N LYS C 45 -1.83 38.03 -4.60
CA LYS C 45 -1.09 38.42 -3.37
C LYS C 45 -0.89 39.93 -3.33
N GLN C 46 -1.08 40.52 -2.13
CA GLN C 46 -0.84 41.95 -1.84
C GLN C 46 0.59 42.12 -1.35
N VAL C 47 1.36 42.99 -2.01
CA VAL C 47 2.75 43.33 -1.60
C VAL C 47 2.96 44.83 -1.74
N GLU C 48 4.03 45.31 -1.10
CA GLU C 48 4.45 46.72 -1.07
C GLU C 48 5.69 46.86 -1.96
N VAL C 49 5.56 47.60 -3.05
CA VAL C 49 6.67 47.86 -4.02
C VAL C 49 6.76 49.37 -4.22
N ASP C 50 7.96 49.93 -4.01
CA ASP C 50 8.24 51.39 -4.06
C ASP C 50 7.22 52.11 -3.17
N ALA C 51 7.10 51.63 -1.92
CA ALA C 51 6.28 52.22 -0.83
C ALA C 51 4.80 52.33 -1.25
N GLN C 52 4.34 51.54 -2.20
CA GLN C 52 2.93 51.52 -2.67
C GLN C 52 2.38 50.10 -2.48
N GLN C 53 1.13 49.97 -2.05
CA GLN C 53 0.43 48.66 -1.95
C GLN C 53 -0.02 48.28 -3.36
N CYS C 54 0.39 47.10 -3.82
CA CYS C 54 0.05 46.53 -5.15
C CYS C 54 -0.70 45.21 -4.98
N MET C 55 -1.74 45.01 -5.80
CA MET C 55 -2.42 43.71 -5.98
C MET C 55 -1.79 42.98 -7.18
N LEU C 56 -1.04 41.91 -6.92
CA LEU C 56 -0.48 41.05 -7.98
C LEU C 56 -1.45 39.89 -8.27
N GLU C 57 -1.81 39.76 -9.54
CA GLU C 57 -2.44 38.55 -10.10
C GLU C 57 -1.36 37.80 -10.87
N ILE C 58 -0.94 36.64 -10.37
CA ILE C 58 0.14 35.81 -10.98
C ILE C 58 -0.49 34.59 -11.66
N LEU C 59 -0.27 34.47 -12.96
CA LEU C 59 -0.67 33.27 -13.72
C LEU C 59 0.55 32.34 -13.82
N ASP C 60 0.43 31.12 -13.31
CA ASP C 60 1.45 30.04 -13.44
C ASP C 60 1.05 29.17 -14.64
N THR C 61 1.83 29.18 -15.71
CA THR C 61 1.50 28.50 -16.99
C THR C 61 2.06 27.08 -17.02
N ALA C 62 1.75 26.37 -18.10
CA ALA C 62 2.16 24.97 -18.36
C ALA C 62 3.38 24.97 -19.30
N GLY C 63 4.49 24.35 -18.88
CA GLY C 63 5.62 24.09 -19.81
C GLY C 63 5.29 22.97 -20.76
N THR C 64 4.66 21.92 -20.22
CA THR C 64 4.28 20.66 -20.93
C THR C 64 2.76 20.66 -21.09
N GLU C 65 2.25 19.96 -22.10
CA GLU C 65 0.80 19.80 -22.40
C GLU C 65 0.14 21.19 -22.53
N GLN C 66 0.75 22.05 -23.33
CA GLN C 66 0.29 23.44 -23.54
C GLN C 66 -1.08 23.46 -24.26
N PHE C 67 -1.94 24.40 -23.88
CA PHE C 67 -3.23 24.72 -24.55
C PHE C 67 -3.14 26.06 -25.29
N THR C 68 -3.52 26.07 -26.56
CA THR C 68 -3.32 27.25 -27.45
C THR C 68 -4.25 28.38 -27.01
N ALA C 69 -5.53 28.10 -26.79
CA ALA C 69 -6.54 29.13 -26.48
C ALA C 69 -6.15 29.86 -25.20
N MET C 70 -5.67 29.14 -24.18
CA MET C 70 -5.16 29.69 -22.90
C MET C 70 -3.95 30.61 -23.16
N ARG C 71 -2.99 30.11 -23.92
CA ARG C 71 -1.73 30.82 -24.24
C ARG C 71 -2.03 32.13 -24.96
N ASP C 72 -2.95 32.08 -25.94
CA ASP C 72 -3.40 33.25 -26.74
C ASP C 72 -4.05 34.27 -25.80
N LEU C 73 -4.87 33.80 -24.84
CA LEU C 73 -5.56 34.66 -23.85
C LEU C 73 -4.53 35.30 -22.93
N TYR C 74 -3.64 34.50 -22.34
CA TYR C 74 -2.82 34.97 -21.20
C TYR C 74 -1.80 35.97 -21.74
N MET C 75 -1.32 35.82 -22.97
CA MET C 75 -0.33 36.78 -23.53
C MET C 75 -0.99 38.13 -23.79
N LYS C 76 -2.22 38.13 -24.30
CA LYS C 76 -2.97 39.36 -24.64
C LYS C 76 -3.30 40.13 -23.35
N ASN C 77 -3.69 39.42 -22.29
CA ASN C 77 -4.16 39.99 -21.00
C ASN C 77 -2.98 40.39 -20.09
N GLY C 78 -1.87 39.67 -20.16
CA GLY C 78 -0.71 39.84 -19.25
C GLY C 78 -0.06 41.19 -19.40
N GLN C 79 0.14 41.88 -18.28
CA GLN C 79 0.78 43.22 -18.24
C GLN C 79 2.30 43.03 -18.24
N GLY C 80 2.78 42.01 -17.54
CA GLY C 80 4.22 41.68 -17.41
C GLY C 80 4.47 40.18 -17.43
N PHE C 81 5.62 39.75 -17.96
CA PHE C 81 5.94 38.34 -18.25
C PHE C 81 7.31 37.99 -17.67
N ALA C 82 7.41 36.88 -16.93
CA ALA C 82 8.68 36.27 -16.46
C ALA C 82 8.94 35.00 -17.27
N LEU C 83 10.00 34.98 -18.08
CA LEU C 83 10.42 33.81 -18.89
C LEU C 83 11.48 33.04 -18.08
N VAL C 84 11.12 31.85 -17.61
CA VAL C 84 11.95 31.06 -16.66
C VAL C 84 12.62 29.95 -17.46
N TYR C 85 13.90 29.74 -17.18
CA TYR C 85 14.73 28.63 -17.70
C TYR C 85 15.44 28.00 -16.52
N SER C 86 15.86 26.74 -16.69
CA SER C 86 16.69 25.97 -15.72
C SER C 86 18.16 26.12 -16.12
N ILE C 87 19.03 26.51 -15.17
CA ILE C 87 20.51 26.55 -15.42
C ILE C 87 20.98 25.13 -15.71
N THR C 88 20.34 24.11 -15.13
CA THR C 88 20.73 22.68 -15.26
C THR C 88 20.38 22.13 -16.64
N ALA C 89 19.31 22.62 -17.29
CA ALA C 89 18.77 22.04 -18.55
C ALA C 89 18.92 23.03 -19.72
N GLN C 90 19.82 22.74 -20.65
CA GLN C 90 20.12 23.65 -21.80
C GLN C 90 18.86 23.86 -22.64
N SER C 91 18.05 22.81 -22.86
CA SER C 91 16.88 22.82 -23.79
C SER C 91 15.93 23.96 -23.42
N THR C 92 15.69 24.15 -22.11
CA THR C 92 14.76 25.15 -21.53
C THR C 92 15.21 26.57 -21.86
N PHE C 93 16.52 26.82 -21.82
CA PHE C 93 17.15 28.13 -22.18
C PHE C 93 16.92 28.41 -23.67
N ASN C 94 17.14 27.41 -24.53
CA ASN C 94 17.03 27.53 -26.01
C ASN C 94 15.60 27.94 -26.40
N ASP C 95 14.60 27.40 -25.69
CA ASP C 95 13.16 27.49 -26.05
C ASP C 95 12.64 28.92 -25.86
N LEU C 96 13.25 29.70 -24.98
CA LEU C 96 12.76 31.02 -24.51
C LEU C 96 12.73 32.03 -25.67
N GLN C 97 13.66 31.94 -26.63
CA GLN C 97 13.75 32.94 -27.74
C GLN C 97 12.41 33.02 -28.46
N ASP C 98 11.79 31.88 -28.76
CA ASP C 98 10.52 31.77 -29.53
C ASP C 98 9.37 32.40 -28.72
N LEU C 99 9.34 32.16 -27.40
CA LEU C 99 8.33 32.71 -26.46
C LEU C 99 8.36 34.24 -26.53
N ARG C 100 9.54 34.82 -26.42
CA ARG C 100 9.73 36.29 -26.42
C ARG C 100 9.13 36.87 -27.70
N GLU C 101 9.40 36.28 -28.87
CA GLU C 101 8.98 36.82 -30.21
C GLU C 101 7.45 36.74 -30.31
N GLN C 102 6.87 35.68 -29.72
CA GLN C 102 5.41 35.43 -29.72
C GLN C 102 4.72 36.51 -28.89
N ILE C 103 5.27 36.85 -27.72
CA ILE C 103 4.75 37.92 -26.81
C ILE C 103 4.75 39.25 -27.57
N LEU C 104 5.88 39.60 -28.20
CA LEU C 104 6.05 40.86 -28.97
C LEU C 104 5.05 40.90 -30.14
N ARG C 105 4.82 39.76 -30.81
CA ARG C 105 3.88 39.66 -31.95
C ARG C 105 2.44 39.97 -31.47
N VAL C 106 2.01 39.31 -30.38
CA VAL C 106 0.63 39.45 -29.80
C VAL C 106 0.46 40.89 -29.30
N LYS C 107 1.44 41.40 -28.55
CA LYS C 107 1.42 42.76 -27.93
C LYS C 107 1.48 43.81 -29.03
N ASP C 108 2.15 43.51 -30.15
CA ASP C 108 2.29 44.37 -31.35
C ASP C 108 3.12 45.61 -31.01
N THR C 109 4.07 45.48 -30.07
CA THR C 109 5.03 46.52 -29.63
C THR C 109 6.35 45.84 -29.24
N ASP C 110 7.46 46.52 -29.48
CA ASP C 110 8.83 46.02 -29.17
C ASP C 110 9.05 46.03 -27.65
N ASP C 111 8.37 46.90 -26.89
CA ASP C 111 8.57 47.05 -25.43
C ASP C 111 7.37 46.49 -24.68
N VAL C 112 7.63 45.47 -23.86
CA VAL C 112 6.65 44.78 -22.96
C VAL C 112 7.40 44.47 -21.67
N PRO C 113 6.82 44.78 -20.49
CA PRO C 113 7.51 44.48 -19.23
C PRO C 113 7.83 42.98 -19.17
N MET C 114 9.09 42.64 -18.92
CA MET C 114 9.62 41.27 -19.10
C MET C 114 10.86 41.09 -18.26
N ILE C 115 11.11 39.87 -17.77
CA ILE C 115 12.37 39.51 -17.04
C ILE C 115 12.79 38.10 -17.47
N LEU C 116 14.08 37.90 -17.71
CA LEU C 116 14.69 36.57 -17.97
C LEU C 116 15.15 35.97 -16.64
N VAL C 117 14.66 34.78 -16.30
CA VAL C 117 14.94 34.16 -14.98
C VAL C 117 15.68 32.84 -15.21
N GLY C 118 16.89 32.72 -14.65
CA GLY C 118 17.63 31.46 -14.56
C GLY C 118 17.39 30.78 -13.23
N ASN C 119 16.48 29.79 -13.18
CA ASN C 119 16.09 29.13 -11.92
C ASN C 119 17.03 27.95 -11.64
N LYS C 120 16.97 27.44 -10.40
CA LYS C 120 17.73 26.29 -9.85
C LYS C 120 19.21 26.67 -9.77
N CYS C 121 19.48 27.92 -9.40
CA CYS C 121 20.86 28.49 -9.21
C CYS C 121 21.51 27.84 -7.97
N ASP C 122 20.75 27.24 -7.07
CA ASP C 122 21.27 26.45 -5.90
C ASP C 122 22.05 25.21 -6.38
N LEU C 123 21.65 24.57 -7.49
CA LEU C 123 22.29 23.36 -8.05
C LEU C 123 23.47 23.75 -8.98
N GLU C 124 24.55 24.30 -8.40
CA GLU C 124 25.75 24.74 -9.17
C GLU C 124 26.43 23.53 -9.83
N ASP C 125 26.45 22.38 -9.14
CA ASP C 125 27.10 21.13 -9.59
C ASP C 125 26.48 20.67 -10.92
N GLU C 126 25.16 20.82 -11.07
CA GLU C 126 24.41 20.37 -12.27
C GLU C 126 24.39 21.47 -13.34
N ARG C 127 24.88 22.68 -13.04
CA ARG C 127 24.78 23.85 -13.95
C ARG C 127 25.32 23.49 -15.33
N VAL C 128 24.55 23.77 -16.39
CA VAL C 128 24.92 23.58 -17.82
C VAL C 128 24.84 24.93 -18.56
N VAL C 129 24.25 25.96 -17.93
CA VAL C 129 24.07 27.30 -18.56
C VAL C 129 24.82 28.34 -17.73
N GLY C 130 25.72 29.07 -18.38
CA GLY C 130 26.53 30.14 -17.76
C GLY C 130 25.70 31.39 -17.53
N LYS C 131 26.02 32.14 -16.47
CA LYS C 131 25.34 33.40 -16.11
C LYS C 131 25.49 34.38 -17.28
N GLU C 132 26.69 34.44 -17.87
CA GLU C 132 27.07 35.34 -19.00
C GLU C 132 26.17 35.05 -20.21
N GLN C 133 25.79 33.78 -20.41
CA GLN C 133 24.94 33.33 -21.54
C GLN C 133 23.56 33.98 -21.37
N GLY C 134 22.98 33.90 -20.17
CA GLY C 134 21.73 34.57 -19.78
C GLY C 134 21.81 36.08 -20.00
N GLN C 135 22.84 36.72 -19.44
CA GLN C 135 23.07 38.20 -19.55
C GLN C 135 23.24 38.58 -21.03
N ASN C 136 23.99 37.77 -21.80
CA ASN C 136 24.22 38.00 -23.25
C ASN C 136 22.89 37.97 -23.99
N LEU C 137 22.05 36.96 -23.70
CA LEU C 137 20.69 36.81 -24.29
C LEU C 137 19.82 38.02 -23.91
N ALA C 138 19.81 38.39 -22.62
CA ALA C 138 19.07 39.53 -22.07
C ALA C 138 19.45 40.83 -22.82
N ARG C 139 20.74 41.06 -23.06
CA ARG C 139 21.26 42.22 -23.83
C ARG C 139 20.66 42.20 -25.24
N GLN C 140 20.64 41.03 -25.88
CA GLN C 140 20.08 40.84 -27.25
C GLN C 140 18.62 41.30 -27.27
N TRP C 141 17.89 41.04 -26.18
CA TRP C 141 16.45 41.35 -26.02
C TRP C 141 16.28 42.80 -25.58
N ASN C 142 16.92 43.76 -26.26
CA ASN C 142 16.72 45.20 -25.99
C ASN C 142 17.10 45.49 -24.52
N ASN C 143 18.18 44.89 -24.03
CA ASN C 143 18.73 45.05 -22.65
C ASN C 143 17.63 44.71 -21.61
N CYS C 144 16.92 43.59 -21.82
CA CYS C 144 15.88 43.03 -20.91
C CYS C 144 16.49 42.70 -19.55
N ALA C 145 15.72 42.81 -18.48
CA ALA C 145 16.13 42.47 -17.10
C ALA C 145 16.47 40.97 -17.04
N PHE C 146 17.48 40.61 -16.24
CA PHE C 146 17.96 39.22 -16.06
C PHE C 146 18.19 38.93 -14.58
N LEU C 147 17.86 37.73 -14.12
CA LEU C 147 18.07 37.26 -12.73
C LEU C 147 18.41 35.77 -12.73
N GLU C 148 19.26 35.36 -11.79
CA GLU C 148 19.47 33.94 -11.40
C GLU C 148 18.79 33.76 -10.05
N SER C 149 17.97 32.72 -9.92
CA SER C 149 17.08 32.54 -8.74
C SER C 149 16.99 31.06 -8.38
N SER C 150 16.78 30.80 -7.08
CA SER C 150 16.53 29.46 -6.52
C SER C 150 15.25 29.54 -5.68
N ALA C 151 14.19 28.86 -6.12
CA ALA C 151 12.93 28.73 -5.36
C ALA C 151 13.23 28.02 -4.04
N LYS C 152 14.12 27.01 -4.07
CA LYS C 152 14.42 26.15 -2.88
C LYS C 152 15.12 26.99 -1.79
N SER C 153 16.10 27.80 -2.17
CA SER C 153 16.96 28.60 -1.26
C SER C 153 16.42 30.03 -1.06
N LYS C 154 15.28 30.36 -1.66
CA LYS C 154 14.62 31.70 -1.60
C LYS C 154 15.59 32.80 -2.05
N ILE C 155 16.28 32.62 -3.18
CA ILE C 155 17.21 33.63 -3.77
C ILE C 155 16.51 34.30 -4.97
N ASN C 156 16.25 35.61 -4.86
CA ASN C 156 15.82 36.51 -5.96
C ASN C 156 14.38 36.21 -6.38
N VAL C 157 13.61 35.48 -5.54
CA VAL C 157 12.19 35.12 -5.80
C VAL C 157 11.35 36.40 -5.81
N ASN C 158 11.47 37.21 -4.76
CA ASN C 158 10.67 38.45 -4.59
C ASN C 158 11.05 39.45 -5.68
N GLU C 159 12.33 39.53 -6.05
CA GLU C 159 12.89 40.56 -6.99
C GLU C 159 12.24 40.38 -8.36
N ILE C 160 11.94 39.14 -8.77
CA ILE C 160 11.35 38.81 -10.10
C ILE C 160 10.03 39.57 -10.27
N PHE C 161 9.14 39.46 -9.28
CA PHE C 161 7.77 40.05 -9.33
C PHE C 161 7.88 41.57 -9.07
N TYR C 162 8.73 41.98 -8.12
CA TYR C 162 8.95 43.42 -7.79
C TYR C 162 9.41 44.15 -9.06
N ASP C 163 10.34 43.54 -9.80
CA ASP C 163 10.93 44.15 -11.03
C ASP C 163 9.85 44.35 -12.07
N LEU C 164 8.97 43.35 -12.25
CA LEU C 164 7.85 43.39 -13.23
C LEU C 164 6.92 44.56 -12.90
N VAL C 165 6.61 44.77 -11.62
CA VAL C 165 5.71 45.86 -11.14
C VAL C 165 6.38 47.20 -11.46
N ARG C 166 7.66 47.37 -11.12
CA ARG C 166 8.42 48.60 -11.45
C ARG C 166 8.30 48.91 -12.96
N GLN C 167 8.49 47.91 -13.82
CA GLN C 167 8.51 48.08 -15.29
C GLN C 167 7.11 48.52 -15.77
N ILE C 168 6.06 47.94 -15.19
CA ILE C 168 4.65 48.24 -15.58
C ILE C 168 4.37 49.70 -15.18
N ASN C 169 4.89 50.14 -14.03
CA ASN C 169 4.73 51.52 -13.51
C ASN C 169 5.35 52.53 -14.49
N ARG C 170 6.58 52.26 -14.91
CA ARG C 170 7.34 53.02 -15.92
C ARG C 170 6.57 52.96 -17.26
N HIS D 3 -42.14 45.63 -2.68
CA HIS D 3 -42.33 44.34 -1.99
C HIS D 3 -43.11 43.36 -2.90
N MET D 4 -42.53 42.18 -3.11
CA MET D 4 -43.01 41.11 -4.02
C MET D 4 -43.44 39.91 -3.17
N ARG D 5 -44.56 39.25 -3.48
CA ARG D 5 -44.99 38.01 -2.78
C ARG D 5 -44.17 36.81 -3.31
N GLU D 6 -43.60 36.03 -2.39
CA GLU D 6 -42.83 34.82 -2.71
C GLU D 6 -43.80 33.64 -2.87
N TYR D 7 -43.62 32.82 -3.91
CA TYR D 7 -44.40 31.57 -4.09
C TYR D 7 -43.45 30.38 -4.17
N LYS D 8 -43.58 29.44 -3.23
CA LYS D 8 -42.78 28.21 -3.17
C LYS D 8 -43.53 27.07 -3.88
N LEU D 9 -43.09 26.71 -5.07
CA LEU D 9 -43.70 25.66 -5.92
C LEU D 9 -42.77 24.45 -5.98
N VAL D 10 -43.36 23.26 -6.04
CA VAL D 10 -42.67 21.94 -6.11
C VAL D 10 -43.17 21.20 -7.34
N VAL D 11 -42.27 20.63 -8.12
CA VAL D 11 -42.61 19.74 -9.26
C VAL D 11 -42.22 18.31 -8.84
N LEU D 12 -43.23 17.44 -8.68
CA LEU D 12 -43.10 16.01 -8.30
C LEU D 12 -43.61 15.13 -9.44
N GLY D 13 -42.98 13.96 -9.61
CA GLY D 13 -43.36 12.94 -10.60
C GLY D 13 -42.36 11.80 -10.59
N SER D 14 -42.66 10.74 -11.34
CA SER D 14 -41.75 9.59 -11.54
C SER D 14 -40.68 10.00 -12.53
N GLY D 15 -39.57 9.25 -12.56
CA GLY D 15 -38.41 9.54 -13.43
C GLY D 15 -38.83 9.61 -14.89
N GLY D 16 -38.30 10.59 -15.62
CA GLY D 16 -38.40 10.65 -17.09
C GLY D 16 -39.64 11.35 -17.60
N VAL D 17 -40.53 11.84 -16.70
CA VAL D 17 -41.82 12.47 -17.09
C VAL D 17 -41.57 13.84 -17.75
N GLY D 18 -40.46 14.53 -17.43
CA GLY D 18 -40.11 15.84 -18.03
C GLY D 18 -40.22 17.01 -17.06
N LYS D 19 -40.16 16.72 -15.75
CA LYS D 19 -40.18 17.74 -14.65
C LYS D 19 -39.10 18.81 -14.90
N SER D 20 -37.86 18.38 -15.11
CA SER D 20 -36.70 19.28 -15.32
C SER D 20 -36.92 20.07 -16.62
N ALA D 21 -37.35 19.42 -17.70
CA ALA D 21 -37.54 20.04 -19.05
C ALA D 21 -38.63 21.10 -18.97
N LEU D 22 -39.72 20.80 -18.26
CA LEU D 22 -40.86 21.74 -18.04
C LEU D 22 -40.36 22.97 -17.31
N THR D 23 -39.72 22.75 -16.15
CA THR D 23 -39.19 23.83 -15.26
C THR D 23 -38.15 24.66 -16.01
N VAL D 24 -37.26 24.01 -16.76
CA VAL D 24 -36.14 24.71 -17.46
C VAL D 24 -36.70 25.50 -18.64
N GLN D 25 -37.73 24.96 -19.31
CA GLN D 25 -38.42 25.67 -20.42
C GLN D 25 -39.05 26.94 -19.84
N PHE D 26 -39.77 26.81 -18.73
CA PHE D 26 -40.43 27.96 -18.05
C PHE D 26 -39.37 29.00 -17.69
N VAL D 27 -38.31 28.60 -16.98
CA VAL D 27 -37.35 29.56 -16.35
C VAL D 27 -36.31 30.04 -17.38
N GLN D 28 -35.75 29.16 -18.20
CA GLN D 28 -34.62 29.50 -19.10
C GLN D 28 -35.05 29.53 -20.58
N GLY D 29 -36.29 29.11 -20.91
CA GLY D 29 -36.79 29.10 -22.28
C GLY D 29 -35.98 28.20 -23.19
N ILE D 30 -35.42 27.10 -22.65
CA ILE D 30 -34.63 26.07 -23.41
C ILE D 30 -35.26 24.70 -23.16
N PHE D 31 -35.38 23.91 -24.23
CA PHE D 31 -35.72 22.48 -24.14
C PHE D 31 -34.47 21.65 -24.45
N VAL D 32 -34.13 20.73 -23.57
CA VAL D 32 -32.94 19.83 -23.71
C VAL D 32 -33.44 18.42 -24.01
N GLU D 33 -33.00 17.85 -25.13
CA GLU D 33 -33.33 16.45 -25.50
C GLU D 33 -32.66 15.50 -24.49
N LYS D 34 -31.40 15.78 -24.12
CA LYS D 34 -30.52 14.95 -23.23
C LYS D 34 -31.21 14.70 -21.88
N TYR D 35 -31.11 13.48 -21.35
CA TYR D 35 -31.67 13.09 -20.04
C TYR D 35 -30.54 12.94 -19.02
N ASP D 36 -30.51 13.83 -18.02
CA ASP D 36 -29.64 13.79 -16.82
C ASP D 36 -30.54 13.69 -15.59
N PRO D 37 -30.55 12.55 -14.86
CA PRO D 37 -31.37 12.43 -13.66
C PRO D 37 -31.09 13.59 -12.69
N THR D 38 -32.11 14.00 -11.93
CA THR D 38 -32.08 15.18 -11.05
C THR D 38 -31.91 14.70 -9.62
N ILE D 39 -30.85 15.13 -8.93
CA ILE D 39 -30.67 14.87 -7.48
C ILE D 39 -31.68 15.76 -6.76
N GLU D 40 -31.50 17.07 -6.92
CA GLU D 40 -32.33 18.16 -6.37
C GLU D 40 -31.95 19.46 -7.10
N ASP D 41 -32.90 20.33 -7.42
CA ASP D 41 -32.56 21.64 -8.03
C ASP D 41 -33.59 22.68 -7.59
N SER D 42 -33.13 23.90 -7.36
CA SER D 42 -33.98 25.07 -7.06
C SER D 42 -33.81 26.14 -8.16
N TYR D 43 -34.91 26.62 -8.73
CA TYR D 43 -34.93 27.72 -9.72
C TYR D 43 -35.77 28.87 -9.15
N ARG D 44 -35.30 30.11 -9.37
CA ARG D 44 -36.01 31.35 -8.97
C ARG D 44 -36.26 32.16 -10.23
N LYS D 45 -37.51 32.57 -10.47
CA LYS D 45 -37.86 33.44 -11.62
C LYS D 45 -38.95 34.42 -11.21
N GLN D 46 -38.78 35.68 -11.63
CA GLN D 46 -39.75 36.78 -11.43
C GLN D 46 -40.70 36.81 -12.62
N VAL D 47 -42.01 36.77 -12.37
CA VAL D 47 -43.05 36.85 -13.42
C VAL D 47 -44.20 37.76 -12.92
N GLU D 48 -45.01 38.20 -13.89
CA GLU D 48 -46.18 39.05 -13.67
C GLU D 48 -47.43 38.17 -13.84
N VAL D 49 -48.17 37.95 -12.76
CA VAL D 49 -49.41 37.14 -12.73
C VAL D 49 -50.50 38.00 -12.10
N ASP D 50 -51.62 38.17 -12.81
CA ASP D 50 -52.76 39.04 -12.42
C ASP D 50 -52.18 40.43 -12.14
N ALA D 51 -51.37 40.96 -13.07
CA ALA D 51 -50.79 42.31 -13.07
C ALA D 51 -50.00 42.58 -11.79
N GLN D 52 -49.49 41.55 -11.12
CA GLN D 52 -48.71 41.67 -9.87
C GLN D 52 -47.36 40.98 -10.07
N GLN D 53 -46.30 41.54 -9.50
CA GLN D 53 -44.94 40.97 -9.58
C GLN D 53 -44.86 39.85 -8.55
N CYS D 54 -44.53 38.64 -8.99
CA CYS D 54 -44.41 37.43 -8.13
C CYS D 54 -43.00 36.87 -8.23
N MET D 55 -42.43 36.49 -7.08
CA MET D 55 -41.16 35.72 -7.01
C MET D 55 -41.51 34.23 -6.89
N LEU D 56 -41.25 33.46 -7.95
CA LEU D 56 -41.46 31.98 -7.91
C LEU D 56 -40.15 31.30 -7.53
N GLU D 57 -40.19 30.51 -6.45
CA GLU D 57 -39.14 29.53 -6.08
C GLU D 57 -39.66 28.14 -6.49
N ILE D 58 -39.08 27.54 -7.51
CA ILE D 58 -39.47 26.21 -8.05
C ILE D 58 -38.46 25.16 -7.61
N LEU D 59 -38.92 24.15 -6.90
CA LEU D 59 -38.13 22.96 -6.53
C LEU D 59 -38.34 21.86 -7.58
N ASP D 60 -37.26 21.44 -8.24
CA ASP D 60 -37.26 20.32 -9.22
C ASP D 60 -36.78 19.07 -8.45
N THR D 61 -37.66 18.09 -8.22
CA THR D 61 -37.34 16.89 -7.41
C THR D 61 -36.78 15.79 -8.30
N ALA D 62 -36.30 14.71 -7.67
CA ALA D 62 -35.80 13.47 -8.33
C ALA D 62 -36.95 12.45 -8.45
N GLY D 63 -37.30 12.04 -9.68
CA GLY D 63 -38.30 10.98 -9.92
C GLY D 63 -37.79 9.63 -9.45
N THR D 64 -36.51 9.36 -9.71
CA THR D 64 -35.82 8.09 -9.48
C THR D 64 -35.49 7.88 -7.99
N GLU D 65 -34.96 8.87 -7.30
CA GLU D 65 -34.62 8.67 -5.87
C GLU D 65 -35.92 8.70 -5.08
N GLN D 66 -35.97 7.99 -3.96
CA GLN D 66 -36.98 8.23 -2.88
C GLN D 66 -36.21 8.51 -1.58
N PHE D 67 -36.51 9.60 -0.88
CA PHE D 67 -35.97 9.90 0.47
C PHE D 67 -37.13 10.45 1.30
N THR D 68 -37.81 9.63 2.09
CA THR D 68 -39.11 9.95 2.73
C THR D 68 -38.97 11.18 3.61
N ALA D 69 -37.91 11.28 4.42
CA ALA D 69 -37.71 12.44 5.30
C ALA D 69 -37.57 13.70 4.43
N MET D 70 -36.82 13.63 3.33
CA MET D 70 -36.59 14.79 2.42
C MET D 70 -37.90 15.08 1.69
N ARG D 71 -38.54 14.04 1.15
CA ARG D 71 -39.78 14.15 0.36
C ARG D 71 -40.88 14.82 1.21
N ASP D 72 -41.03 14.42 2.47
CA ASP D 72 -41.97 15.05 3.44
C ASP D 72 -41.55 16.51 3.69
N LEU D 73 -40.25 16.81 3.77
CA LEU D 73 -39.74 18.20 3.98
C LEU D 73 -40.05 19.09 2.78
N TYR D 74 -39.88 18.60 1.55
CA TYR D 74 -40.34 19.29 0.32
C TYR D 74 -41.84 19.62 0.44
N MET D 75 -42.60 18.61 0.86
CA MET D 75 -44.08 18.68 0.96
C MET D 75 -44.49 19.68 2.05
N LYS D 76 -43.79 19.71 3.17
CA LYS D 76 -44.12 20.60 4.33
C LYS D 76 -43.89 22.06 3.91
N ASN D 77 -42.81 22.34 3.17
CA ASN D 77 -42.37 23.71 2.79
C ASN D 77 -43.16 24.23 1.58
N GLY D 78 -43.54 23.36 0.65
CA GLY D 78 -44.14 23.77 -0.63
C GLY D 78 -45.52 24.39 -0.43
N GLN D 79 -45.77 25.54 -1.05
CA GLN D 79 -47.08 26.21 -1.03
C GLN D 79 -47.99 25.57 -2.09
N GLY D 80 -47.42 25.20 -3.23
CA GLY D 80 -48.17 24.62 -4.36
C GLY D 80 -47.36 23.53 -5.06
N PHE D 81 -48.05 22.52 -5.62
CA PHE D 81 -47.44 21.27 -6.13
C PHE D 81 -47.95 21.02 -7.56
N ALA D 82 -47.05 20.73 -8.49
CA ALA D 82 -47.38 20.25 -9.85
C ALA D 82 -46.99 18.77 -9.96
N LEU D 83 -47.97 17.89 -10.12
CA LEU D 83 -47.77 16.42 -10.23
C LEU D 83 -47.74 16.04 -11.72
N VAL D 84 -46.58 15.66 -12.21
CA VAL D 84 -46.33 15.48 -13.67
C VAL D 84 -46.30 13.98 -13.94
N TYR D 85 -46.97 13.59 -15.02
CA TYR D 85 -46.97 12.22 -15.59
C TYR D 85 -46.67 12.36 -17.08
N SER D 86 -46.18 11.28 -17.69
CA SER D 86 -45.97 11.13 -19.15
C SER D 86 -47.20 10.47 -19.76
N ILE D 87 -47.76 11.06 -20.83
CA ILE D 87 -48.86 10.42 -21.61
C ILE D 87 -48.31 9.13 -22.25
N THR D 88 -47.02 9.10 -22.58
CA THR D 88 -46.37 7.96 -23.29
C THR D 88 -46.18 6.77 -22.33
N ALA D 89 -45.95 7.02 -21.03
CA ALA D 89 -45.57 5.97 -20.04
C ALA D 89 -46.69 5.76 -19.02
N GLN D 90 -47.38 4.61 -19.07
CA GLN D 90 -48.52 4.30 -18.18
C GLN D 90 -48.05 4.31 -16.72
N SER D 91 -46.86 3.77 -16.44
CA SER D 91 -46.32 3.57 -15.06
C SER D 91 -46.37 4.88 -14.27
N THR D 92 -45.96 5.99 -14.92
CA THR D 92 -45.83 7.35 -14.33
C THR D 92 -47.20 7.87 -13.90
N PHE D 93 -48.25 7.61 -14.69
CA PHE D 93 -49.66 7.97 -14.38
C PHE D 93 -50.13 7.21 -13.14
N ASN D 94 -49.85 5.90 -13.08
CA ASN D 94 -50.26 4.99 -11.98
C ASN D 94 -49.69 5.47 -10.63
N ASP D 95 -48.45 5.98 -10.64
CA ASP D 95 -47.65 6.32 -9.42
C ASP D 95 -48.26 7.53 -8.68
N LEU D 96 -48.95 8.41 -9.41
CA LEU D 96 -49.39 9.74 -8.92
C LEU D 96 -50.41 9.61 -7.78
N GLN D 97 -51.25 8.55 -7.77
CA GLN D 97 -52.33 8.44 -6.76
C GLN D 97 -51.74 8.50 -5.34
N ASP D 98 -50.63 7.79 -5.11
CA ASP D 98 -49.98 7.69 -3.77
C ASP D 98 -49.41 9.05 -3.35
N LEU D 99 -48.82 9.77 -4.32
CA LEU D 99 -48.23 11.14 -4.11
C LEU D 99 -49.31 12.07 -3.58
N ARG D 100 -50.48 12.10 -4.22
CA ARG D 100 -51.66 12.91 -3.80
C ARG D 100 -51.86 12.81 -2.29
N GLU D 101 -52.01 11.56 -1.83
CA GLU D 101 -52.47 11.20 -0.46
C GLU D 101 -51.37 11.60 0.53
N GLN D 102 -50.11 11.46 0.10
CA GLN D 102 -48.90 11.78 0.90
C GLN D 102 -48.89 13.30 1.17
N ILE D 103 -49.14 14.12 0.13
CA ILE D 103 -49.16 15.61 0.22
C ILE D 103 -50.24 16.01 1.24
N LEU D 104 -51.45 15.48 1.09
CA LEU D 104 -52.62 15.76 1.97
C LEU D 104 -52.30 15.34 3.42
N ARG D 105 -51.64 14.20 3.61
CA ARG D 105 -51.27 13.68 4.96
C ARG D 105 -50.30 14.66 5.65
N VAL D 106 -49.24 15.07 4.93
CA VAL D 106 -48.17 15.97 5.46
C VAL D 106 -48.78 17.34 5.75
N LYS D 107 -49.54 17.87 4.79
CA LYS D 107 -50.17 19.22 4.88
C LYS D 107 -51.24 19.21 5.98
N ASP D 108 -51.89 18.05 6.21
CA ASP D 108 -52.93 17.82 7.26
C ASP D 108 -54.18 18.65 6.93
N THR D 109 -54.45 18.86 5.64
CA THR D 109 -55.65 19.55 5.09
C THR D 109 -56.01 18.91 3.75
N ASP D 110 -57.31 18.86 3.44
CA ASP D 110 -57.85 18.27 2.19
C ASP D 110 -57.53 19.20 1.02
N ASP D 111 -57.39 20.52 1.24
CA ASP D 111 -57.14 21.50 0.14
C ASP D 111 -55.69 21.99 0.20
N VAL D 112 -54.97 21.76 -0.89
CA VAL D 112 -53.58 22.25 -1.14
C VAL D 112 -53.51 22.64 -2.60
N PRO D 113 -52.97 23.84 -2.94
CA PRO D 113 -52.86 24.26 -4.33
C PRO D 113 -52.08 23.21 -5.12
N MET D 114 -52.65 22.73 -6.22
CA MET D 114 -52.15 21.53 -6.93
C MET D 114 -52.61 21.57 -8.38
N ILE D 115 -51.84 20.98 -9.30
CA ILE D 115 -52.23 20.81 -10.72
C ILE D 115 -51.74 19.43 -11.20
N LEU D 116 -52.60 18.70 -11.93
CA LEU D 116 -52.24 17.42 -12.59
C LEU D 116 -51.75 17.73 -14.00
N VAL D 117 -50.54 17.31 -14.34
CA VAL D 117 -49.89 17.67 -15.63
C VAL D 117 -49.60 16.38 -16.41
N GLY D 118 -50.17 16.27 -17.61
CA GLY D 118 -49.83 15.22 -18.59
C GLY D 118 -48.79 15.71 -19.58
N ASN D 119 -47.52 15.39 -19.37
CA ASN D 119 -46.41 15.92 -20.21
C ASN D 119 -46.18 15.01 -21.42
N LYS D 120 -45.38 15.48 -22.39
CA LYS D 120 -45.00 14.78 -23.65
C LYS D 120 -46.23 14.66 -24.56
N CYS D 121 -47.10 15.67 -24.53
CA CYS D 121 -48.36 15.72 -25.33
C CYS D 121 -48.03 15.89 -26.82
N ASP D 122 -46.82 16.33 -27.17
CA ASP D 122 -46.33 16.44 -28.58
C ASP D 122 -46.21 15.03 -29.21
N LEU D 123 -45.84 14.01 -28.44
CA LEU D 123 -45.64 12.61 -28.91
C LEU D 123 -46.98 11.85 -28.92
N GLU D 124 -47.89 12.21 -29.83
CA GLU D 124 -49.25 11.59 -29.91
C GLU D 124 -49.12 10.11 -30.31
N ASP D 125 -48.19 9.80 -31.22
CA ASP D 125 -47.96 8.43 -31.75
C ASP D 125 -47.63 7.46 -30.62
N GLU D 126 -46.85 7.93 -29.63
CA GLU D 126 -46.37 7.12 -28.47
C GLU D 126 -47.40 7.13 -27.34
N ARG D 127 -48.45 7.96 -27.43
CA ARG D 127 -49.45 8.16 -26.34
C ARG D 127 -50.01 6.81 -25.90
N VAL D 128 -50.00 6.55 -24.59
CA VAL D 128 -50.57 5.33 -23.94
C VAL D 128 -51.63 5.75 -22.92
N VAL D 129 -51.75 7.05 -22.59
CA VAL D 129 -52.70 7.55 -21.56
C VAL D 129 -53.65 8.55 -22.22
N GLY D 130 -54.95 8.32 -22.07
CA GLY D 130 -56.02 9.18 -22.62
C GLY D 130 -56.20 10.43 -21.78
N LYS D 131 -56.58 11.53 -22.44
CA LYS D 131 -56.86 12.83 -21.79
C LYS D 131 -57.97 12.63 -20.75
N GLU D 132 -58.99 11.84 -21.11
CA GLU D 132 -60.19 11.52 -20.28
C GLU D 132 -59.74 10.86 -18.97
N GLN D 133 -58.69 10.04 -19.01
CA GLN D 133 -58.13 9.32 -17.83
C GLN D 133 -57.62 10.36 -16.85
N GLY D 134 -56.81 11.31 -17.33
CA GLY D 134 -56.31 12.45 -16.55
C GLY D 134 -57.45 13.27 -15.95
N GLN D 135 -58.42 13.69 -16.78
CA GLN D 135 -59.59 14.50 -16.36
C GLN D 135 -60.40 13.72 -15.31
N ASN D 136 -60.61 12.41 -15.53
CA ASN D 136 -61.35 11.53 -14.61
C ASN D 136 -60.64 11.50 -13.24
N LEU D 137 -59.31 11.34 -13.25
CA LEU D 137 -58.46 11.33 -12.04
C LEU D 137 -58.56 12.71 -11.34
N ALA D 138 -58.41 13.79 -12.10
CA ALA D 138 -58.50 15.19 -11.62
C ALA D 138 -59.84 15.42 -10.91
N ARG D 139 -60.95 14.95 -11.49
CA ARG D 139 -62.32 15.05 -10.89
C ARG D 139 -62.32 14.31 -9.54
N GLN D 140 -61.70 13.13 -9.48
CA GLN D 140 -61.61 12.30 -8.23
C GLN D 140 -60.95 13.14 -7.13
N TRP D 141 -59.95 13.95 -7.50
CA TRP D 141 -59.15 14.79 -6.58
C TRP D 141 -59.86 16.11 -6.28
N ASN D 142 -61.15 16.07 -5.92
CA ASN D 142 -61.90 17.28 -5.53
C ASN D 142 -61.88 18.29 -6.70
N ASN D 143 -62.03 17.82 -7.94
CA ASN D 143 -62.03 18.63 -9.19
C ASN D 143 -60.75 19.47 -9.27
N CYS D 144 -59.60 18.84 -9.04
CA CYS D 144 -58.22 19.41 -9.16
C CYS D 144 -57.97 19.87 -10.61
N ALA D 145 -57.19 20.92 -10.80
CA ALA D 145 -56.78 21.46 -12.12
C ALA D 145 -56.02 20.39 -12.89
N PHE D 146 -56.23 20.31 -14.20
CA PHE D 146 -55.63 19.31 -15.11
C PHE D 146 -55.17 20.00 -16.40
N LEU D 147 -54.00 19.60 -16.90
CA LEU D 147 -53.37 20.16 -18.14
C LEU D 147 -52.63 19.04 -18.87
N GLU D 148 -52.63 19.09 -20.20
CA GLU D 148 -51.69 18.33 -21.06
C GLU D 148 -50.67 19.34 -21.59
N SER D 149 -49.38 19.02 -21.49
CA SER D 149 -48.28 19.97 -21.78
C SER D 149 -47.12 19.26 -22.47
N SER D 150 -46.37 20.00 -23.28
CA SER D 150 -45.13 19.56 -23.95
C SER D 150 -44.07 20.62 -23.72
N ALA D 151 -43.01 20.29 -23.00
CA ALA D 151 -41.83 21.16 -22.80
C ALA D 151 -41.19 21.44 -24.15
N LYS D 152 -41.15 20.45 -25.04
CA LYS D 152 -40.47 20.54 -26.36
C LYS D 152 -41.19 21.56 -27.27
N SER D 153 -42.52 21.49 -27.33
CA SER D 153 -43.38 22.27 -28.25
C SER D 153 -43.90 23.54 -27.55
N LYS D 154 -43.50 23.79 -26.29
CA LYS D 154 -43.90 24.97 -25.47
C LYS D 154 -45.43 25.06 -25.38
N ILE D 155 -46.10 23.95 -25.05
CA ILE D 155 -47.58 23.89 -24.84
C ILE D 155 -47.86 23.83 -23.34
N ASN D 156 -48.49 24.87 -22.79
CA ASN D 156 -49.10 24.89 -21.43
C ASN D 156 -48.03 24.92 -20.34
N VAL D 157 -46.78 25.23 -20.69
CA VAL D 157 -45.63 25.31 -19.72
C VAL D 157 -45.88 26.47 -18.75
N ASN D 158 -46.16 27.67 -19.28
CA ASN D 158 -46.36 28.90 -18.45
C ASN D 158 -47.62 28.73 -17.59
N GLU D 159 -48.66 28.12 -18.14
CA GLU D 159 -50.00 27.99 -17.49
C GLU D 159 -49.86 27.21 -16.18
N ILE D 160 -48.98 26.19 -16.15
CA ILE D 160 -48.77 25.28 -14.98
C ILE D 160 -48.42 26.13 -13.75
N PHE D 161 -47.41 26.99 -13.88
CA PHE D 161 -46.88 27.80 -12.76
C PHE D 161 -47.83 28.96 -12.47
N TYR D 162 -48.38 29.60 -13.51
CA TYR D 162 -49.36 30.71 -13.36
C TYR D 162 -50.54 30.21 -12.53
N ASP D 163 -51.05 29.00 -12.85
CA ASP D 163 -52.25 28.42 -12.21
C ASP D 163 -51.98 28.20 -10.72
N LEU D 164 -50.80 27.70 -10.39
CA LEU D 164 -50.39 27.43 -8.98
C LEU D 164 -50.41 28.74 -8.19
N VAL D 165 -49.89 29.82 -8.76
CA VAL D 165 -49.83 31.18 -8.12
C VAL D 165 -51.26 31.66 -7.88
N ARG D 166 -52.12 31.58 -8.89
CA ARG D 166 -53.56 31.96 -8.77
C ARG D 166 -54.18 31.23 -7.56
N GLN D 167 -53.97 29.93 -7.46
CA GLN D 167 -54.62 29.06 -6.43
C GLN D 167 -54.10 29.49 -5.05
N ILE D 168 -52.80 29.78 -4.92
CA ILE D 168 -52.16 30.17 -3.64
C ILE D 168 -52.77 31.52 -3.21
N ASN D 169 -53.00 32.42 -4.18
CA ASN D 169 -53.51 33.80 -3.93
C ASN D 169 -54.92 33.72 -3.36
N ARG D 170 -55.79 32.91 -3.97
CA ARG D 170 -57.17 32.62 -3.47
C ARG D 170 -57.10 31.96 -2.07
N PRO E 2 54.71 2.54 10.20
CA PRO E 2 53.81 1.60 9.52
C PRO E 2 53.31 0.42 10.37
N HIS E 3 53.40 0.53 11.70
CA HIS E 3 52.53 -0.24 12.63
C HIS E 3 51.27 0.59 12.90
N MET E 4 50.10 0.13 12.41
CA MET E 4 48.80 0.84 12.56
C MET E 4 48.24 0.51 13.95
N ARG E 5 48.06 1.51 14.79
CA ARG E 5 47.57 1.30 16.18
C ARG E 5 46.03 1.23 16.12
N GLU E 6 45.45 0.22 16.76
CA GLU E 6 44.00 0.04 16.93
C GLU E 6 43.48 0.96 18.06
N TYR E 7 42.38 1.66 17.82
CA TYR E 7 41.68 2.50 18.82
C TYR E 7 40.23 2.02 18.94
N LYS E 8 39.86 1.60 20.14
CA LYS E 8 38.51 1.12 20.49
C LYS E 8 37.70 2.28 21.07
N LEU E 9 36.79 2.85 20.28
CA LEU E 9 35.95 4.02 20.67
C LEU E 9 34.50 3.57 20.82
N VAL E 10 33.82 4.17 21.80
CA VAL E 10 32.40 3.91 22.16
C VAL E 10 31.62 5.23 22.08
N VAL E 11 30.46 5.22 21.45
CA VAL E 11 29.52 6.36 21.40
C VAL E 11 28.33 5.96 22.29
N LEU E 12 28.14 6.64 23.42
CA LEU E 12 26.98 6.45 24.35
C LEU E 12 26.20 7.75 24.46
N GLY E 13 24.88 7.63 24.65
CA GLY E 13 23.95 8.74 24.88
C GLY E 13 22.56 8.20 25.08
N SER E 14 21.61 9.04 25.48
CA SER E 14 20.18 8.63 25.60
C SER E 14 19.57 8.63 24.19
N GLY E 15 18.40 8.01 24.04
CA GLY E 15 17.76 7.81 22.74
C GLY E 15 17.58 9.12 21.99
N GLY E 16 17.88 9.11 20.69
CA GLY E 16 17.45 10.13 19.71
C GLY E 16 18.45 11.26 19.58
N VAL E 17 19.58 11.16 20.29
CA VAL E 17 20.61 12.25 20.33
C VAL E 17 21.34 12.34 18.97
N GLY E 18 21.42 11.25 18.20
CA GLY E 18 22.03 11.22 16.85
C GLY E 18 23.38 10.49 16.80
N LYS E 19 23.64 9.62 17.79
CA LYS E 19 24.84 8.75 17.87
C LYS E 19 25.04 8.01 16.55
N SER E 20 23.99 7.35 16.03
CA SER E 20 24.06 6.55 14.79
C SER E 20 24.38 7.46 13.61
N ALA E 21 23.70 8.61 13.51
CA ALA E 21 23.83 9.58 12.40
C ALA E 21 25.25 10.15 12.39
N LEU E 22 25.77 10.49 13.58
CA LEU E 22 27.16 10.99 13.75
C LEU E 22 28.15 9.95 13.22
N THR E 23 28.06 8.72 13.76
CA THR E 23 28.97 7.59 13.45
C THR E 23 28.88 7.27 11.96
N VAL E 24 27.67 7.26 11.40
CA VAL E 24 27.47 6.86 9.98
C VAL E 24 28.00 7.98 9.08
N GLN E 25 27.84 9.23 9.49
CA GLN E 25 28.39 10.40 8.75
C GLN E 25 29.92 10.27 8.72
N PHE E 26 30.52 10.01 9.88
CA PHE E 26 31.99 9.83 10.02
C PHE E 26 32.45 8.71 9.08
N VAL E 27 31.83 7.53 9.18
CA VAL E 27 32.36 6.29 8.52
C VAL E 27 31.92 6.23 7.05
N GLN E 28 30.65 6.55 6.74
CA GLN E 28 30.09 6.35 5.37
C GLN E 28 29.85 7.70 4.66
N GLY E 29 29.98 8.84 5.35
CA GLY E 29 29.77 10.18 4.76
C GLY E 29 28.35 10.35 4.25
N ILE E 30 27.39 9.70 4.92
CA ILE E 30 25.93 9.70 4.59
C ILE E 30 25.18 10.17 5.84
N PHE E 31 24.19 11.05 5.68
CA PHE E 31 23.27 11.45 6.77
C PHE E 31 21.90 10.80 6.54
N VAL E 32 21.40 10.10 7.57
CA VAL E 32 20.11 9.36 7.57
C VAL E 32 19.08 10.18 8.36
N GLU E 33 18.01 10.63 7.67
CA GLU E 33 16.89 11.36 8.31
C GLU E 33 16.14 10.36 9.21
N LYS E 34 15.90 9.13 8.72
CA LYS E 34 15.07 8.08 9.37
C LYS E 34 15.68 7.72 10.72
N TYR E 35 14.85 7.53 11.75
CA TYR E 35 15.29 7.14 13.11
C TYR E 35 14.87 5.69 13.37
N ASP E 36 15.88 4.81 13.47
CA ASP E 36 15.78 3.38 13.85
C ASP E 36 16.62 3.19 15.10
N PRO E 37 16.03 2.88 16.28
CA PRO E 37 16.86 2.61 17.46
C PRO E 37 17.83 1.45 17.17
N THR E 38 19.02 1.46 17.79
CA THR E 38 20.12 0.48 17.57
C THR E 38 20.31 -0.30 18.86
N ILE E 39 20.37 -1.64 18.79
CA ILE E 39 20.77 -2.51 19.94
C ILE E 39 22.28 -2.33 20.13
N GLU E 40 23.06 -2.65 19.11
CA GLU E 40 24.53 -2.38 19.04
C GLU E 40 24.97 -2.49 17.58
N ASP E 41 25.79 -1.54 17.14
CA ASP E 41 26.39 -1.46 15.78
C ASP E 41 27.92 -1.27 15.93
N SER E 42 28.68 -1.92 15.06
CA SER E 42 30.17 -1.88 15.06
C SER E 42 30.65 -1.37 13.69
N TYR E 43 31.50 -0.34 13.68
CA TYR E 43 32.15 0.18 12.45
C TYR E 43 33.67 0.10 12.64
N ARG E 44 34.40 -0.23 11.58
CA ARG E 44 35.89 -0.19 11.52
C ARG E 44 36.25 0.76 10.37
N LYS E 45 37.12 1.73 10.62
CA LYS E 45 37.53 2.73 9.58
C LYS E 45 38.99 3.14 9.83
N GLN E 46 39.75 3.26 8.73
CA GLN E 46 41.15 3.75 8.72
C GLN E 46 41.14 5.26 8.50
N VAL E 47 41.81 6.00 9.38
CA VAL E 47 42.00 7.47 9.23
C VAL E 47 43.44 7.85 9.58
N GLU E 48 43.84 9.06 9.19
CA GLU E 48 45.17 9.66 9.47
C GLU E 48 44.98 10.71 10.56
N VAL E 49 45.56 10.48 11.73
CA VAL E 49 45.54 11.45 12.87
C VAL E 49 46.97 11.67 13.35
N ASP E 50 47.41 12.93 13.43
CA ASP E 50 48.78 13.33 13.83
C ASP E 50 49.78 12.57 12.96
N ALA E 51 49.57 12.63 11.64
CA ALA E 51 50.45 12.08 10.58
C ALA E 51 50.68 10.58 10.77
N GLN E 52 49.77 9.87 11.46
CA GLN E 52 49.87 8.41 11.71
C GLN E 52 48.59 7.76 11.17
N GLN E 53 48.71 6.57 10.57
CA GLN E 53 47.55 5.75 10.16
C GLN E 53 47.00 5.07 11.42
N CYS E 54 45.71 5.28 11.69
CA CYS E 54 44.98 4.72 12.87
C CYS E 54 43.83 3.83 12.40
N MET E 55 43.67 2.69 13.07
CA MET E 55 42.51 1.77 12.90
C MET E 55 41.51 2.11 14.02
N LEU E 56 40.38 2.72 13.68
CA LEU E 56 39.28 2.99 14.64
C LEU E 56 38.27 1.84 14.59
N GLU E 57 38.02 1.22 15.74
CA GLU E 57 36.83 0.38 16.01
C GLU E 57 35.82 1.23 16.78
N ILE E 58 34.71 1.61 16.13
CA ILE E 58 33.65 2.46 16.73
C ILE E 58 32.44 1.60 17.08
N LEU E 59 32.08 1.60 18.35
CA LEU E 59 30.86 0.92 18.85
C LEU E 59 29.76 1.97 18.96
N ASP E 60 28.66 1.79 18.24
CA ASP E 60 27.44 2.65 18.30
C ASP E 60 26.44 1.98 19.25
N THR E 61 26.20 2.57 20.43
CA THR E 61 25.40 1.95 21.52
C THR E 61 23.93 2.38 21.42
N ALA E 62 23.10 1.83 22.31
CA ALA E 62 21.63 1.98 22.32
C ALA E 62 21.24 2.98 23.41
N GLY E 63 20.48 4.01 23.07
CA GLY E 63 19.88 4.94 24.04
C GLY E 63 18.65 4.35 24.70
N THR E 64 17.90 3.51 23.97
CA THR E 64 16.59 2.95 24.39
C THR E 64 16.69 1.43 24.51
N GLU E 65 16.18 0.90 25.62
CA GLU E 65 16.13 -0.56 25.93
C GLU E 65 17.53 -1.17 25.84
N GLN E 66 18.52 -0.47 26.38
CA GLN E 66 19.94 -0.91 26.40
C GLN E 66 20.06 -2.15 27.31
N PHE E 67 20.92 -3.10 26.94
CA PHE E 67 21.20 -4.36 27.67
C PHE E 67 22.34 -4.07 28.66
N THR E 68 22.36 -4.79 29.80
CA THR E 68 23.37 -4.61 30.86
C THR E 68 24.66 -5.31 30.42
N ALA E 69 24.58 -6.55 29.93
CA ALA E 69 25.77 -7.38 29.66
C ALA E 69 26.64 -6.67 28.63
N MET E 70 26.04 -6.10 27.58
CA MET E 70 26.74 -5.33 26.51
C MET E 70 27.38 -4.08 27.12
N ARG E 71 26.63 -3.35 27.93
CA ARG E 71 27.06 -2.08 28.55
C ARG E 71 28.28 -2.33 29.44
N ASP E 72 28.22 -3.41 30.23
CA ASP E 72 29.31 -3.83 31.16
C ASP E 72 30.55 -4.19 30.34
N LEU E 73 30.37 -4.88 29.21
CA LEU E 73 31.47 -5.26 28.28
C LEU E 73 32.06 -4.00 27.66
N TYR E 74 31.24 -3.12 27.08
CA TYR E 74 31.75 -2.08 26.17
C TYR E 74 32.47 -1.05 27.03
N MET E 75 32.06 -0.79 28.27
CA MET E 75 32.74 0.21 29.13
C MET E 75 34.13 -0.31 29.51
N LYS E 76 34.24 -1.61 29.84
CA LYS E 76 35.52 -2.23 30.29
C LYS E 76 36.52 -2.21 29.12
N ASN E 77 36.05 -2.53 27.92
CA ASN E 77 36.88 -2.73 26.70
C ASN E 77 37.23 -1.39 26.04
N GLY E 78 36.33 -0.40 26.11
CA GLY E 78 36.44 0.87 25.40
C GLY E 78 37.63 1.69 25.86
N GLN E 79 38.45 2.13 24.92
CA GLN E 79 39.66 2.93 25.22
C GLN E 79 39.25 4.40 25.37
N GLY E 80 38.30 4.85 24.55
CA GLY E 80 37.78 6.23 24.59
C GLY E 80 36.28 6.27 24.36
N PHE E 81 35.59 7.25 24.94
CA PHE E 81 34.11 7.36 25.01
C PHE E 81 33.67 8.74 24.54
N ALA E 82 32.69 8.80 23.63
CA ALA E 82 32.00 10.04 23.22
C ALA E 82 30.59 10.02 23.82
N LEU E 83 30.29 10.96 24.74
CA LEU E 83 28.96 11.11 25.39
C LEU E 83 28.17 12.16 24.59
N VAL E 84 27.13 11.72 23.89
CA VAL E 84 26.37 12.59 22.94
C VAL E 84 25.06 12.99 23.61
N TYR E 85 24.71 14.27 23.47
CA TYR E 85 23.42 14.85 23.89
C TYR E 85 22.88 15.66 22.70
N SER E 86 21.56 15.90 22.72
CA SER E 86 20.83 16.76 21.75
C SER E 86 20.69 18.16 22.34
N ILE E 87 21.08 19.19 21.59
CA ILE E 87 20.87 20.63 21.97
C ILE E 87 19.35 20.86 22.11
N THR E 88 18.53 20.17 21.30
CA THR E 88 17.06 20.39 21.23
C THR E 88 16.38 19.76 22.46
N ALA E 89 16.91 18.68 23.04
CA ALA E 89 16.26 17.89 24.11
C ALA E 89 17.04 17.98 25.43
N GLN E 90 16.49 18.70 26.40
CA GLN E 90 17.13 18.93 27.73
C GLN E 90 17.39 17.57 28.42
N SER E 91 16.45 16.64 28.34
CA SER E 91 16.47 15.32 29.06
C SER E 91 17.79 14.59 28.79
N THR E 92 18.23 14.60 27.52
CA THR E 92 19.42 13.88 27.01
C THR E 92 20.69 14.45 27.66
N PHE E 93 20.75 15.78 27.83
CA PHE E 93 21.87 16.49 28.50
C PHE E 93 21.94 16.08 29.98
N ASN E 94 20.80 16.03 30.66
CA ASN E 94 20.69 15.71 32.11
C ASN E 94 21.24 14.30 32.38
N ASP E 95 20.98 13.36 31.46
CA ASP E 95 21.23 11.91 31.65
C ASP E 95 22.73 11.60 31.64
N LEU E 96 23.54 12.44 30.99
CA LEU E 96 24.98 12.17 30.71
C LEU E 96 25.78 12.05 32.01
N GLN E 97 25.42 12.79 33.06
CA GLN E 97 26.18 12.82 34.34
C GLN E 97 26.32 11.38 34.86
N ASP E 98 25.24 10.59 34.87
CA ASP E 98 25.21 9.21 35.43
C ASP E 98 26.12 8.30 34.60
N LEU E 99 26.10 8.47 33.27
CA LEU E 99 26.94 7.67 32.31
C LEU E 99 28.42 7.88 32.66
N ARG E 100 28.83 9.13 32.81
CA ARG E 100 30.24 9.50 33.11
C ARG E 100 30.69 8.77 34.39
N GLU E 101 29.88 8.77 35.45
CA GLU E 101 30.25 8.21 36.79
C GLU E 101 30.37 6.69 36.67
N GLN E 102 29.54 6.09 35.82
CA GLN E 102 29.50 4.62 35.59
C GLN E 102 30.79 4.21 34.87
N ILE E 103 31.23 4.98 33.86
CA ILE E 103 32.51 4.75 33.11
C ILE E 103 33.68 4.79 34.11
N LEU E 104 33.76 5.83 34.93
CA LEU E 104 34.83 6.04 35.95
C LEU E 104 34.82 4.89 36.95
N ARG E 105 33.64 4.41 37.37
CA ARG E 105 33.48 3.30 38.34
C ARG E 105 34.06 2.01 37.75
N VAL E 106 33.68 1.68 36.52
CA VAL E 106 34.11 0.43 35.80
C VAL E 106 35.62 0.52 35.55
N LYS E 107 36.10 1.65 35.04
CA LYS E 107 37.53 1.88 34.69
C LYS E 107 38.37 1.91 35.97
N ASP E 108 37.78 2.35 37.09
CA ASP E 108 38.41 2.43 38.44
C ASP E 108 39.57 3.44 38.42
N THR E 109 39.44 4.49 37.61
CA THR E 109 40.39 5.64 37.50
C THR E 109 39.59 6.91 37.20
N ASP E 110 40.06 8.04 37.72
CA ASP E 110 39.43 9.36 37.54
C ASP E 110 39.62 9.85 36.09
N ASP E 111 40.68 9.41 35.39
CA ASP E 111 40.97 9.87 34.00
C ASP E 111 40.66 8.74 33.01
N VAL E 112 39.75 9.02 32.08
CA VAL E 112 39.41 8.13 30.93
C VAL E 112 39.22 9.01 29.70
N PRO E 113 39.83 8.69 28.54
CA PRO E 113 39.69 9.53 27.35
C PRO E 113 38.20 9.67 27.00
N MET E 114 37.74 10.91 26.84
CA MET E 114 36.29 11.22 26.81
C MET E 114 36.05 12.56 26.11
N ILE E 115 34.91 12.71 25.44
CA ILE E 115 34.49 13.99 24.81
C ILE E 115 32.98 14.17 25.02
N LEU E 116 32.56 15.38 25.38
CA LEU E 116 31.13 15.77 25.51
C LEU E 116 30.67 16.36 24.18
N VAL E 117 29.63 15.79 23.58
CA VAL E 117 29.18 16.18 22.21
C VAL E 117 27.75 16.71 22.30
N GLY E 118 27.53 17.95 21.88
CA GLY E 118 26.20 18.53 21.67
C GLY E 118 25.77 18.41 20.21
N ASN E 119 24.96 17.40 19.88
CA ASN E 119 24.55 17.14 18.47
C ASN E 119 23.29 17.95 18.12
N LYS E 120 22.98 18.01 16.82
CA LYS E 120 21.80 18.71 16.21
C LYS E 120 21.99 20.23 16.38
N CYS E 121 23.22 20.71 16.29
CA CYS E 121 23.60 22.14 16.38
C CYS E 121 23.05 22.91 15.16
N ASP E 122 22.70 22.23 14.05
CA ASP E 122 22.06 22.87 12.87
C ASP E 122 20.66 23.40 13.22
N LEU E 123 19.93 22.75 14.14
CA LEU E 123 18.57 23.16 14.57
C LEU E 123 18.66 24.21 15.70
N GLU E 124 19.10 25.43 15.37
CA GLU E 124 19.22 26.58 16.31
C GLU E 124 17.82 26.96 16.83
N ASP E 125 16.81 26.93 15.95
CA ASP E 125 15.40 27.32 16.26
C ASP E 125 14.86 26.47 17.42
N GLU E 126 15.18 25.17 17.42
CA GLU E 126 14.68 24.18 18.41
C GLU E 126 15.58 24.15 19.65
N ARG E 127 16.73 24.86 19.64
CA ARG E 127 17.76 24.76 20.70
C ARG E 127 17.12 25.00 22.08
N VAL E 128 17.37 24.09 23.03
CA VAL E 128 16.93 24.20 24.46
C VAL E 128 18.16 24.17 25.37
N VAL E 129 19.34 23.83 24.85
CA VAL E 129 20.60 23.72 25.66
C VAL E 129 21.62 24.71 25.09
N GLY E 130 22.13 25.59 25.96
CA GLY E 130 23.16 26.58 25.61
C GLY E 130 24.54 25.94 25.51
N LYS E 131 25.40 26.47 24.63
CA LYS E 131 26.81 26.06 24.49
C LYS E 131 27.50 26.18 25.86
N GLU E 132 27.24 27.27 26.59
CA GLU E 132 27.89 27.57 27.91
C GLU E 132 27.53 26.48 28.92
N GLN E 133 26.31 25.94 28.83
CA GLN E 133 25.81 24.86 29.73
C GLN E 133 26.69 23.61 29.53
N GLY E 134 26.90 23.23 28.27
CA GLY E 134 27.82 22.14 27.87
C GLY E 134 29.23 22.37 28.38
N GLN E 135 29.79 23.54 28.08
CA GLN E 135 31.17 23.94 28.49
C GLN E 135 31.26 23.92 30.03
N ASN E 136 30.25 24.44 30.72
CA ASN E 136 30.20 24.48 32.21
C ASN E 136 30.24 23.05 32.75
N LEU E 137 29.45 22.14 32.18
CA LEU E 137 29.41 20.70 32.56
C LEU E 137 30.79 20.07 32.28
N ALA E 138 31.33 20.29 31.09
CA ALA E 138 32.66 19.80 30.63
C ALA E 138 33.75 20.21 31.64
N ARG E 139 33.74 21.47 32.09
CA ARG E 139 34.69 22.00 33.10
C ARG E 139 34.54 21.21 34.41
N GLN E 140 33.29 20.93 34.83
CA GLN E 140 33.00 20.14 36.05
C GLN E 140 33.70 18.77 35.96
N TRP E 141 33.70 18.19 34.75
CA TRP E 141 34.26 16.85 34.46
C TRP E 141 35.77 16.93 34.25
N ASN E 142 36.50 17.57 35.15
CA ASN E 142 37.99 17.62 35.10
C ASN E 142 38.43 18.26 33.76
N ASN E 143 37.73 19.32 33.34
CA ASN E 143 38.00 20.09 32.09
C ASN E 143 38.00 19.14 30.88
N CYS E 144 37.00 18.26 30.80
CA CYS E 144 36.74 17.30 29.69
C CYS E 144 36.53 18.07 28.37
N ALA E 145 36.94 17.48 27.24
CA ALA E 145 36.78 18.08 25.89
C ALA E 145 35.29 18.22 25.60
N PHE E 146 34.90 19.29 24.90
CA PHE E 146 33.50 19.61 24.57
C PHE E 146 33.41 20.06 23.10
N LEU E 147 32.35 19.64 22.39
CA LEU E 147 32.08 19.99 20.98
C LEU E 147 30.56 20.13 20.74
N GLU E 148 30.19 21.05 19.85
CA GLU E 148 28.83 21.11 19.27
C GLU E 148 28.94 20.65 17.82
N SER E 149 28.08 19.73 17.40
CA SER E 149 28.20 19.04 16.09
C SER E 149 26.82 18.82 15.46
N SER E 150 26.78 18.79 14.13
CA SER E 150 25.59 18.48 13.30
C SER E 150 25.97 17.37 12.32
N ALA E 151 25.37 16.20 12.50
CA ALA E 151 25.52 15.05 11.57
C ALA E 151 25.01 15.47 10.19
N LYS E 152 23.90 16.23 10.15
CA LYS E 152 23.21 16.61 8.89
C LYS E 152 24.11 17.53 8.04
N SER E 153 24.72 18.53 8.68
CA SER E 153 25.51 19.58 7.98
C SER E 153 27.02 19.24 8.01
N LYS E 154 27.40 18.06 8.52
CA LYS E 154 28.82 17.59 8.62
C LYS E 154 29.68 18.62 9.36
N ILE E 155 29.22 19.09 10.53
CA ILE E 155 29.97 20.05 11.40
C ILE E 155 30.56 19.27 12.59
N ASN E 156 31.89 19.18 12.67
CA ASN E 156 32.67 18.72 13.85
C ASN E 156 32.53 17.20 14.05
N VAL E 157 32.07 16.49 13.02
CA VAL E 157 31.89 15.00 13.04
C VAL E 157 33.27 14.33 13.16
N ASN E 158 34.20 14.69 12.28
CA ASN E 158 35.55 14.08 12.23
C ASN E 158 36.31 14.42 13.52
N GLU E 159 36.15 15.64 14.04
CA GLU E 159 36.92 16.18 15.20
C GLU E 159 36.65 15.31 16.44
N ILE E 160 35.42 14.81 16.59
CA ILE E 160 34.99 14.00 17.77
C ILE E 160 35.92 12.77 17.91
N PHE E 161 36.08 12.02 16.82
CA PHE E 161 36.86 10.75 16.83
C PHE E 161 38.36 11.08 16.82
N TYR E 162 38.79 12.09 16.06
CA TYR E 162 40.21 12.52 16.01
C TYR E 162 40.66 12.88 17.43
N ASP E 163 39.83 13.63 18.17
CA ASP E 163 40.16 14.11 19.53
C ASP E 163 40.34 12.91 20.47
N LEU E 164 39.46 11.90 20.36
CA LEU E 164 39.51 10.67 21.20
C LEU E 164 40.86 9.96 20.99
N VAL E 165 41.30 9.85 19.73
CA VAL E 165 42.58 9.19 19.35
C VAL E 165 43.75 9.98 19.99
N ARG E 166 43.77 11.30 19.84
CA ARG E 166 44.80 12.16 20.46
C ARG E 166 44.88 11.88 21.97
N GLN E 167 43.74 11.83 22.65
CA GLN E 167 43.67 11.66 24.13
C GLN E 167 44.24 10.30 24.53
N ILE E 168 43.92 9.26 23.74
CA ILE E 168 44.37 7.87 24.04
C ILE E 168 45.90 7.82 23.87
N ASN E 169 46.43 8.54 22.86
CA ASN E 169 47.88 8.62 22.58
C ASN E 169 48.62 9.23 23.78
N ARG E 170 48.11 10.36 24.29
CA ARG E 170 48.61 11.08 25.49
C ARG E 170 48.48 10.15 26.70
N HIS F 3 50.24 -36.90 4.01
CA HIS F 3 49.00 -37.02 3.19
C HIS F 3 48.02 -38.00 3.85
N MET F 4 46.79 -37.53 4.04
CA MET F 4 45.66 -38.22 4.72
C MET F 4 44.62 -38.60 3.64
N ARG F 5 44.10 -39.83 3.64
CA ARG F 5 43.11 -40.31 2.65
C ARG F 5 41.72 -39.77 3.03
N GLU F 6 41.02 -39.17 2.06
CA GLU F 6 39.68 -38.57 2.28
C GLU F 6 38.62 -39.66 2.10
N TYR F 7 37.64 -39.74 2.99
CA TYR F 7 36.47 -40.66 2.86
C TYR F 7 35.18 -39.84 2.87
N LYS F 8 34.42 -39.93 1.78
CA LYS F 8 33.11 -39.28 1.60
C LYS F 8 31.99 -40.27 2.00
N LEU F 9 31.40 -40.06 3.18
CA LEU F 9 30.33 -40.92 3.74
C LEU F 9 29.00 -40.15 3.73
N VAL F 10 27.91 -40.90 3.50
CA VAL F 10 26.51 -40.39 3.46
C VAL F 10 25.67 -41.16 4.46
N VAL F 11 24.85 -40.46 5.23
CA VAL F 11 23.87 -41.08 6.16
C VAL F 11 22.50 -40.79 5.57
N LEU F 12 21.80 -41.85 5.13
CA LEU F 12 20.43 -41.82 4.58
C LEU F 12 19.49 -42.60 5.51
N GLY F 13 18.23 -42.17 5.59
CA GLY F 13 17.15 -42.83 6.33
C GLY F 13 15.88 -41.99 6.27
N SER F 14 14.77 -42.53 6.75
CA SER F 14 13.49 -41.78 6.89
C SER F 14 13.60 -40.84 8.10
N GLY F 15 12.75 -39.82 8.17
CA GLY F 15 12.81 -38.78 9.21
C GLY F 15 12.73 -39.42 10.59
N GLY F 16 13.51 -38.94 11.55
CA GLY F 16 13.39 -39.27 12.98
C GLY F 16 14.14 -40.53 13.39
N VAL F 17 14.85 -41.18 12.47
CA VAL F 17 15.60 -42.44 12.75
C VAL F 17 16.83 -42.14 13.65
N GLY F 18 17.38 -40.93 13.60
CA GLY F 18 18.51 -40.50 14.45
C GLY F 18 19.81 -40.31 13.68
N LYS F 19 19.74 -40.13 12.36
CA LYS F 19 20.90 -39.84 11.47
C LYS F 19 21.72 -38.67 12.04
N SER F 20 21.09 -37.54 12.35
CA SER F 20 21.76 -36.32 12.88
C SER F 20 22.39 -36.65 14.23
N ALA F 21 21.65 -37.32 15.12
CA ALA F 21 22.08 -37.65 16.50
C ALA F 21 23.29 -38.57 16.45
N LEU F 22 23.26 -39.55 15.55
CA LEU F 22 24.37 -40.53 15.33
C LEU F 22 25.60 -39.78 14.90
N THR F 23 25.48 -39.00 13.83
CA THR F 23 26.58 -38.21 13.21
C THR F 23 27.15 -37.23 14.23
N VAL F 24 26.28 -36.56 14.99
CA VAL F 24 26.72 -35.49 15.96
C VAL F 24 27.40 -36.17 17.16
N GLN F 25 26.90 -37.35 17.56
CA GLN F 25 27.52 -38.15 18.65
C GLN F 25 28.93 -38.54 18.21
N PHE F 26 29.07 -39.05 16.99
CA PHE F 26 30.37 -39.45 16.41
C PHE F 26 31.32 -38.24 16.40
N VAL F 27 30.89 -37.11 15.83
CA VAL F 27 31.78 -35.95 15.55
C VAL F 27 31.98 -35.09 16.80
N GLN F 28 30.93 -34.80 17.58
CA GLN F 28 31.02 -33.87 18.73
C GLN F 28 30.91 -34.59 20.08
N GLY F 29 30.59 -35.89 20.09
CA GLY F 29 30.39 -36.65 21.35
C GLY F 29 29.27 -36.08 22.20
N ILE F 30 28.23 -35.51 21.56
CA ILE F 30 27.02 -34.88 22.16
C ILE F 30 25.77 -35.59 21.63
N PHE F 31 24.83 -35.91 22.51
CA PHE F 31 23.50 -36.43 22.13
C PHE F 31 22.46 -35.34 22.43
N VAL F 32 21.66 -34.99 21.43
CA VAL F 32 20.61 -33.92 21.56
C VAL F 32 19.23 -34.57 21.62
N GLU F 33 18.50 -34.35 22.71
CA GLU F 33 17.12 -34.90 22.88
C GLU F 33 16.18 -34.22 21.88
N LYS F 34 16.28 -32.89 21.74
CA LYS F 34 15.31 -32.08 20.92
C LYS F 34 15.49 -32.45 19.45
N TYR F 35 14.41 -32.51 18.68
CA TYR F 35 14.39 -32.88 17.23
C TYR F 35 14.23 -31.63 16.36
N ASP F 36 15.25 -31.32 15.57
CA ASP F 36 15.29 -30.26 14.53
C ASP F 36 15.53 -30.93 13.18
N PRO F 37 14.56 -30.93 12.25
CA PRO F 37 14.75 -31.54 10.94
C PRO F 37 16.01 -31.01 10.26
N THR F 38 16.62 -31.83 9.41
CA THR F 38 17.86 -31.52 8.67
C THR F 38 17.52 -31.15 7.23
N ILE F 39 17.85 -29.93 6.80
CA ILE F 39 17.75 -29.51 5.37
C ILE F 39 18.91 -30.21 4.65
N GLU F 40 20.13 -29.90 5.06
CA GLU F 40 21.37 -30.60 4.60
C GLU F 40 22.48 -30.26 5.61
N ASP F 41 23.39 -31.19 5.92
CA ASP F 41 24.55 -30.85 6.78
C ASP F 41 25.77 -31.65 6.34
N SER F 42 26.94 -31.00 6.43
CA SER F 42 28.25 -31.63 6.19
C SER F 42 29.10 -31.54 7.47
N TYR F 43 29.64 -32.67 7.93
CA TYR F 43 30.58 -32.75 9.06
C TYR F 43 31.91 -33.33 8.57
N ARG F 44 33.02 -32.75 9.06
CA ARG F 44 34.39 -33.24 8.78
C ARG F 44 35.01 -33.62 10.12
N LYS F 45 35.53 -34.84 10.22
CA LYS F 45 36.25 -35.28 11.43
C LYS F 45 37.45 -36.14 11.04
N GLN F 46 38.57 -35.91 11.73
CA GLN F 46 39.81 -36.73 11.61
C GLN F 46 39.75 -37.85 12.63
N VAL F 47 39.96 -39.09 12.17
CA VAL F 47 40.05 -40.29 13.05
C VAL F 47 41.20 -41.17 12.57
N GLU F 48 41.61 -42.08 13.47
CA GLU F 48 42.63 -43.13 13.23
C GLU F 48 41.88 -44.46 13.08
N VAL F 49 41.94 -45.04 11.88
CA VAL F 49 41.33 -46.36 11.57
C VAL F 49 42.42 -47.24 10.98
N ASP F 50 42.63 -48.42 11.59
CA ASP F 50 43.70 -49.38 11.23
C ASP F 50 45.03 -48.62 11.22
N ALA F 51 45.30 -47.89 12.31
CA ALA F 51 46.56 -47.17 12.61
C ALA F 51 46.90 -46.16 11.50
N GLN F 52 45.91 -45.70 10.75
CA GLN F 52 46.09 -44.72 9.65
C GLN F 52 45.19 -43.51 9.91
N GLN F 53 45.69 -42.31 9.64
CA GLN F 53 44.93 -41.04 9.81
C GLN F 53 44.01 -40.92 8.60
N CYS F 54 42.70 -40.80 8.86
CA CYS F 54 41.65 -40.67 7.81
C CYS F 54 40.88 -39.36 8.01
N MET F 55 40.62 -38.66 6.90
CA MET F 55 39.70 -37.50 6.87
C MET F 55 38.31 -37.98 6.43
N LEU F 56 37.35 -37.97 7.36
CA LEU F 56 35.94 -38.32 7.04
C LEU F 56 35.15 -37.04 6.74
N GLU F 57 34.54 -36.99 5.55
CA GLU F 57 33.47 -36.03 5.19
C GLU F 57 32.13 -36.78 5.28
N ILE F 58 31.31 -36.45 6.27
CA ILE F 58 29.98 -37.08 6.51
C ILE F 58 28.87 -36.11 6.05
N LEU F 59 28.04 -36.56 5.11
CA LEU F 59 26.81 -35.86 4.68
C LEU F 59 25.64 -36.38 5.52
N ASP F 60 24.98 -35.48 6.26
CA ASP F 60 23.72 -35.76 7.00
C ASP F 60 22.55 -35.32 6.10
N THR F 61 21.74 -36.25 5.60
CA THR F 61 20.62 -35.93 4.67
C THR F 61 19.33 -35.64 5.45
N ALA F 62 18.27 -35.21 4.76
CA ALA F 62 16.91 -35.05 5.31
C ALA F 62 16.06 -36.30 5.01
N GLY F 63 15.52 -36.96 6.05
CA GLY F 63 14.57 -38.08 5.91
C GLY F 63 13.24 -37.61 5.31
N THR F 64 12.82 -36.42 5.73
CA THR F 64 11.52 -35.80 5.45
C THR F 64 11.39 -35.27 4.02
N GLU F 65 12.41 -34.62 3.47
CA GLU F 65 12.30 -34.06 2.10
C GLU F 65 12.83 -35.09 1.08
N GLN F 66 12.34 -35.06 -0.15
CA GLN F 66 12.80 -35.95 -1.25
C GLN F 66 13.15 -35.10 -2.49
N PHE F 67 14.41 -34.72 -2.66
CA PHE F 67 14.87 -34.02 -3.90
C PHE F 67 15.68 -35.01 -4.74
N THR F 68 15.09 -35.58 -5.78
CA THR F 68 15.64 -36.75 -6.53
C THR F 68 16.95 -36.34 -7.18
N ALA F 69 17.03 -35.18 -7.79
CA ALA F 69 18.27 -34.71 -8.45
C ALA F 69 19.36 -34.58 -7.38
N MET F 70 19.04 -34.03 -6.21
CA MET F 70 20.03 -33.85 -5.12
C MET F 70 20.36 -35.22 -4.55
N ARG F 71 19.36 -36.04 -4.28
CA ARG F 71 19.53 -37.39 -3.68
C ARG F 71 20.43 -38.26 -4.56
N ASP F 72 20.23 -38.23 -5.88
CA ASP F 72 21.10 -38.91 -6.88
C ASP F 72 22.51 -38.31 -6.81
N LEU F 73 22.65 -37.00 -6.66
CA LEU F 73 23.98 -36.32 -6.56
C LEU F 73 24.72 -36.73 -5.29
N TYR F 74 24.05 -36.83 -4.14
CA TYR F 74 24.62 -37.41 -2.89
C TYR F 74 25.14 -38.83 -3.17
N MET F 75 24.30 -39.60 -3.87
CA MET F 75 24.57 -41.03 -4.18
C MET F 75 25.74 -41.15 -5.14
N LYS F 76 25.85 -40.27 -6.13
CA LYS F 76 26.93 -40.31 -7.16
C LYS F 76 28.27 -40.00 -6.48
N ASN F 77 28.29 -39.02 -5.57
CA ASN F 77 29.51 -38.47 -4.91
C ASN F 77 29.95 -39.36 -3.74
N GLY F 78 29.00 -39.98 -3.03
CA GLY F 78 29.28 -40.74 -1.81
C GLY F 78 30.12 -41.98 -2.08
N GLN F 79 31.18 -42.18 -1.32
CA GLN F 79 32.05 -43.38 -1.42
C GLN F 79 31.40 -44.51 -0.62
N GLY F 80 30.80 -44.19 0.52
CA GLY F 80 30.16 -45.17 1.42
C GLY F 80 28.88 -44.63 2.03
N PHE F 81 27.91 -45.51 2.31
CA PHE F 81 26.52 -45.13 2.70
C PHE F 81 26.14 -45.89 3.97
N ALA F 82 25.59 -45.19 4.96
CA ALA F 82 24.96 -45.79 6.16
C ALA F 82 23.45 -45.60 6.05
N LEU F 83 22.68 -46.70 5.92
CA LEU F 83 21.20 -46.68 5.83
C LEU F 83 20.64 -46.94 7.24
N VAL F 84 20.03 -45.93 7.84
CA VAL F 84 19.62 -45.95 9.27
C VAL F 84 18.11 -46.15 9.30
N TYR F 85 17.67 -47.02 10.19
CA TYR F 85 16.24 -47.26 10.52
C TYR F 85 16.11 -47.20 12.04
N SER F 86 14.89 -46.92 12.51
CA SER F 86 14.50 -46.96 13.94
C SER F 86 13.91 -48.35 14.24
N ILE F 87 14.41 -49.01 15.30
CA ILE F 87 13.82 -50.29 15.79
C ILE F 87 12.38 -50.01 16.26
N THR F 88 12.11 -48.79 16.76
CA THR F 88 10.80 -48.41 17.35
C THR F 88 9.76 -48.20 16.24
N ALA F 89 10.16 -47.74 15.05
CA ALA F 89 9.23 -47.33 13.96
C ALA F 89 9.34 -48.26 12.75
N GLN F 90 8.32 -49.09 12.51
CA GLN F 90 8.33 -50.13 11.44
C GLN F 90 8.48 -49.43 10.08
N SER F 91 7.82 -48.29 9.87
CA SER F 91 7.77 -47.56 8.57
C SER F 91 9.18 -47.30 8.04
N THR F 92 10.09 -46.86 8.92
CA THR F 92 11.50 -46.47 8.60
C THR F 92 12.28 -47.69 8.09
N PHE F 93 12.05 -48.88 8.67
CA PHE F 93 12.65 -50.15 8.23
C PHE F 93 12.19 -50.51 6.81
N ASN F 94 10.88 -50.38 6.56
CA ASN F 94 10.23 -50.72 5.25
C ASN F 94 10.83 -49.88 4.13
N ASP F 95 11.14 -48.59 4.40
CA ASP F 95 11.54 -47.58 3.39
C ASP F 95 12.92 -47.88 2.80
N LEU F 96 13.78 -48.57 3.57
CA LEU F 96 15.22 -48.76 3.25
C LEU F 96 15.40 -49.60 1.98
N GLN F 97 14.51 -50.56 1.70
CA GLN F 97 14.69 -51.49 0.55
C GLN F 97 14.85 -50.68 -0.74
N ASP F 98 13.99 -49.67 -0.94
CA ASP F 98 13.94 -48.84 -2.18
C ASP F 98 15.24 -48.02 -2.31
N LEU F 99 15.75 -47.49 -1.19
CA LEU F 99 16.97 -46.65 -1.09
C LEU F 99 18.16 -47.47 -1.59
N ARG F 100 18.29 -48.72 -1.14
CA ARG F 100 19.41 -49.61 -1.53
C ARG F 100 19.46 -49.74 -3.07
N GLU F 101 18.31 -49.97 -3.72
CA GLU F 101 18.23 -50.25 -5.18
C GLU F 101 18.59 -48.97 -5.94
N GLN F 102 18.21 -47.82 -5.37
CA GLN F 102 18.46 -46.48 -5.96
C GLN F 102 19.98 -46.24 -5.95
N ILE F 103 20.67 -46.55 -4.84
CA ILE F 103 22.16 -46.39 -4.69
C ILE F 103 22.85 -47.22 -5.77
N LEU F 104 22.47 -48.50 -5.90
CA LEU F 104 23.05 -49.46 -6.88
C LEU F 104 22.79 -48.95 -8.32
N ARG F 105 21.61 -48.41 -8.59
CA ARG F 105 21.23 -47.89 -9.93
C ARG F 105 22.13 -46.71 -10.30
N VAL F 106 22.29 -45.75 -9.39
CA VAL F 106 23.07 -44.50 -9.61
C VAL F 106 24.54 -44.88 -9.75
N LYS F 107 25.05 -45.72 -8.85
CA LYS F 107 26.48 -46.17 -8.83
C LYS F 107 26.78 -47.02 -10.07
N ASP F 108 25.77 -47.76 -10.56
CA ASP F 108 25.84 -48.66 -11.75
C ASP F 108 26.81 -49.80 -11.47
N THR F 109 26.88 -50.24 -10.21
CA THR F 109 27.70 -51.40 -9.74
C THR F 109 26.96 -52.13 -8.61
N ASP F 110 27.10 -53.44 -8.56
CA ASP F 110 26.38 -54.29 -7.58
C ASP F 110 27.02 -54.13 -6.19
N ASP F 111 28.31 -53.77 -6.11
CA ASP F 111 29.02 -53.62 -4.81
C ASP F 111 29.29 -52.13 -4.56
N VAL F 112 28.75 -51.61 -3.45
CA VAL F 112 29.02 -50.23 -2.93
C VAL F 112 29.16 -50.34 -1.41
N PRO F 113 30.22 -49.74 -0.81
CA PRO F 113 30.43 -49.82 0.64
C PRO F 113 29.18 -49.30 1.36
N MET F 114 28.65 -50.09 2.28
CA MET F 114 27.30 -49.85 2.85
C MET F 114 27.19 -50.54 4.21
N ILE F 115 26.39 -49.99 5.11
CA ILE F 115 26.06 -50.63 6.42
C ILE F 115 24.58 -50.39 6.73
N LEU F 116 23.89 -51.42 7.21
CA LEU F 116 22.48 -51.33 7.69
C LEU F 116 22.51 -51.06 9.20
N VAL F 117 21.89 -49.96 9.63
CA VAL F 117 21.97 -49.50 11.04
C VAL F 117 20.55 -49.51 11.62
N GLY F 118 20.35 -50.28 12.69
CA GLY F 118 19.14 -50.24 13.52
C GLY F 118 19.34 -49.33 14.71
N ASN F 119 18.88 -48.08 14.65
CA ASN F 119 19.12 -47.08 15.71
C ASN F 119 18.01 -47.16 16.77
N LYS F 120 18.24 -46.50 17.91
CA LYS F 120 17.32 -46.40 19.08
C LYS F 120 17.23 -47.76 19.76
N CYS F 121 18.33 -48.53 19.76
CA CYS F 121 18.44 -49.89 20.36
C CYS F 121 18.34 -49.80 21.89
N ASP F 122 18.57 -48.62 22.49
CA ASP F 122 18.40 -48.39 23.96
C ASP F 122 16.93 -48.54 24.36
N LEU F 123 15.98 -48.13 23.50
CA LEU F 123 14.50 -48.16 23.77
C LEU F 123 13.93 -49.55 23.42
N GLU F 124 14.28 -50.57 24.22
CA GLU F 124 13.85 -51.98 23.98
C GLU F 124 12.34 -52.09 24.18
N ASP F 125 11.78 -51.37 25.15
CA ASP F 125 10.33 -51.38 25.49
C ASP F 125 9.49 -50.97 24.27
N GLU F 126 9.97 -49.99 23.50
CA GLU F 126 9.25 -49.42 22.31
C GLU F 126 9.57 -50.23 21.06
N ARG F 127 10.52 -51.17 21.12
CA ARG F 127 11.01 -51.93 19.93
C ARG F 127 9.82 -52.56 19.19
N VAL F 128 9.77 -52.37 17.89
CA VAL F 128 8.77 -52.98 16.95
C VAL F 128 9.50 -53.81 15.89
N VAL F 129 10.82 -53.70 15.77
CA VAL F 129 11.61 -54.42 14.72
C VAL F 129 12.64 -55.32 15.41
N GLY F 130 12.66 -56.60 15.05
CA GLY F 130 13.59 -57.60 15.60
C GLY F 130 14.96 -57.48 14.97
N LYS F 131 16.00 -57.83 15.73
CA LYS F 131 17.40 -57.83 15.25
C LYS F 131 17.50 -58.80 14.06
N GLU F 132 16.83 -59.96 14.16
CA GLU F 132 16.83 -61.03 13.12
C GLU F 132 16.26 -60.48 11.81
N GLN F 133 15.29 -59.57 11.88
CA GLN F 133 14.64 -58.93 10.71
C GLN F 133 15.69 -58.11 9.95
N GLY F 134 16.44 -57.29 10.68
CA GLY F 134 17.58 -56.52 10.16
C GLY F 134 18.64 -57.43 9.53
N GLN F 135 19.09 -58.44 10.27
CA GLN F 135 20.13 -59.42 9.81
C GLN F 135 19.62 -60.15 8.57
N ASN F 136 18.33 -60.56 8.56
CA ASN F 136 17.70 -61.26 7.42
C ASN F 136 17.77 -60.34 6.19
N LEU F 137 17.39 -59.07 6.35
CA LEU F 137 17.42 -58.04 5.27
C LEU F 137 18.87 -57.84 4.79
N ALA F 138 19.80 -57.67 5.72
CA ALA F 138 21.25 -57.50 5.45
C ALA F 138 21.78 -58.66 4.59
N ARG F 139 21.42 -59.91 4.95
CA ARG F 139 21.80 -61.13 4.18
C ARG F 139 21.25 -61.02 2.75
N GLN F 140 20.00 -60.57 2.60
CA GLN F 140 19.34 -60.39 1.27
C GLN F 140 20.20 -59.45 0.41
N TRP F 141 20.78 -58.43 1.04
CA TRP F 141 21.57 -57.35 0.38
C TRP F 141 23.02 -57.81 0.19
N ASN F 142 23.23 -59.01 -0.36
CA ASN F 142 24.59 -59.50 -0.69
C ASN F 142 25.44 -59.56 0.59
N ASN F 143 24.83 -60.01 1.70
CA ASN F 143 25.48 -60.15 3.04
C ASN F 143 26.10 -58.81 3.48
N CYS F 144 25.34 -57.72 3.33
CA CYS F 144 25.68 -56.34 3.77
C CYS F 144 25.92 -56.31 5.30
N ALA F 145 26.83 -55.46 5.77
CA ALA F 145 27.13 -55.26 7.21
C ALA F 145 25.88 -54.76 7.93
N PHE F 146 25.65 -55.22 9.16
CA PHE F 146 24.46 -54.88 9.97
C PHE F 146 24.89 -54.54 11.41
N LEU F 147 24.26 -53.52 12.00
CA LEU F 147 24.55 -53.05 13.37
C LEU F 147 23.25 -52.55 14.02
N GLU F 148 23.11 -52.78 15.33
CA GLU F 148 22.11 -52.11 16.18
C GLU F 148 22.86 -51.09 17.04
N SER F 149 22.39 -49.84 17.05
CA SER F 149 23.12 -48.70 17.64
C SER F 149 22.16 -47.75 18.36
N SER F 150 22.66 -47.04 19.37
CA SER F 150 21.94 -46.00 20.13
C SER F 150 22.85 -44.78 20.22
N ALA F 151 22.46 -43.67 19.61
CA ALA F 151 23.18 -42.37 19.71
C ALA F 151 23.15 -41.92 21.16
N LYS F 152 22.03 -42.14 21.86
CA LYS F 152 21.81 -41.66 23.26
C LYS F 152 22.77 -42.38 24.22
N SER F 153 22.89 -43.71 24.09
CA SER F 153 23.65 -44.60 25.00
C SER F 153 25.07 -44.86 24.47
N LYS F 154 25.45 -44.21 23.36
CA LYS F 154 26.79 -44.31 22.71
C LYS F 154 27.14 -45.78 22.40
N ILE F 155 26.23 -46.53 21.80
CA ILE F 155 26.43 -47.95 21.40
C ILE F 155 26.62 -47.99 19.87
N ASN F 156 27.81 -48.40 19.44
CA ASN F 156 28.13 -48.80 18.04
C ASN F 156 28.17 -47.58 17.12
N VAL F 157 28.26 -46.37 17.68
CA VAL F 157 28.30 -45.10 16.91
C VAL F 157 29.62 -45.04 16.12
N ASN F 158 30.76 -45.24 16.79
CA ASN F 158 32.10 -45.18 16.14
C ASN F 158 32.23 -46.30 15.09
N GLU F 159 31.70 -47.49 15.39
CA GLU F 159 31.85 -48.70 14.54
C GLU F 159 31.24 -48.44 13.15
N ILE F 160 30.12 -47.71 13.09
CA ILE F 160 29.36 -47.43 11.83
C ILE F 160 30.31 -46.79 10.82
N PHE F 161 30.99 -45.72 11.22
CA PHE F 161 31.85 -44.91 10.31
C PHE F 161 33.17 -45.66 10.09
N TYR F 162 33.73 -46.28 11.14
CA TYR F 162 34.98 -47.08 11.03
C TYR F 162 34.78 -48.17 9.97
N ASP F 163 33.63 -48.87 10.03
CA ASP F 163 33.31 -50.01 9.13
C ASP F 163 33.27 -49.54 7.69
N LEU F 164 32.66 -48.37 7.44
CA LEU F 164 32.54 -47.78 6.10
C LEU F 164 33.94 -47.52 5.52
N VAL F 165 34.85 -46.98 6.33
CA VAL F 165 36.26 -46.68 5.94
C VAL F 165 36.97 -47.99 5.59
N ARG F 166 36.85 -49.01 6.44
CA ARG F 166 37.43 -50.35 6.19
C ARG F 166 36.97 -50.85 4.80
N GLN F 167 35.68 -50.76 4.50
CA GLN F 167 35.08 -51.33 3.26
C GLN F 167 35.63 -50.56 2.06
N ILE F 168 35.77 -49.23 2.17
CA ILE F 168 36.27 -48.37 1.07
C ILE F 168 37.73 -48.74 0.79
N ASN F 169 38.49 -49.03 1.85
CA ASN F 169 39.94 -49.34 1.77
C ASN F 169 40.14 -50.64 1.01
N ARG F 170 39.36 -51.67 1.34
CA ARG F 170 39.32 -52.98 0.62
C ARG F 170 38.91 -52.77 -0.85
PG GNP G . 5.44 22.81 -15.50
O1G GNP G . 4.94 21.41 -15.84
O2G GNP G . 5.50 23.56 -16.81
O3G GNP G . 4.45 23.44 -14.54
N3B GNP G . 6.89 22.78 -14.75
PB GNP G . 7.31 23.82 -13.57
O1B GNP G . 8.02 24.99 -14.16
O2B GNP G . 6.10 24.08 -12.71
O3A GNP G . 8.26 23.10 -12.50
PA GNP G . 7.94 22.96 -10.93
O1A GNP G . 6.66 22.19 -10.83
O2A GNP G . 8.02 24.31 -10.32
O5' GNP G . 9.14 22.09 -10.34
C5' GNP G . 9.82 21.05 -11.11
C4' GNP G . 10.76 20.35 -10.18
O4' GNP G . 11.94 21.18 -10.00
C3' GNP G . 10.18 20.09 -8.77
O3' GNP G . 10.49 18.80 -8.26
C2' GNP G . 10.81 21.20 -7.92
O2' GNP G . 10.94 20.82 -6.57
C1' GNP G . 12.16 21.42 -8.63
N9 GNP G . 12.69 22.77 -8.44
C8 GNP G . 12.12 23.94 -8.90
N7 GNP G . 12.78 25.01 -8.56
C5 GNP G . 13.85 24.54 -7.82
C6 GNP G . 14.91 25.25 -7.20
O6 GNP G . 15.06 26.48 -7.13
N1 GNP G . 15.80 24.38 -6.55
C2 GNP G . 15.69 23.02 -6.52
N2 GNP G . 16.64 22.33 -5.86
N3 GNP G . 14.70 22.34 -7.11
C4 GNP G . 13.82 23.16 -7.74
MG MG H . 3.91 24.68 -12.78
PG GNP I . -35.84 12.85 -13.22
O1G GNP I . -34.65 11.90 -13.33
O2G GNP I . -36.81 12.48 -12.11
O3G GNP I . -35.21 14.21 -12.96
N3B GNP I . -36.64 13.04 -14.64
PB GNP I . -37.37 14.42 -15.17
O1B GNP I . -38.74 14.43 -14.58
O2B GNP I . -36.48 15.60 -14.90
O3A GNP I . -37.43 14.34 -16.80
PA GNP I . -36.43 15.15 -17.75
O1A GNP I . -34.99 14.93 -17.42
O2A GNP I . -36.92 16.55 -17.61
O5' GNP I . -36.66 14.64 -19.27
C5' GNP I . -36.60 13.23 -19.55
C4' GNP I . -36.36 13.03 -21.03
O4' GNP I . -37.62 13.21 -21.73
C3' GNP I . -35.36 13.95 -21.72
O3' GNP I . -34.59 13.19 -22.64
C2' GNP I . -36.22 14.98 -22.48
O2' GNP I . -35.75 15.32 -23.76
C1' GNP I . -37.54 14.25 -22.68
N9 GNP I . -38.71 15.11 -22.49
C8 GNP I . -39.14 15.69 -21.32
N7 GNP I . -40.24 16.38 -21.45
C5 GNP I . -40.59 16.21 -22.78
C6 GNP I . -41.71 16.71 -23.50
O6 GNP I . -42.63 17.41 -23.08
N1 GNP I . -41.69 16.29 -24.83
C2 GNP I . -40.72 15.51 -25.40
N2 GNP I . -40.85 15.20 -26.70
N3 GNP I . -39.66 15.04 -24.72
C4 GNP I . -39.67 15.43 -23.43
MG MG J . -34.85 16.10 -13.81
PG GNP K . 19.56 5.37 19.60
O1G GNP K . 18.16 4.82 19.68
O2G GNP K . 20.18 5.01 20.93
O3G GNP K . 20.29 4.64 18.50
N3B GNP K . 19.56 6.98 19.29
PB GNP K . 20.48 7.69 18.15
O1B GNP K . 21.54 8.56 18.73
O2B GNP K . 20.88 6.59 17.22
O3A GNP K . 19.71 8.67 17.15
PA GNP K . 19.92 8.56 15.57
O1A GNP K . 19.41 7.24 15.09
O2A GNP K . 21.35 8.88 15.29
O5' GNP K . 19.03 9.76 14.96
C5' GNP K . 17.73 10.13 15.50
C4' GNP K . 17.10 11.13 14.58
O4' GNP K . 17.82 12.39 14.71
C3' GNP K . 17.16 10.76 13.09
O3' GNP K . 15.90 10.94 12.45
C2' GNP K . 18.23 11.69 12.50
O2' GNP K . 17.92 12.05 11.17
C1' GNP K . 18.18 12.89 13.45
N9 GNP K . 19.46 13.60 13.57
C8 GNP K . 20.55 13.12 14.24
N7 GNP K . 21.57 13.95 14.23
C5 GNP K . 21.11 15.05 13.52
C6 GNP K . 21.77 16.26 13.20
O6 GNP K . 22.93 16.58 13.50
N1 GNP K . 20.94 17.12 12.48
C2 GNP K . 19.65 16.85 12.11
N2 GNP K . 19.01 17.81 11.42
N3 GNP K . 19.02 15.72 12.41
C4 GNP K . 19.81 14.86 13.11
MG MG L . 21.71 4.53 17.01
PG GNP M . 15.66 -35.87 9.88
O1G GNP M . 14.42 -35.18 10.39
O2G GNP M . 15.61 -36.06 8.36
O3G GNP M . 16.87 -35.01 10.22
N3B GNP M . 15.95 -37.28 10.64
PB GNP M . 17.11 -37.47 11.77
O1B GNP M . 17.75 -38.80 11.60
O2B GNP M . 17.98 -36.23 11.77
O3A GNP M . 16.50 -37.48 13.25
PA GNP M . 17.32 -36.99 14.53
O1A GNP M . 17.28 -35.50 14.70
O2A GNP M . 18.68 -37.57 14.30
O5' GNP M . 16.57 -37.72 15.74
C5' GNP M . 15.29 -37.14 16.09
C4' GNP M . 14.91 -37.51 17.50
O4' GNP M . 15.34 -38.87 17.75
C3' GNP M . 15.54 -36.65 18.60
O3' GNP M . 14.55 -36.33 19.57
C2' GNP M . 16.63 -37.55 19.20
O2' GNP M . 16.82 -37.35 20.59
C1' GNP M . 16.05 -38.93 18.97
N9 GNP M . 17.03 -40.00 18.85
C8 GNP M . 17.90 -40.20 17.80
N7 GNP M . 18.66 -41.27 17.95
C5 GNP M . 18.26 -41.78 19.18
C6 GNP M . 18.73 -42.92 19.87
O6 GNP M . 19.60 -43.71 19.51
N1 GNP M . 18.05 -43.09 21.09
C2 GNP M . 17.06 -42.27 21.58
N2 GNP M . 16.51 -42.57 22.76
N3 GNP M . 16.63 -41.20 20.92
C4 GNP M . 17.27 -41.02 19.74
MG MG N . 18.72 -34.40 11.42
#